data_5NIJ
#
_entry.id   5NIJ
#
_cell.length_a   147.830
_cell.length_b   147.830
_cell.length_c   101.600
_cell.angle_alpha   90.00
_cell.angle_beta   90.00
_cell.angle_gamma   90.00
#
_symmetry.space_group_name_H-M   'P 41'
#
loop_
_entity.id
_entity.type
_entity.pdbx_description
1 polymer 'Vacuolar-processing enzyme gamma-isozyme'
2 non-polymer 'SULFATE ION'
3 non-polymer 'CITRIC ACID'
4 water water
#
_entity_poly.entity_id   1
_entity_poly.type   'polypeptide(L)'
_entity_poly.pdbx_seq_one_letter_code
;SLEHHHHHHENLYFQSGTRWAVLVAGSSGYWNYRHQADICHAYQLLRKGGLKEENIVVFMYDDIANNYENPRPGTIINSP
HGKDVYQGVPKDYTGDDVNVDNLFAVILGDKTAVKGGSGKVVDSGPNDHIFIFYS(SNN)HGGPGVLGMPTSPYLYANDL
NDVLKKKHALGTYKSLVFYLEA(SCH)ESGSIFEGLLPEGLNIYATTASNAEESSWGTYCPGEEPSPPPEYETCLGDLYS
VAWMEDSGMHNLQTETLHQQYELVKRRTAPVGYSYGSHVMQYGDVGISKDNLDLYMGTNPANDNFTFADANSLKPPSRVT
NQRDADLVHFWEKYRKAPEGSARKTEAQKQVLEAMSHRLHIDNSVILVGKILFGISRGPEVLNKVRSAGQPLVDDWNCLK
NQVRAFERHCGSLSQYGIKHMRSFANICNAGIQMEQMEEAASQACTTLPTGPWSSLNRGFSA
;
_entity_poly.pdbx_strand_id   A,B,C,D
#
# COMPACT_ATOMS: atom_id res chain seq x y z
N SER A 16 -29.50 38.47 8.27
CA SER A 16 -28.10 38.08 8.03
C SER A 16 -27.16 38.80 8.98
N GLY A 17 -26.70 38.09 10.00
CA GLY A 17 -25.78 38.65 10.97
C GLY A 17 -24.34 38.65 10.49
N THR A 18 -23.40 38.75 11.43
CA THR A 18 -21.98 38.76 11.10
C THR A 18 -21.36 37.40 11.36
N ARG A 19 -20.27 37.09 10.64
CA ARG A 19 -19.65 35.78 10.72
C ARG A 19 -18.41 35.77 11.63
N TRP A 20 -18.43 34.91 12.63
CA TRP A 20 -17.35 34.81 13.60
C TRP A 20 -16.50 33.57 13.35
N ALA A 21 -15.36 33.49 14.02
CA ALA A 21 -14.48 32.34 13.89
C ALA A 21 -13.53 32.20 15.09
N VAL A 22 -13.23 30.95 15.45
CA VAL A 22 -12.28 30.67 16.51
C VAL A 22 -11.29 29.60 16.04
N LEU A 23 -10.02 29.97 15.97
CA LEU A 23 -8.99 29.07 15.45
C LEU A 23 -8.02 28.68 16.56
N VAL A 24 -7.86 27.37 16.76
CA VAL A 24 -7.09 26.88 17.90
C VAL A 24 -6.06 25.82 17.53
N ALA A 25 -4.80 26.12 17.82
CA ALA A 25 -3.73 25.13 17.78
C ALA A 25 -3.37 24.72 19.20
N GLY A 26 -3.57 23.45 19.53
CA GLY A 26 -3.40 23.01 20.90
C GLY A 26 -2.01 22.47 21.22
N SER A 27 -1.03 22.84 20.42
CA SER A 27 0.31 22.28 20.56
C SER A 27 1.41 23.32 20.41
N SER A 28 2.59 22.97 20.89
CA SER A 28 3.77 23.82 20.77
C SER A 28 4.99 22.98 20.38
N GLY A 29 6.07 23.64 20.01
CA GLY A 29 7.27 22.95 19.59
C GLY A 29 7.36 22.86 18.07
N TYR A 30 8.58 22.93 17.55
CA TYR A 30 8.81 22.92 16.10
C TYR A 30 8.34 21.60 15.46
N TRP A 31 8.39 20.52 16.23
CA TRP A 31 7.93 19.22 15.75
C TRP A 31 6.42 19.25 15.47
N ASN A 32 5.73 20.21 16.08
CA ASN A 32 4.32 20.42 15.83
C ASN A 32 4.09 21.65 14.95
N TYR A 33 5.03 21.88 14.04
CA TYR A 33 4.94 22.97 13.07
C TYR A 33 3.59 22.99 12.37
N ARG A 34 3.13 21.81 11.99
CA ARG A 34 1.93 21.64 11.17
C ARG A 34 0.66 22.22 11.79
N HIS A 35 0.53 22.13 13.10
CA HIS A 35 -0.70 22.53 13.78
C HIS A 35 -0.92 24.04 13.73
N GLN A 36 0.12 24.82 14.03
CA GLN A 36 0.00 26.27 13.98
C GLN A 36 -0.02 26.74 12.54
N ALA A 37 0.58 25.94 11.66
CA ALA A 37 0.54 26.22 10.23
C ALA A 37 -0.88 26.09 9.69
N ASP A 38 -1.62 25.11 10.22
CA ASP A 38 -3.01 24.90 9.83
C ASP A 38 -3.88 26.09 10.19
N ILE A 39 -3.70 26.60 11.41
CA ILE A 39 -4.50 27.71 11.92
C ILE A 39 -4.24 28.99 11.13
N CYS A 40 -2.97 29.24 10.81
CA CYS A 40 -2.61 30.41 10.02
C CYS A 40 -3.24 30.36 8.64
N HIS A 41 -3.13 29.20 7.99
CA HIS A 41 -3.74 28.98 6.69
C HIS A 41 -5.24 29.24 6.78
N ALA A 42 -5.87 28.68 7.80
CA ALA A 42 -7.29 28.84 8.02
C ALA A 42 -7.66 30.31 8.18
N TYR A 43 -6.81 31.06 8.87
CA TYR A 43 -7.04 32.49 9.08
C TYR A 43 -7.04 33.24 7.76
N GLN A 44 -6.01 33.01 6.94
CA GLN A 44 -5.90 33.65 5.64
C GLN A 44 -7.09 33.27 4.76
N LEU A 45 -7.47 31.99 4.84
CA LEU A 45 -8.60 31.48 4.08
C LEU A 45 -9.88 32.25 4.40
N LEU A 46 -10.07 32.55 5.68
CA LEU A 46 -11.30 33.21 6.13
C LEU A 46 -11.30 34.71 5.81
N ARG A 47 -10.13 35.33 5.89
CA ARG A 47 -10.00 36.75 5.57
C ARG A 47 -10.29 37.00 4.10
N LYS A 48 -9.74 36.15 3.24
CA LYS A 48 -9.97 36.24 1.80
C LYS A 48 -11.44 36.00 1.45
N GLY A 49 -12.13 35.29 2.33
CA GLY A 49 -13.52 34.96 2.11
C GLY A 49 -14.45 36.13 2.39
N GLY A 50 -14.06 36.97 3.34
CA GLY A 50 -14.85 38.14 3.71
C GLY A 50 -14.87 38.42 5.20
N LEU A 51 -14.59 37.40 6.00
CA LEU A 51 -14.59 37.55 7.46
C LEU A 51 -13.56 38.60 7.89
N LYS A 52 -13.91 39.38 8.90
CA LYS A 52 -13.06 40.47 9.35
C LYS A 52 -12.17 40.05 10.51
N GLU A 53 -11.00 40.67 10.61
CA GLU A 53 -10.00 40.34 11.61
C GLU A 53 -10.55 40.43 13.04
N GLU A 54 -11.46 41.38 13.24
CA GLU A 54 -12.04 41.60 14.56
C GLU A 54 -13.01 40.49 14.95
N ASN A 55 -13.37 39.65 13.98
CA ASN A 55 -14.31 38.56 14.23
C ASN A 55 -13.65 37.19 14.21
N ILE A 56 -12.32 37.18 14.06
CA ILE A 56 -11.58 35.93 14.06
C ILE A 56 -10.60 35.88 15.23
N VAL A 57 -10.87 34.98 16.17
CA VAL A 57 -10.03 34.84 17.35
C VAL A 57 -9.03 33.71 17.18
N VAL A 58 -7.76 34.01 17.39
CA VAL A 58 -6.69 33.08 17.07
C VAL A 58 -5.90 32.63 18.29
N PHE A 59 -5.86 31.31 18.52
CA PHE A 59 -5.05 30.72 19.56
C PHE A 59 -3.85 29.98 18.96
N MET A 60 -2.66 30.53 19.16
CA MET A 60 -1.43 29.88 18.72
C MET A 60 -0.31 30.19 19.70
N TYR A 61 0.49 29.19 20.04
CA TYR A 61 1.58 29.39 20.99
C TYR A 61 2.61 30.37 20.42
N ASP A 62 2.68 30.42 19.09
CA ASP A 62 3.49 31.40 18.37
C ASP A 62 4.99 31.18 18.61
N ASP A 63 5.42 29.93 18.51
CA ASP A 63 6.82 29.58 18.69
C ASP A 63 7.36 28.89 17.44
N ILE A 64 6.77 29.20 16.30
CA ILE A 64 7.11 28.55 15.04
C ILE A 64 7.74 29.50 14.02
N ALA A 65 7.15 30.67 13.88
CA ALA A 65 7.60 31.64 12.89
C ALA A 65 9.04 32.05 13.13
N ASN A 66 9.37 32.31 14.39
CA ASN A 66 10.71 32.73 14.75
C ASN A 66 11.45 31.64 15.52
N ASN A 67 11.10 30.39 15.22
CA ASN A 67 11.79 29.26 15.81
C ASN A 67 13.19 29.14 15.22
N TYR A 68 14.13 28.72 16.04
CA TYR A 68 15.52 28.57 15.61
C TYR A 68 15.63 27.57 14.45
N GLU A 69 14.66 26.65 14.38
CA GLU A 69 14.71 25.58 13.38
C GLU A 69 14.04 25.98 12.06
N ASN A 70 13.32 27.09 12.07
CA ASN A 70 12.59 27.55 10.90
C ASN A 70 13.54 28.02 9.81
N PRO A 71 13.51 27.37 8.63
CA PRO A 71 14.40 27.77 7.53
C PRO A 71 14.07 29.14 6.97
N ARG A 72 12.83 29.59 7.16
CA ARG A 72 12.38 30.88 6.66
C ARG A 72 11.76 31.69 7.80
N PRO A 73 12.60 32.34 8.62
CA PRO A 73 12.16 33.09 9.80
C PRO A 73 11.07 34.11 9.48
N GLY A 74 10.08 34.21 10.37
CA GLY A 74 9.01 35.18 10.23
C GLY A 74 7.90 34.71 9.31
N THR A 75 8.03 33.49 8.79
CA THR A 75 7.01 32.93 7.91
C THR A 75 6.63 31.52 8.31
N ILE A 76 5.42 31.12 7.93
CA ILE A 76 4.94 29.75 8.12
C ILE A 76 4.19 29.33 6.86
N ILE A 77 4.46 28.13 6.38
CA ILE A 77 3.78 27.62 5.19
C ILE A 77 2.99 26.35 5.52
N ASN A 78 1.93 26.12 4.75
CA ASN A 78 1.04 24.99 5.01
C ASN A 78 1.01 24.01 3.83
N SER A 79 1.98 24.15 2.95
CA SER A 79 2.13 23.25 1.81
C SER A 79 3.52 23.42 1.19
N PRO A 80 4.03 22.38 0.51
CA PRO A 80 5.39 22.40 -0.05
C PRO A 80 5.70 23.65 -0.88
N HIS A 81 4.79 24.03 -1.77
CA HIS A 81 4.99 25.21 -2.61
C HIS A 81 4.14 26.38 -2.16
N GLY A 82 3.63 26.32 -0.93
CA GLY A 82 2.77 27.35 -0.41
C GLY A 82 3.49 28.65 -0.08
N LYS A 83 2.72 29.74 -0.04
CA LYS A 83 3.23 31.03 0.38
C LYS A 83 3.10 31.17 1.89
N ASP A 84 3.63 32.26 2.44
CA ASP A 84 3.51 32.51 3.87
C ASP A 84 2.07 32.77 4.27
N VAL A 85 1.70 32.30 5.44
CA VAL A 85 0.35 32.54 5.98
C VAL A 85 0.41 33.06 7.41
N TYR A 86 1.62 33.25 7.93
CA TYR A 86 1.80 33.71 9.30
C TYR A 86 1.63 35.21 9.44
N GLN A 87 2.13 35.96 8.46
CA GLN A 87 2.05 37.42 8.50
C GLN A 87 0.60 37.88 8.36
N GLY A 88 0.18 38.74 9.29
CA GLY A 88 -1.15 39.30 9.26
C GLY A 88 -2.07 38.69 10.29
N VAL A 89 -1.69 37.53 10.81
CA VAL A 89 -2.51 36.84 11.81
C VAL A 89 -2.44 37.58 13.14
N PRO A 90 -3.62 37.87 13.73
CA PRO A 90 -3.62 38.57 15.01
C PRO A 90 -3.10 37.67 16.12
N LYS A 91 -2.40 38.26 17.07
CA LYS A 91 -1.88 37.51 18.20
C LYS A 91 -2.79 37.72 19.39
N ASP A 92 -4.03 37.26 19.24
CA ASP A 92 -5.05 37.42 20.27
C ASP A 92 -4.66 36.69 21.54
N TYR A 93 -4.32 35.41 21.41
CA TYR A 93 -3.93 34.61 22.57
C TYR A 93 -2.74 33.74 22.21
N THR A 94 -1.58 34.08 22.78
CA THR A 94 -0.34 33.39 22.46
C THR A 94 0.44 33.06 23.72
N GLY A 95 1.43 32.18 23.57
CA GLY A 95 2.20 31.72 24.72
C GLY A 95 1.32 30.97 25.69
N ASP A 96 1.51 31.23 26.98
CA ASP A 96 0.77 30.53 28.02
C ASP A 96 -0.64 31.09 28.20
N ASP A 97 -0.99 32.09 27.41
CA ASP A 97 -2.35 32.60 27.40
C ASP A 97 -3.28 31.65 26.65
N VAL A 98 -2.69 30.73 25.90
CA VAL A 98 -3.45 29.71 25.21
C VAL A 98 -3.86 28.64 26.22
N ASN A 99 -4.98 28.87 26.89
CA ASN A 99 -5.46 27.96 27.91
C ASN A 99 -6.96 27.71 27.81
N VAL A 100 -7.44 26.74 28.58
CA VAL A 100 -8.84 26.35 28.54
C VAL A 100 -9.77 27.49 28.96
N ASP A 101 -9.38 28.19 30.03
CA ASP A 101 -10.20 29.28 30.57
C ASP A 101 -10.41 30.39 29.54
N ASN A 102 -9.34 30.79 28.87
CA ASN A 102 -9.45 31.81 27.83
C ASN A 102 -10.24 31.32 26.63
N LEU A 103 -10.09 30.04 26.30
CA LEU A 103 -10.82 29.45 25.19
C LEU A 103 -12.32 29.50 25.46
N PHE A 104 -12.73 29.08 26.65
CA PHE A 104 -14.13 29.11 27.03
C PHE A 104 -14.66 30.53 27.09
N ALA A 105 -13.85 31.43 27.62
CA ALA A 105 -14.21 32.83 27.74
C ALA A 105 -14.49 33.45 26.38
N VAL A 106 -13.63 33.13 25.42
CA VAL A 106 -13.78 33.64 24.06
C VAL A 106 -15.06 33.11 23.42
N ILE A 107 -15.30 31.82 23.56
CA ILE A 107 -16.49 31.19 23.00
C ILE A 107 -17.76 31.80 23.58
N LEU A 108 -17.80 31.90 24.91
CA LEU A 108 -18.97 32.43 25.62
C LEU A 108 -19.11 33.93 25.41
N GLY A 109 -18.03 34.55 24.93
CA GLY A 109 -18.06 35.97 24.68
C GLY A 109 -17.92 36.72 25.99
N ASP A 110 -17.14 36.19 26.92
CA ASP A 110 -16.98 36.90 28.18
C ASP A 110 -15.65 37.64 28.29
N LYS A 111 -15.74 38.97 28.31
CA LYS A 111 -14.55 39.79 28.38
C LYS A 111 -13.93 39.70 29.76
N THR A 112 -14.76 39.49 30.78
CA THR A 112 -14.28 39.46 32.16
C THR A 112 -13.58 38.14 32.48
N ALA A 113 -14.02 37.08 31.82
CA ALA A 113 -13.47 35.76 32.03
C ALA A 113 -12.10 35.61 31.37
N VAL A 114 -11.78 36.53 30.46
CA VAL A 114 -10.49 36.54 29.79
C VAL A 114 -9.39 36.89 30.78
N LYS A 115 -8.21 36.29 30.59
CA LYS A 115 -7.05 36.59 31.42
C LYS A 115 -5.80 36.64 30.55
N GLY A 116 -5.39 37.84 30.18
CA GLY A 116 -4.28 38.01 29.25
C GLY A 116 -4.82 38.12 27.84
N GLY A 117 -3.91 38.16 26.87
CA GLY A 117 -4.31 38.22 25.46
C GLY A 117 -4.86 39.57 25.02
N SER A 118 -5.37 39.63 23.80
CA SER A 118 -5.88 40.86 23.23
C SER A 118 -7.23 41.25 23.84
N GLY A 119 -7.91 40.28 24.45
CA GLY A 119 -9.21 40.51 25.03
C GLY A 119 -10.33 40.29 24.04
N LYS A 120 -9.98 39.95 22.81
CA LYS A 120 -10.96 39.69 21.77
C LYS A 120 -11.77 38.45 22.12
N VAL A 121 -13.10 38.56 22.01
CA VAL A 121 -14.00 37.44 22.29
C VAL A 121 -15.15 37.41 21.29
N VAL A 122 -15.95 36.35 21.36
CA VAL A 122 -17.10 36.19 20.48
C VAL A 122 -18.35 36.81 21.09
N ASP A 123 -18.48 38.13 20.98
CA ASP A 123 -19.69 38.81 21.42
C ASP A 123 -20.73 38.71 20.32
N SER A 124 -21.20 37.49 20.08
CA SER A 124 -22.08 37.21 18.95
C SER A 124 -23.54 37.51 19.25
N GLY A 125 -24.34 37.60 18.18
CA GLY A 125 -25.77 37.81 18.29
C GLY A 125 -26.53 36.61 17.77
N PRO A 126 -27.87 36.65 17.83
CA PRO A 126 -28.72 35.53 17.45
C PRO A 126 -28.70 35.22 15.95
N ASN A 127 -28.30 36.19 15.13
CA ASN A 127 -28.27 36.01 13.68
C ASN A 127 -26.88 35.65 13.16
N ASP A 128 -25.90 35.62 14.06
CA ASP A 128 -24.51 35.40 13.67
C ASP A 128 -24.17 33.93 13.44
N HIS A 129 -23.14 33.71 12.64
CA HIS A 129 -22.63 32.37 12.37
C HIS A 129 -21.23 32.19 12.95
N ILE A 130 -21.00 31.06 13.61
CA ILE A 130 -19.71 30.80 14.25
C ILE A 130 -19.04 29.57 13.63
N PHE A 131 -17.73 29.66 13.46
CA PHE A 131 -16.96 28.55 12.91
C PHE A 131 -15.75 28.29 13.78
N ILE A 132 -15.72 27.11 14.40
CA ILE A 132 -14.62 26.73 15.27
C ILE A 132 -13.76 25.66 14.61
N PHE A 133 -12.44 25.84 14.66
CA PHE A 133 -11.51 24.89 14.07
C PHE A 133 -10.33 24.62 15.00
N TYR A 134 -10.17 23.35 15.38
CA TYR A 134 -9.09 22.93 16.26
C TYR A 134 -8.16 21.96 15.56
N SER A 135 -6.85 22.13 15.79
CA SER A 135 -5.87 21.23 15.23
C SER A 135 -4.66 21.01 16.14
N HIS A 137 -2.99 17.96 19.02
CA HIS A 137 -2.95 16.58 19.50
C HIS A 137 -4.17 16.24 20.32
N GLY A 138 -4.44 14.96 20.47
CA GLY A 138 -5.57 14.52 21.26
C GLY A 138 -5.60 13.03 21.51
N GLY A 139 -6.48 12.62 22.40
CA GLY A 139 -6.73 11.22 22.68
C GLY A 139 -8.21 11.06 22.88
N PRO A 140 -8.65 9.84 23.23
CA PRO A 140 -10.07 9.59 23.51
C PRO A 140 -10.59 10.48 24.63
N GLY A 141 -11.50 11.39 24.28
CA GLY A 141 -12.16 12.23 25.26
C GLY A 141 -11.34 13.42 25.74
N VAL A 142 -10.24 13.71 25.04
CA VAL A 142 -9.36 14.81 25.45
C VAL A 142 -8.64 15.46 24.26
N LEU A 143 -8.54 16.77 24.29
CA LEU A 143 -7.78 17.52 23.30
C LEU A 143 -6.62 18.22 23.99
N GLY A 144 -5.46 18.23 23.34
CA GLY A 144 -4.27 18.80 23.94
C GLY A 144 -4.30 20.32 23.97
N MET A 145 -3.49 20.88 24.86
CA MET A 145 -3.28 22.33 24.93
C MET A 145 -1.80 22.58 25.21
N PRO A 146 -1.27 23.73 24.77
CA PRO A 146 0.13 24.04 25.06
C PRO A 146 0.34 24.35 26.53
N THR A 147 -0.74 24.53 27.27
CA THR A 147 -0.68 24.71 28.71
C THR A 147 -1.49 23.63 29.40
N SER A 148 -1.08 23.28 30.62
CA SER A 148 -1.83 22.30 31.40
C SER A 148 -2.75 23.03 32.37
N PRO A 149 -3.95 22.49 32.60
CA PRO A 149 -4.46 21.19 32.12
C PRO A 149 -4.98 21.21 30.69
N TYR A 150 -5.27 20.03 30.16
CA TYR A 150 -5.75 19.89 28.80
C TYR A 150 -7.26 20.10 28.70
N LEU A 151 -7.77 20.12 27.47
CA LEU A 151 -9.19 20.35 27.22
C LEU A 151 -9.94 19.03 27.13
N TYR A 152 -10.97 18.89 27.97
CA TYR A 152 -11.74 17.65 28.04
C TYR A 152 -13.12 17.79 27.40
N ALA A 153 -13.58 16.70 26.79
CA ALA A 153 -14.79 16.71 25.98
C ALA A 153 -16.01 17.23 26.73
N ASN A 154 -16.21 16.74 27.96
CA ASN A 154 -17.37 17.15 28.75
C ASN A 154 -17.38 18.66 28.95
N ASP A 155 -16.23 19.23 29.31
CA ASP A 155 -16.12 20.67 29.53
C ASP A 155 -16.41 21.43 28.24
N LEU A 156 -15.95 20.89 27.13
CA LEU A 156 -16.20 21.51 25.83
C LEU A 156 -17.68 21.55 25.50
N ASN A 157 -18.33 20.39 25.61
CA ASN A 157 -19.74 20.28 25.28
C ASN A 157 -20.63 21.06 26.24
N ASP A 158 -20.24 21.12 27.51
CA ASP A 158 -20.97 21.91 28.50
C ASP A 158 -20.97 23.38 28.12
N VAL A 159 -19.83 23.86 27.62
CA VAL A 159 -19.69 25.25 27.21
C VAL A 159 -20.52 25.52 25.96
N LEU A 160 -20.55 24.55 25.05
CA LEU A 160 -21.38 24.67 23.85
C LEU A 160 -22.84 24.70 24.25
N LYS A 161 -23.20 23.86 25.23
CA LYS A 161 -24.54 23.85 25.79
C LYS A 161 -24.82 25.20 26.47
N LYS A 162 -23.82 25.68 27.19
CA LYS A 162 -23.90 26.96 27.90
C LYS A 162 -23.97 28.12 26.92
N LYS A 163 -23.39 27.91 25.74
CA LYS A 163 -23.40 28.93 24.68
C LYS A 163 -24.75 28.99 23.99
N HIS A 164 -25.35 27.82 23.76
CA HIS A 164 -26.64 27.73 23.08
C HIS A 164 -27.77 28.30 23.93
N ALA A 165 -27.67 28.09 25.24
CA ALA A 165 -28.67 28.59 26.19
C ALA A 165 -28.78 30.11 26.09
N LEU A 166 -27.66 30.76 25.79
CA LEU A 166 -27.63 32.20 25.62
C LEU A 166 -28.32 32.60 24.30
N GLY A 167 -28.46 31.64 23.41
CA GLY A 167 -29.09 31.87 22.12
C GLY A 167 -28.36 32.92 21.31
N THR A 168 -27.06 33.01 21.53
CA THR A 168 -26.24 34.07 20.94
C THR A 168 -25.56 33.63 19.65
N TYR A 169 -26.25 32.78 18.89
CA TYR A 169 -25.81 32.38 17.56
C TYR A 169 -26.93 31.62 16.85
N LYS A 170 -26.98 31.74 15.53
CA LYS A 170 -27.98 31.02 14.76
C LYS A 170 -27.53 29.58 14.51
N SER A 171 -26.35 29.44 13.90
CA SER A 171 -25.78 28.13 13.64
C SER A 171 -24.28 28.13 13.89
N LEU A 172 -23.72 26.98 14.26
CA LEU A 172 -22.31 26.86 14.55
C LEU A 172 -21.70 25.62 13.93
N VAL A 173 -20.56 25.78 13.28
CA VAL A 173 -19.85 24.66 12.66
C VAL A 173 -18.55 24.39 13.41
N PHE A 174 -18.22 23.11 13.59
CA PHE A 174 -17.01 22.73 14.31
C PHE A 174 -16.20 21.72 13.51
N TYR A 175 -15.03 22.16 13.03
CA TYR A 175 -14.08 21.25 12.38
C TYR A 175 -13.01 20.84 13.38
N LEU A 176 -12.79 19.54 13.52
CA LEU A 176 -11.86 19.03 14.51
C LEU A 176 -10.78 18.13 13.91
N GLU A 177 -9.52 18.45 14.22
CA GLU A 177 -8.39 17.66 13.78
C GLU A 177 -7.62 17.11 14.98
N ALA A 178 -7.72 15.82 15.23
CA ALA A 178 -7.02 15.17 16.35
C ALA A 178 -7.13 13.66 16.29
N GLU A 180 -8.38 10.11 17.53
CA GLU A 180 -9.63 9.68 18.15
C GLU A 180 -10.61 10.85 18.29
N SER A 181 -10.71 11.65 17.24
CA SER A 181 -11.48 12.90 17.28
C SER A 181 -12.96 12.69 17.59
N GLY A 182 -13.54 11.61 17.07
CA GLY A 182 -14.95 11.33 17.26
C GLY A 182 -15.35 11.25 18.72
N SER A 183 -14.39 10.90 19.57
CA SER A 183 -14.64 10.72 21.00
C SER A 183 -15.03 12.02 21.69
N ILE A 184 -14.73 13.14 21.05
CA ILE A 184 -14.99 14.45 21.64
C ILE A 184 -16.48 14.77 21.62
N PHE A 185 -17.21 14.22 20.66
CA PHE A 185 -18.62 14.55 20.51
C PHE A 185 -19.55 13.34 20.73
N GLU A 186 -19.05 12.14 20.50
CA GLU A 186 -19.86 10.94 20.67
C GLU A 186 -20.32 10.74 22.10
N GLY A 187 -21.63 10.86 22.32
CA GLY A 187 -22.19 10.67 23.64
C GLY A 187 -22.33 11.96 24.42
N LEU A 188 -21.75 13.03 23.90
CA LEU A 188 -21.77 14.31 24.61
C LEU A 188 -22.54 15.37 23.84
N LEU A 189 -22.24 15.48 22.54
CA LEU A 189 -22.80 16.54 21.70
C LEU A 189 -24.20 16.17 21.21
N PRO A 190 -25.24 16.81 21.79
CA PRO A 190 -26.61 16.44 21.45
C PRO A 190 -27.15 17.25 20.27
N GLU A 191 -28.28 16.81 19.72
CA GLU A 191 -28.93 17.52 18.63
C GLU A 191 -29.83 18.63 19.16
N GLY A 192 -30.22 19.55 18.28
CA GLY A 192 -31.08 20.65 18.67
C GLY A 192 -30.33 21.85 19.22
N LEU A 193 -29.01 21.83 19.10
CA LEU A 193 -28.18 22.96 19.51
C LEU A 193 -27.78 23.82 18.32
N ASN A 194 -28.22 23.40 17.12
CA ASN A 194 -27.86 24.07 15.88
C ASN A 194 -26.34 24.08 15.70
N ILE A 195 -25.71 23.01 16.17
CA ILE A 195 -24.28 22.82 16.01
C ILE A 195 -23.99 21.66 15.08
N TYR A 196 -23.13 21.88 14.10
CA TYR A 196 -22.71 20.83 13.19
C TYR A 196 -21.21 20.61 13.29
N ALA A 197 -20.82 19.45 13.81
CA ALA A 197 -19.41 19.14 14.02
C ALA A 197 -18.96 17.99 13.14
N THR A 198 -17.80 18.16 12.50
CA THR A 198 -17.16 17.08 11.77
C THR A 198 -15.76 16.85 12.32
N THR A 199 -15.32 15.60 12.31
CA THR A 199 -14.03 15.22 12.89
C THR A 199 -13.18 14.42 11.92
N ALA A 200 -11.87 14.53 12.08
CA ALA A 200 -10.91 13.89 11.18
C ALA A 200 -10.90 12.37 11.33
N SER A 201 -11.55 11.87 12.36
CA SER A 201 -11.55 10.43 12.63
C SER A 201 -12.67 10.07 13.60
N ASN A 202 -12.92 8.77 13.75
CA ASN A 202 -13.86 8.33 14.78
C ASN A 202 -13.17 8.31 16.14
N ALA A 203 -13.78 7.64 17.10
CA ALA A 203 -13.28 7.66 18.48
C ALA A 203 -12.20 6.62 18.71
N GLU A 204 -11.74 5.98 17.63
CA GLU A 204 -10.87 4.82 17.77
C GLU A 204 -9.68 4.87 16.81
N GLU A 205 -9.80 5.62 15.72
CA GLU A 205 -8.73 5.69 14.74
C GLU A 205 -7.99 7.02 14.79
N SER A 206 -7.04 7.19 13.86
CA SER A 206 -6.02 8.22 14.01
C SER A 206 -6.15 9.42 13.07
N SER A 207 -5.51 10.51 13.45
CA SER A 207 -5.36 11.68 12.59
C SER A 207 -4.00 11.64 11.93
N TRP A 208 -3.86 12.31 10.78
CA TRP A 208 -2.64 12.18 9.99
C TRP A 208 -1.94 13.51 9.74
N GLY A 209 -0.63 13.50 9.89
CA GLY A 209 0.19 14.60 9.42
C GLY A 209 0.37 14.41 7.93
N THR A 210 0.53 15.51 7.20
CA THR A 210 0.76 15.46 5.77
C THR A 210 1.83 16.46 5.39
N TYR A 211 2.38 16.31 4.18
CA TYR A 211 3.52 17.11 3.74
C TYR A 211 4.68 16.92 4.70
N CYS A 212 5.02 15.66 4.97
CA CYS A 212 6.09 15.32 5.91
C CYS A 212 7.39 14.99 5.20
N PRO A 213 8.52 15.13 5.91
CA PRO A 213 9.81 14.69 5.36
C PRO A 213 9.83 13.18 5.10
N GLY A 214 10.47 12.77 4.00
CA GLY A 214 10.53 11.36 3.65
C GLY A 214 9.31 10.92 2.88
N GLU A 215 8.17 11.52 3.20
CA GLU A 215 6.93 11.21 2.50
C GLU A 215 6.94 11.75 1.09
N GLU A 216 7.24 10.89 0.12
CA GLU A 216 7.22 11.30 -1.28
C GLU A 216 5.87 11.83 -1.77
N PRO A 217 4.74 11.45 -1.12
CA PRO A 217 3.54 12.18 -1.53
C PRO A 217 3.62 13.67 -1.21
N SER A 218 4.35 14.40 -2.06
CA SER A 218 4.58 15.84 -1.91
C SER A 218 5.27 16.16 -0.58
N PRO A 219 6.61 16.02 -0.54
CA PRO A 219 7.40 16.40 0.63
C PRO A 219 7.78 17.88 0.68
N PRO A 220 8.33 18.33 1.82
CA PRO A 220 8.87 19.68 2.01
C PRO A 220 10.38 19.67 1.74
N PRO A 221 10.91 20.70 1.07
CA PRO A 221 12.33 20.67 0.68
C PRO A 221 13.41 20.78 1.78
N GLU A 222 13.34 21.77 2.66
CA GLU A 222 14.36 21.92 3.71
C GLU A 222 13.74 21.91 5.09
N TYR A 223 12.43 21.72 5.13
CA TYR A 223 11.72 21.62 6.40
C TYR A 223 11.84 20.21 6.94
N GLU A 224 12.33 20.09 8.17
CA GLU A 224 12.53 18.80 8.81
C GLU A 224 11.35 18.48 9.71
N THR A 225 10.16 18.87 9.26
CA THR A 225 8.93 18.65 10.02
C THR A 225 7.73 18.74 9.09
N CYS A 226 6.60 18.18 9.51
CA CYS A 226 5.39 18.19 8.69
C CYS A 226 4.83 19.61 8.57
N LEU A 227 4.34 19.94 7.37
CA LEU A 227 3.85 21.29 7.10
C LEU A 227 2.38 21.46 7.44
N GLY A 228 1.63 20.37 7.47
CA GLY A 228 0.21 20.44 7.76
C GLY A 228 -0.39 19.12 8.19
N ASP A 229 -1.73 19.09 8.27
CA ASP A 229 -2.44 17.89 8.64
C ASP A 229 -3.50 17.60 7.58
N LEU A 230 -3.73 16.33 7.32
CA LEU A 230 -4.49 15.91 6.15
C LEU A 230 -5.92 16.45 6.10
N TYR A 231 -6.71 16.12 7.11
CA TYR A 231 -8.09 16.58 7.21
C TYR A 231 -8.18 18.09 7.10
N SER A 232 -7.30 18.78 7.83
CA SER A 232 -7.25 20.23 7.82
C SER A 232 -6.96 20.74 6.42
N VAL A 233 -5.87 20.25 5.84
CA VAL A 233 -5.44 20.64 4.51
C VAL A 233 -6.53 20.36 3.47
N ALA A 234 -7.26 19.27 3.67
CA ALA A 234 -8.29 18.86 2.72
C ALA A 234 -9.39 19.90 2.57
N TRP A 235 -9.97 20.33 3.70
CA TRP A 235 -11.09 21.26 3.66
C TRP A 235 -10.63 22.69 3.35
N MET A 236 -9.40 23.02 3.72
CA MET A 236 -8.88 24.36 3.47
C MET A 236 -8.53 24.56 1.99
N GLU A 237 -7.84 23.58 1.41
CA GLU A 237 -7.49 23.67 -0.01
C GLU A 237 -8.73 23.58 -0.88
N ASP A 238 -9.73 22.85 -0.40
CA ASP A 238 -11.01 22.74 -1.09
C ASP A 238 -11.76 24.08 -1.06
N SER A 239 -11.86 24.66 0.13
CA SER A 239 -12.53 25.93 0.31
C SER A 239 -11.78 27.07 -0.38
N GLY A 240 -10.48 26.87 -0.59
CA GLY A 240 -9.64 27.90 -1.17
C GLY A 240 -9.79 28.05 -2.68
N MET A 241 -10.17 26.97 -3.35
CA MET A 241 -10.21 26.96 -4.80
C MET A 241 -11.62 27.07 -5.37
N HIS A 242 -12.62 27.01 -4.50
CA HIS A 242 -14.02 27.01 -4.93
C HIS A 242 -14.77 28.30 -4.63
N ASN A 243 -15.92 28.46 -5.27
CA ASN A 243 -16.88 29.49 -4.89
C ASN A 243 -17.79 28.91 -3.82
N LEU A 244 -17.64 29.40 -2.60
CA LEU A 244 -18.29 28.81 -1.44
C LEU A 244 -19.78 29.15 -1.36
N GLN A 245 -20.31 29.77 -2.40
CA GLN A 245 -21.74 29.99 -2.53
C GLN A 245 -22.39 28.80 -3.23
N THR A 246 -21.59 28.11 -4.05
CA THR A 246 -22.05 26.96 -4.80
C THR A 246 -21.94 25.69 -3.96
N GLU A 247 -20.85 25.56 -3.23
CA GLU A 247 -20.59 24.38 -2.41
C GLU A 247 -21.24 24.50 -1.03
N THR A 248 -21.65 23.36 -0.47
CA THR A 248 -22.30 23.32 0.83
C THR A 248 -21.46 22.52 1.82
N LEU A 249 -21.81 22.62 3.10
CA LEU A 249 -21.11 21.91 4.16
C LEU A 249 -21.09 20.41 3.93
N HIS A 250 -22.24 19.87 3.58
CA HIS A 250 -22.38 18.43 3.32
C HIS A 250 -21.44 17.97 2.22
N GLN A 251 -21.39 18.75 1.14
CA GLN A 251 -20.56 18.41 -0.01
C GLN A 251 -19.09 18.37 0.37
N GLN A 252 -18.67 19.32 1.20
CA GLN A 252 -17.28 19.35 1.67
C GLN A 252 -17.00 18.16 2.58
N TYR A 253 -17.96 17.85 3.44
CA TYR A 253 -17.84 16.71 4.35
C TYR A 253 -17.59 15.43 3.56
N GLU A 254 -18.30 15.27 2.45
CA GLU A 254 -18.12 14.11 1.59
C GLU A 254 -16.77 14.16 0.88
N LEU A 255 -16.37 15.36 0.45
CA LEU A 255 -15.12 15.54 -0.27
C LEU A 255 -13.93 15.31 0.65
N VAL A 256 -14.03 15.78 1.88
CA VAL A 256 -12.98 15.58 2.86
C VAL A 256 -12.93 14.11 3.28
N LYS A 257 -14.10 13.50 3.40
CA LYS A 257 -14.19 12.08 3.74
C LYS A 257 -13.41 11.24 2.73
N ARG A 258 -13.62 11.51 1.46
CA ARG A 258 -12.97 10.77 0.38
C ARG A 258 -11.46 10.94 0.37
N ARG A 259 -11.00 12.18 0.48
CA ARG A 259 -9.57 12.46 0.43
C ARG A 259 -8.85 11.89 1.65
N THR A 260 -9.63 11.66 2.72
CA THR A 260 -9.08 11.12 3.96
C THR A 260 -9.23 9.59 4.03
N ALA A 261 -10.22 9.07 3.30
CA ALA A 261 -10.60 7.66 3.44
C ALA A 261 -9.50 6.70 2.97
N PRO A 262 -9.46 5.49 3.54
CA PRO A 262 -8.44 4.48 3.20
C PRO A 262 -8.47 4.02 1.74
N VAL A 263 -7.29 3.73 1.17
CA VAL A 263 -7.22 3.06 -0.12
C VAL A 263 -7.03 1.56 0.11
N GLY A 264 -7.79 0.75 -0.62
CA GLY A 264 -7.66 -0.71 -0.54
C GLY A 264 -7.65 -1.22 0.88
N TYR A 265 -6.48 -1.66 1.31
CA TYR A 265 -6.27 -2.12 2.67
C TYR A 265 -5.29 -1.22 3.39
N SER A 266 -4.95 -0.10 2.79
CA SER A 266 -4.05 0.81 3.49
C SER A 266 -4.81 1.44 4.68
N TYR A 267 -4.09 2.01 5.65
CA TYR A 267 -4.64 2.70 6.85
C TYR A 267 -5.41 3.90 6.35
N GLY A 268 -6.30 4.43 7.17
CA GLY A 268 -7.05 5.62 6.79
C GLY A 268 -7.94 5.98 7.94
N SER A 269 -8.88 6.88 7.72
CA SER A 269 -9.75 7.30 8.79
C SER A 269 -11.09 7.71 8.23
N HIS A 270 -12.14 7.39 8.97
CA HIS A 270 -13.49 7.81 8.64
C HIS A 270 -13.75 9.21 9.17
N VAL A 271 -14.01 10.15 8.27
CA VAL A 271 -14.39 11.49 8.68
C VAL A 271 -15.83 11.46 9.17
N MET A 272 -16.01 11.75 10.45
CA MET A 272 -17.32 11.64 11.08
C MET A 272 -18.04 12.97 11.17
N GLN A 273 -19.35 12.93 11.33
CA GLN A 273 -20.15 14.14 11.52
C GLN A 273 -21.13 13.96 12.66
N TYR A 274 -21.36 15.02 13.43
CA TYR A 274 -22.21 14.93 14.60
C TYR A 274 -23.12 16.16 14.73
N GLY A 275 -24.14 16.05 15.57
CA GLY A 275 -25.05 17.14 15.82
C GLY A 275 -26.20 17.21 14.82
N ASP A 276 -26.62 18.44 14.52
CA ASP A 276 -27.71 18.64 13.58
C ASP A 276 -27.17 18.58 12.16
N VAL A 277 -27.32 17.42 11.52
CA VAL A 277 -26.86 17.22 10.15
C VAL A 277 -27.60 18.16 9.21
N GLY A 278 -28.80 18.57 9.62
CA GLY A 278 -29.61 19.50 8.84
C GLY A 278 -28.86 20.78 8.52
N ILE A 279 -28.02 21.22 9.47
CA ILE A 279 -27.23 22.42 9.28
C ILE A 279 -26.26 22.28 8.11
N SER A 280 -25.90 21.04 7.78
CA SER A 280 -24.95 20.75 6.72
C SER A 280 -25.52 21.05 5.34
N LYS A 281 -26.77 21.49 5.28
CA LYS A 281 -27.38 21.91 4.03
C LYS A 281 -26.91 23.31 3.65
N ASP A 282 -26.45 24.06 4.65
CA ASP A 282 -26.00 25.43 4.45
C ASP A 282 -24.82 25.52 3.50
N ASN A 283 -24.79 26.59 2.70
CA ASN A 283 -23.63 26.88 1.87
C ASN A 283 -22.43 27.21 2.75
N LEU A 284 -21.23 27.01 2.23
CA LEU A 284 -20.02 27.25 3.00
C LEU A 284 -19.80 28.73 3.29
N ASP A 285 -20.31 29.59 2.41
CA ASP A 285 -20.06 31.04 2.55
C ASP A 285 -20.81 31.62 3.75
N LEU A 286 -21.81 30.89 4.23
CA LEU A 286 -22.54 31.31 5.43
C LEU A 286 -21.63 31.29 6.65
N TYR A 287 -20.52 30.56 6.55
CA TYR A 287 -19.58 30.43 7.66
C TYR A 287 -18.18 30.91 7.28
N MET A 288 -17.77 30.64 6.05
CA MET A 288 -16.41 30.94 5.61
C MET A 288 -16.32 32.12 4.65
N GLY A 289 -17.47 32.61 4.20
CA GLY A 289 -17.50 33.63 3.16
C GLY A 289 -17.04 33.02 1.85
N THR A 290 -16.66 33.86 0.88
CA THR A 290 -16.18 33.34 -0.39
C THR A 290 -15.18 34.27 -1.08
N ASN A 291 -14.23 33.67 -1.79
CA ASN A 291 -13.24 34.41 -2.54
C ASN A 291 -13.77 34.73 -3.94
N PRO A 292 -13.65 36.01 -4.36
CA PRO A 292 -14.13 36.50 -5.66
C PRO A 292 -13.81 35.61 -6.86
N ALA A 293 -12.75 34.80 -6.78
CA ALA A 293 -12.45 33.83 -7.82
C ALA A 293 -13.54 32.74 -7.83
N ASN A 294 -14.38 32.75 -8.86
CA ASN A 294 -15.57 31.92 -8.88
C ASN A 294 -15.45 30.63 -9.69
N ASP A 295 -15.36 29.51 -9.00
CA ASP A 295 -15.46 28.19 -9.63
C ASP A 295 -16.60 27.41 -8.97
N ASN A 296 -17.37 26.68 -9.78
CA ASN A 296 -18.54 25.97 -9.27
C ASN A 296 -18.24 24.56 -8.81
N PHE A 297 -19.24 23.93 -8.19
CA PHE A 297 -19.13 22.56 -7.72
C PHE A 297 -20.41 21.79 -7.99
N PRO A 308 -2.62 13.55 0.39
CA PRO A 308 -2.03 12.58 -0.54
C PRO A 308 -1.08 11.60 0.16
N SER A 309 -0.83 11.83 1.45
CA SER A 309 0.15 11.06 2.20
C SER A 309 -0.41 9.83 2.91
N ARG A 310 -0.83 10.06 4.16
CA ARG A 310 -1.36 9.02 5.03
C ARG A 310 -0.35 7.91 5.27
N VAL A 311 0.78 8.22 5.89
CA VAL A 311 1.71 7.18 6.33
C VAL A 311 2.37 7.63 7.62
N THR A 312 1.78 8.62 8.26
CA THR A 312 2.29 9.15 9.52
C THR A 312 1.20 9.79 10.37
N ASN A 313 0.88 9.16 11.49
CA ASN A 313 -0.12 9.71 12.40
C ASN A 313 0.48 10.79 13.28
N GLN A 314 -0.37 11.50 14.03
CA GLN A 314 0.05 12.64 14.83
C GLN A 314 1.18 12.32 15.79
N ARG A 315 1.14 11.13 16.39
CA ARG A 315 2.08 10.78 17.45
C ARG A 315 3.46 10.45 16.90
N ASP A 316 3.52 9.87 15.71
CA ASP A 316 4.81 9.57 15.08
C ASP A 316 5.36 10.78 14.34
N ALA A 317 4.47 11.71 13.98
CA ALA A 317 4.88 12.91 13.27
C ALA A 317 5.81 13.78 14.11
N ASP A 318 5.68 13.66 15.42
CA ASP A 318 6.59 14.34 16.34
C ASP A 318 8.00 13.76 16.21
N LEU A 319 8.07 12.46 16.01
CA LEU A 319 9.33 11.75 16.00
C LEU A 319 10.06 11.88 14.67
N VAL A 320 9.32 12.01 13.58
CA VAL A 320 9.95 12.10 12.26
C VAL A 320 10.80 13.37 12.17
N HIS A 321 10.42 14.39 12.93
CA HIS A 321 11.21 15.61 13.01
C HIS A 321 12.57 15.31 13.62
N PHE A 322 12.54 14.69 14.79
CA PHE A 322 13.76 14.35 15.52
C PHE A 322 14.65 13.43 14.69
N TRP A 323 14.04 12.44 14.06
CA TRP A 323 14.77 11.50 13.23
C TRP A 323 15.38 12.20 12.01
N GLU A 324 14.56 12.96 11.28
CA GLU A 324 15.02 13.67 10.10
C GLU A 324 16.12 14.66 10.47
N LYS A 325 15.97 15.29 11.63
CA LYS A 325 16.95 16.23 12.13
C LYS A 325 18.29 15.52 12.36
N TYR A 326 18.21 14.37 13.03
CA TYR A 326 19.40 13.56 13.32
C TYR A 326 19.99 13.00 12.04
N ARG A 327 19.13 12.53 11.15
CA ARG A 327 19.57 11.85 9.93
C ARG A 327 20.27 12.83 8.96
N LYS A 328 19.78 14.06 8.90
CA LYS A 328 20.34 15.06 7.99
C LYS A 328 21.48 15.88 8.60
N ALA A 329 21.71 15.73 9.90
CA ALA A 329 22.77 16.47 10.58
C ALA A 329 24.15 15.94 10.22
N PRO A 330 25.17 16.83 10.22
CA PRO A 330 26.57 16.44 10.00
C PRO A 330 27.02 15.33 10.95
N GLU A 331 27.87 14.43 10.46
CA GLU A 331 28.20 13.20 11.17
C GLU A 331 28.93 13.42 12.50
N GLY A 332 29.52 14.60 12.67
CA GLY A 332 30.30 14.87 13.87
C GLY A 332 29.83 16.07 14.66
N SER A 333 28.77 16.72 14.17
CA SER A 333 28.29 17.95 14.76
C SER A 333 27.63 17.74 16.12
N ALA A 334 27.42 18.84 16.84
CA ALA A 334 26.66 18.82 18.08
C ALA A 334 25.17 18.71 17.78
N ARG A 335 24.80 19.11 16.58
CA ARG A 335 23.41 19.04 16.13
C ARG A 335 22.94 17.59 16.08
N LYS A 336 23.79 16.72 15.55
CA LYS A 336 23.47 15.31 15.46
C LYS A 336 23.35 14.70 16.86
N THR A 337 24.12 15.22 17.80
CA THR A 337 24.11 14.74 19.17
C THR A 337 22.84 15.17 19.91
N GLU A 338 22.45 16.42 19.73
CA GLU A 338 21.24 16.93 20.36
C GLU A 338 20.02 16.18 19.83
N ALA A 339 19.98 16.01 18.52
CA ALA A 339 18.91 15.29 17.86
C ALA A 339 18.86 13.84 18.34
N GLN A 340 20.03 13.25 18.52
CA GLN A 340 20.13 11.88 19.02
C GLN A 340 19.50 11.78 20.40
N LYS A 341 19.77 12.78 21.24
CA LYS A 341 19.22 12.81 22.58
C LYS A 341 17.73 13.08 22.56
N GLN A 342 17.29 13.87 21.57
CA GLN A 342 15.87 14.15 21.42
C GLN A 342 15.11 12.87 21.09
N VAL A 343 15.65 12.07 20.17
CA VAL A 343 15.05 10.79 19.82
C VAL A 343 15.06 9.88 21.05
N LEU A 344 16.16 9.93 21.80
CA LEU A 344 16.34 9.09 22.98
C LEU A 344 15.29 9.38 24.04
N GLU A 345 15.20 10.64 24.44
CA GLU A 345 14.31 11.04 25.52
C GLU A 345 12.84 10.92 25.13
N ALA A 346 12.54 11.16 23.86
CA ALA A 346 11.17 11.04 23.37
C ALA A 346 10.72 9.59 23.42
N MET A 347 11.48 8.71 22.79
CA MET A 347 11.15 7.30 22.74
C MET A 347 11.24 6.62 24.10
N SER A 348 12.13 7.12 24.95
CA SER A 348 12.26 6.58 26.30
C SER A 348 11.04 6.95 27.14
N HIS A 349 10.53 8.16 26.92
CA HIS A 349 9.36 8.63 27.64
C HIS A 349 8.13 7.81 27.29
N ARG A 350 7.87 7.63 26.01
CA ARG A 350 6.66 6.94 25.58
C ARG A 350 6.73 5.45 25.87
N LEU A 351 7.94 4.90 25.89
CA LEU A 351 8.12 3.51 26.29
C LEU A 351 7.76 3.34 27.77
N HIS A 352 8.18 4.32 28.57
CA HIS A 352 7.88 4.32 30.00
C HIS A 352 6.39 4.45 30.26
N ILE A 353 5.73 5.35 29.53
CA ILE A 353 4.30 5.59 29.70
C ILE A 353 3.47 4.36 29.33
N ASP A 354 3.80 3.73 28.21
CA ASP A 354 3.06 2.57 27.75
C ASP A 354 3.13 1.44 28.77
N ASN A 355 4.34 1.17 29.24
CA ASN A 355 4.55 0.12 30.23
C ASN A 355 3.85 0.45 31.53
N SER A 356 3.90 1.72 31.92
CA SER A 356 3.29 2.16 33.16
C SER A 356 1.77 1.99 33.14
N VAL A 357 1.13 2.34 32.03
CA VAL A 357 -0.32 2.20 31.92
C VAL A 357 -0.67 0.72 31.98
N ILE A 358 0.05 -0.08 31.20
CA ILE A 358 -0.17 -1.52 31.19
C ILE A 358 0.05 -2.10 32.58
N LEU A 359 1.16 -1.71 33.20
CA LEU A 359 1.53 -2.23 34.51
C LEU A 359 0.48 -1.89 35.56
N VAL A 360 0.00 -0.64 35.55
CA VAL A 360 -1.06 -0.22 36.46
C VAL A 360 -2.31 -1.08 36.26
N GLY A 361 -2.62 -1.35 34.99
CA GLY A 361 -3.77 -2.18 34.65
C GLY A 361 -3.63 -3.58 35.21
N LYS A 362 -2.50 -4.21 34.97
CA LYS A 362 -2.22 -5.56 35.47
C LYS A 362 -2.27 -5.57 36.98
N ILE A 363 -1.82 -4.47 37.57
CA ILE A 363 -1.78 -4.32 39.02
C ILE A 363 -3.19 -4.20 39.62
N LEU A 364 -4.06 -3.44 38.96
CA LEU A 364 -5.40 -3.20 39.48
C LEU A 364 -6.33 -4.41 39.36
N PHE A 365 -6.38 -5.00 38.16
CA PHE A 365 -7.37 -6.03 37.86
C PHE A 365 -6.77 -7.43 37.73
N GLY A 366 -5.45 -7.53 37.83
CA GLY A 366 -4.77 -8.80 37.63
C GLY A 366 -4.26 -8.92 36.21
N ILE A 367 -3.44 -9.93 35.96
CA ILE A 367 -2.79 -10.08 34.65
C ILE A 367 -3.79 -10.33 33.52
N SER A 368 -4.86 -11.05 33.83
CA SER A 368 -5.85 -11.43 32.82
C SER A 368 -6.82 -10.29 32.53
N ARG A 369 -7.45 -9.77 33.58
CA ARG A 369 -8.50 -8.76 33.42
C ARG A 369 -7.95 -7.36 33.18
N GLY A 370 -6.65 -7.18 33.38
CA GLY A 370 -6.02 -5.88 33.21
C GLY A 370 -6.26 -5.29 31.83
N PRO A 371 -5.59 -5.83 30.81
CA PRO A 371 -5.75 -5.41 29.42
C PRO A 371 -7.20 -5.50 28.93
N GLU A 372 -7.99 -6.40 29.50
CA GLU A 372 -9.39 -6.53 29.14
C GLU A 372 -10.15 -5.24 29.42
N VAL A 373 -9.99 -4.73 30.63
CA VAL A 373 -10.68 -3.51 31.03
C VAL A 373 -10.12 -2.29 30.29
N LEU A 374 -8.80 -2.17 30.27
CA LEU A 374 -8.15 -0.99 29.71
C LEU A 374 -8.42 -0.81 28.21
N ASN A 375 -8.49 -1.92 27.48
CA ASN A 375 -8.58 -1.86 26.03
C ASN A 375 -9.99 -2.01 25.50
N LYS A 376 -10.96 -2.18 26.38
CA LYS A 376 -12.35 -2.32 25.95
C LYS A 376 -12.87 -1.00 25.38
N VAL A 377 -13.45 -1.08 24.18
CA VAL A 377 -14.02 0.09 23.52
C VAL A 377 -15.53 0.03 23.53
N ARG A 378 -16.17 1.06 24.05
CA ARG A 378 -17.63 1.15 24.07
C ARG A 378 -18.17 1.26 22.65
N SER A 379 -19.43 0.89 22.48
CA SER A 379 -20.09 0.98 21.17
C SER A 379 -20.20 2.44 20.76
N ALA A 380 -20.16 2.69 19.45
CA ALA A 380 -20.24 4.05 18.93
C ALA A 380 -21.53 4.73 19.37
N GLY A 381 -21.43 6.01 19.72
CA GLY A 381 -22.56 6.76 20.22
C GLY A 381 -22.53 6.88 21.73
N GLN A 382 -21.82 5.97 22.38
CA GLN A 382 -21.69 5.99 23.84
C GLN A 382 -20.63 6.98 24.29
N PRO A 383 -20.84 7.61 25.46
CA PRO A 383 -19.82 8.50 25.99
C PRO A 383 -18.62 7.69 26.49
N LEU A 384 -17.42 8.26 26.38
CA LEU A 384 -16.21 7.56 26.78
C LEU A 384 -16.27 7.13 28.24
N VAL A 385 -16.62 8.07 29.11
CA VAL A 385 -16.65 7.81 30.54
C VAL A 385 -17.93 8.40 31.14
N ASP A 386 -18.41 7.80 32.23
CA ASP A 386 -19.61 8.28 32.91
C ASP A 386 -19.29 9.40 33.88
N ASP A 387 -18.21 9.21 34.64
CA ASP A 387 -17.78 10.21 35.61
C ASP A 387 -16.49 10.87 35.12
N TRP A 388 -16.62 12.09 34.61
CA TRP A 388 -15.47 12.79 34.03
C TRP A 388 -14.56 13.35 35.12
N ASN A 389 -15.11 13.59 36.30
CA ASN A 389 -14.31 14.04 37.43
C ASN A 389 -13.40 12.91 37.93
N CYS A 390 -13.90 11.68 37.85
CA CYS A 390 -13.09 10.51 38.17
C CYS A 390 -11.92 10.38 37.21
N LEU A 391 -12.21 10.59 35.93
CA LEU A 391 -11.19 10.51 34.89
C LEU A 391 -10.04 11.46 35.18
N LYS A 392 -10.37 12.72 35.41
CA LYS A 392 -9.38 13.75 35.70
C LYS A 392 -8.57 13.38 36.95
N ASN A 393 -9.27 12.94 37.99
CA ASN A 393 -8.65 12.61 39.27
C ASN A 393 -7.63 11.48 39.14
N GLN A 394 -8.02 10.43 38.43
CA GLN A 394 -7.16 9.26 38.30
C GLN A 394 -6.01 9.52 37.34
N VAL A 395 -6.20 10.46 36.42
CA VAL A 395 -5.10 10.92 35.58
C VAL A 395 -4.09 11.65 36.46
N ARG A 396 -4.60 12.53 37.31
CA ARG A 396 -3.77 13.27 38.25
C ARG A 396 -3.05 12.34 39.22
N ALA A 397 -3.75 11.29 39.64
CA ALA A 397 -3.18 10.31 40.56
C ALA A 397 -2.06 9.53 39.87
N PHE A 398 -2.28 9.18 38.62
CA PHE A 398 -1.30 8.45 37.83
C PHE A 398 -0.04 9.30 37.63
N GLU A 399 -0.25 10.56 37.25
CA GLU A 399 0.86 11.46 36.94
C GLU A 399 1.71 11.79 38.15
N ARG A 400 1.10 11.78 39.34
CA ARG A 400 1.80 12.11 40.57
C ARG A 400 2.92 11.12 40.88
N HIS A 401 2.89 9.97 40.22
CA HIS A 401 3.86 8.92 40.48
C HIS A 401 4.60 8.49 39.22
N CYS A 402 3.88 8.46 38.10
CA CYS A 402 4.46 8.00 36.84
C CYS A 402 4.88 9.15 35.94
N GLY A 403 4.70 10.38 36.42
CA GLY A 403 5.09 11.55 35.66
C GLY A 403 4.04 11.94 34.63
N SER A 404 4.24 13.09 33.99
CA SER A 404 3.27 13.61 33.04
C SER A 404 3.10 12.69 31.84
N LEU A 405 1.88 12.64 31.31
CA LEU A 405 1.61 11.86 30.12
C LEU A 405 2.11 12.58 28.90
N SER A 406 2.19 13.89 28.99
CA SER A 406 2.48 14.74 27.85
C SER A 406 1.37 14.60 26.82
N GLN A 407 1.56 15.15 25.63
CA GLN A 407 0.54 15.11 24.59
C GLN A 407 0.54 13.76 23.86
N TYR A 408 1.53 12.91 24.15
CA TYR A 408 1.54 11.56 23.63
C TYR A 408 0.75 10.63 24.53
N GLY A 409 1.00 10.72 25.83
CA GLY A 409 0.44 9.80 26.80
C GLY A 409 -1.07 9.81 26.90
N ILE A 410 -1.69 10.88 26.43
CA ILE A 410 -3.15 11.00 26.49
C ILE A 410 -3.82 10.01 25.54
N LYS A 411 -3.02 9.25 24.80
CA LYS A 411 -3.54 8.17 23.98
C LYS A 411 -4.17 7.08 24.85
N HIS A 412 -3.75 7.02 26.10
CA HIS A 412 -4.21 6.00 27.03
C HIS A 412 -5.45 6.44 27.82
N MET A 413 -6.05 7.55 27.41
CA MET A 413 -7.14 8.14 28.18
C MET A 413 -8.37 7.22 28.24
N ARG A 414 -8.50 6.34 27.26
CA ARG A 414 -9.59 5.37 27.26
C ARG A 414 -9.37 4.33 28.36
N SER A 415 -8.11 3.99 28.59
CA SER A 415 -7.75 3.06 29.65
C SER A 415 -8.18 3.62 31.00
N PHE A 416 -7.90 4.90 31.21
CA PHE A 416 -8.30 5.56 32.45
C PHE A 416 -9.81 5.66 32.54
N ALA A 417 -10.45 5.92 31.41
CA ALA A 417 -11.90 6.00 31.34
C ALA A 417 -12.54 4.68 31.74
N ASN A 418 -12.02 3.60 31.18
CA ASN A 418 -12.52 2.26 31.49
C ASN A 418 -12.26 1.89 32.94
N ILE A 419 -11.13 2.34 33.48
CA ILE A 419 -10.82 2.10 34.88
C ILE A 419 -11.86 2.76 35.76
N CYS A 420 -12.25 3.97 35.39
CA CYS A 420 -13.31 4.69 36.10
C CYS A 420 -14.64 3.98 35.93
N ASN A 421 -14.95 3.60 34.69
CA ASN A 421 -16.18 2.90 34.38
C ASN A 421 -16.28 1.58 35.13
N ALA A 422 -15.14 1.01 35.47
CA ALA A 422 -15.07 -0.23 36.23
C ALA A 422 -15.33 0.03 37.72
N GLY A 423 -15.49 1.31 38.07
CA GLY A 423 -15.85 1.69 39.43
C GLY A 423 -14.66 1.78 40.38
N ILE A 424 -13.47 1.91 39.81
CA ILE A 424 -12.26 2.06 40.61
C ILE A 424 -12.23 3.42 41.30
N GLN A 425 -11.70 3.45 42.51
CA GLN A 425 -11.64 4.70 43.26
C GLN A 425 -10.28 5.37 43.13
N MET A 426 -10.26 6.67 43.36
CA MET A 426 -9.08 7.50 43.19
C MET A 426 -7.93 6.99 44.05
N GLU A 427 -8.25 6.48 45.24
CA GLU A 427 -7.22 6.03 46.16
C GLU A 427 -6.56 4.75 45.63
N GLN A 428 -7.33 3.95 44.89
CA GLN A 428 -6.79 2.71 44.31
C GLN A 428 -5.76 2.94 43.20
N MET A 429 -6.04 3.93 42.35
CA MET A 429 -5.13 4.34 41.30
C MET A 429 -3.86 4.95 41.89
N GLU A 430 -4.05 5.72 42.95
CA GLU A 430 -2.95 6.36 43.67
C GLU A 430 -1.99 5.28 44.14
N GLU A 431 -2.56 4.17 44.61
CA GLU A 431 -1.80 3.06 45.13
C GLU A 431 -1.15 2.25 44.00
N ALA A 432 -1.90 1.99 42.93
CA ALA A 432 -1.38 1.23 41.79
C ALA A 432 -0.22 1.94 41.09
N ALA A 433 -0.35 3.25 40.96
CA ALA A 433 0.65 4.11 40.35
C ALA A 433 1.89 4.15 41.22
N SER A 434 1.68 4.19 42.53
CA SER A 434 2.78 4.19 43.48
C SER A 434 3.61 2.93 43.34
N GLN A 435 2.93 1.80 43.14
CA GLN A 435 3.60 0.51 42.97
C GLN A 435 4.23 0.33 41.59
N ALA A 436 3.64 0.98 40.58
CA ALA A 436 4.06 0.83 39.20
C ALA A 436 5.29 1.63 38.82
N CYS A 437 5.41 2.83 39.38
CA CYS A 437 6.49 3.73 39.00
C CYS A 437 7.45 4.02 40.14
N THR A 438 6.89 4.20 41.34
CA THR A 438 7.66 4.49 42.57
C THR A 438 8.37 5.83 42.48
N THR A 439 9.27 5.97 41.52
CA THR A 439 10.02 7.21 41.34
C THR A 439 9.56 7.98 40.11
N LEU A 440 9.56 9.30 40.20
CA LEU A 440 9.23 10.15 39.07
C LEU A 440 10.35 10.08 38.03
N PRO A 441 9.99 9.79 36.77
CA PRO A 441 11.02 9.67 35.73
C PRO A 441 11.61 11.02 35.34
N THR A 442 12.93 11.08 35.23
CA THR A 442 13.62 12.30 34.85
C THR A 442 13.63 12.49 33.34
N GLY A 443 13.07 13.60 32.88
CA GLY A 443 13.04 13.90 31.46
C GLY A 443 12.20 15.13 31.18
N PRO A 444 12.45 15.78 30.04
CA PRO A 444 11.69 16.99 29.69
C PRO A 444 10.23 16.68 29.39
N TRP A 445 9.93 15.43 29.03
CA TRP A 445 8.55 15.08 28.71
C TRP A 445 7.78 14.65 29.95
N SER A 446 8.52 14.22 30.97
CA SER A 446 7.89 13.69 32.19
C SER A 446 7.71 14.75 33.26
N SER A 447 8.12 15.98 32.96
CA SER A 447 8.11 17.05 33.95
C SER A 447 6.69 17.52 34.29
N LEU A 448 6.42 17.65 35.59
CA LEU A 448 5.13 18.14 36.07
C LEU A 448 5.17 19.63 36.36
N ASN A 449 6.28 20.28 36.00
CA ASN A 449 6.51 21.68 36.36
C ASN A 449 5.51 22.65 35.73
N ARG A 450 4.82 22.19 34.70
CA ARG A 450 3.84 23.03 34.01
C ARG A 450 2.40 22.65 34.37
N GLY A 451 2.24 21.60 35.17
CA GLY A 451 0.93 21.21 35.65
C GLY A 451 0.51 19.80 35.26
N PHE A 452 -0.64 19.37 35.75
CA PHE A 452 -1.19 18.05 35.44
C PHE A 452 -1.96 18.07 34.13
N SER A 453 -1.97 16.94 33.42
CA SER A 453 -2.68 16.83 32.14
C SER A 453 -4.19 16.87 32.34
N ALA A 454 -4.63 16.83 33.60
CA ALA A 454 -6.05 16.88 33.92
C ALA A 454 -6.36 18.01 34.88
N PHE B 14 45.35 -16.35 -24.41
CA PHE B 14 45.55 -17.62 -23.73
C PHE B 14 45.44 -17.45 -22.22
N GLN B 15 44.43 -18.06 -21.62
CA GLN B 15 44.21 -17.98 -20.18
C GLN B 15 45.20 -18.84 -19.41
N SER B 16 46.44 -18.37 -19.32
CA SER B 16 47.47 -19.08 -18.57
C SER B 16 47.11 -19.16 -17.09
N GLY B 17 46.81 -20.36 -16.62
CA GLY B 17 46.44 -20.58 -15.23
C GLY B 17 44.95 -20.45 -14.98
N THR B 18 44.54 -20.66 -13.74
CA THR B 18 43.14 -20.58 -13.35
C THR B 18 42.83 -19.29 -12.59
N ARG B 19 41.56 -18.92 -12.54
CA ARG B 19 41.14 -17.68 -11.89
C ARG B 19 40.49 -17.96 -10.53
N TRP B 20 41.00 -17.30 -9.49
CA TRP B 20 40.49 -17.48 -8.13
C TRP B 20 39.74 -16.25 -7.65
N ALA B 21 38.92 -16.43 -6.61
CA ALA B 21 38.21 -15.31 -6.01
C ALA B 21 37.88 -15.57 -4.55
N VAL B 22 37.92 -14.52 -3.74
CA VAL B 22 37.57 -14.61 -2.33
C VAL B 22 36.56 -13.53 -1.97
N LEU B 23 35.38 -13.96 -1.54
CA LEU B 23 34.29 -13.02 -1.24
C LEU B 23 33.98 -13.02 0.26
N VAL B 24 34.00 -11.84 0.86
CA VAL B 24 33.89 -11.73 2.32
C VAL B 24 32.91 -10.66 2.77
N ALA B 25 31.92 -11.07 3.57
CA ALA B 25 31.01 -10.14 4.22
C ALA B 25 31.28 -10.11 5.72
N GLY B 26 31.87 -9.02 6.20
CA GLY B 26 32.35 -8.96 7.57
C GLY B 26 31.32 -8.52 8.59
N SER B 27 30.04 -8.64 8.24
CA SER B 27 28.97 -8.23 9.14
C SER B 27 27.86 -9.27 9.22
N SER B 28 27.00 -9.12 10.22
CA SER B 28 25.84 -9.99 10.39
C SER B 28 24.64 -9.15 10.83
N GLY B 29 23.48 -9.81 10.92
CA GLY B 29 22.26 -9.12 11.31
C GLY B 29 21.48 -8.61 10.12
N TYR B 30 20.17 -8.58 10.25
CA TYR B 30 19.30 -8.20 9.14
C TYR B 30 19.48 -6.73 8.76
N TRP B 31 19.96 -5.93 9.70
CA TRP B 31 20.24 -4.52 9.41
C TRP B 31 21.46 -4.38 8.50
N ASN B 32 22.25 -5.44 8.42
CA ASN B 32 23.42 -5.48 7.55
C ASN B 32 23.19 -6.40 6.35
N TYR B 33 21.92 -6.55 5.99
CA TYR B 33 21.47 -7.33 4.84
C TYR B 33 22.30 -7.07 3.58
N ARG B 34 22.62 -5.80 3.36
CA ARG B 34 23.29 -5.36 2.14
C ARG B 34 24.65 -6.00 1.90
N HIS B 35 25.40 -6.25 2.97
CA HIS B 35 26.77 -6.74 2.85
C HIS B 35 26.82 -8.15 2.29
N GLN B 36 26.06 -9.07 2.88
CA GLN B 36 26.02 -10.44 2.39
C GLN B 36 25.32 -10.50 1.03
N ALA B 37 24.45 -9.52 0.78
CA ALA B 37 23.78 -9.42 -0.51
C ALA B 37 24.79 -9.07 -1.60
N ASP B 38 25.75 -8.20 -1.27
CA ASP B 38 26.79 -7.82 -2.20
C ASP B 38 27.64 -9.01 -2.60
N ILE B 39 28.01 -9.81 -1.60
CA ILE B 39 28.87 -10.96 -1.80
C ILE B 39 28.19 -12.02 -2.66
N CYS B 40 26.91 -12.28 -2.36
CA CYS B 40 26.14 -13.26 -3.11
C CYS B 40 26.00 -12.85 -4.57
N HIS B 41 25.75 -11.56 -4.79
CA HIS B 41 25.67 -11.01 -6.14
C HIS B 41 27.02 -11.18 -6.83
N ALA B 42 28.08 -10.83 -6.12
CA ALA B 42 29.44 -10.93 -6.64
C ALA B 42 29.76 -12.36 -7.05
N TYR B 43 29.22 -13.32 -6.31
CA TYR B 43 29.43 -14.73 -6.63
C TYR B 43 28.76 -15.11 -7.94
N GLN B 44 27.50 -14.75 -8.08
CA GLN B 44 26.74 -15.06 -9.30
C GLN B 44 27.36 -14.35 -10.50
N LEU B 45 27.92 -13.18 -10.25
CA LEU B 45 28.58 -12.39 -11.30
C LEU B 45 29.81 -13.13 -11.84
N LEU B 46 30.54 -13.80 -10.94
CA LEU B 46 31.78 -14.49 -11.31
C LEU B 46 31.53 -15.85 -11.93
N ARG B 47 30.50 -16.56 -11.44
CA ARG B 47 30.15 -17.87 -11.97
C ARG B 47 29.75 -17.76 -13.44
N LYS B 48 28.94 -16.75 -13.75
CA LYS B 48 28.50 -16.50 -15.11
C LYS B 48 29.64 -15.96 -15.97
N GLY B 49 30.70 -15.52 -15.31
CA GLY B 49 31.87 -14.98 -15.99
C GLY B 49 32.81 -16.07 -16.48
N GLY B 50 32.79 -17.21 -15.80
CA GLY B 50 33.62 -18.33 -16.18
C GLY B 50 34.27 -19.02 -14.99
N LEU B 51 34.45 -18.28 -13.90
CA LEU B 51 35.07 -18.83 -12.69
C LEU B 51 34.24 -19.97 -12.12
N LYS B 52 34.93 -21.04 -11.72
CA LYS B 52 34.24 -22.23 -11.21
C LYS B 52 33.99 -22.11 -9.71
N GLU B 53 32.98 -22.81 -9.23
CA GLU B 53 32.58 -22.78 -7.83
C GLU B 53 33.74 -23.18 -6.92
N GLU B 54 34.54 -24.13 -7.37
CA GLU B 54 35.66 -24.65 -6.59
C GLU B 54 36.78 -23.61 -6.45
N ASN B 55 36.74 -22.58 -7.27
CA ASN B 55 37.76 -21.53 -7.25
C ASN B 55 37.27 -20.24 -6.62
N ILE B 56 36.10 -20.30 -5.99
CA ILE B 56 35.54 -19.12 -5.33
C ILE B 56 35.23 -19.41 -3.86
N VAL B 57 35.97 -18.76 -2.97
CA VAL B 57 35.81 -18.97 -1.54
C VAL B 57 34.93 -17.87 -0.93
N VAL B 58 33.85 -18.29 -0.27
CA VAL B 58 32.84 -17.35 0.20
C VAL B 58 32.72 -17.30 1.72
N PHE B 59 32.90 -16.10 2.26
CA PHE B 59 32.70 -15.85 3.68
C PHE B 59 31.40 -15.07 3.91
N MET B 60 30.43 -15.72 4.55
CA MET B 60 29.16 -15.09 4.90
C MET B 60 28.58 -15.71 6.16
N TYR B 61 28.10 -14.88 7.07
CA TYR B 61 27.56 -15.39 8.33
C TYR B 61 26.35 -16.29 8.10
N ASP B 62 25.63 -16.01 7.01
CA ASP B 62 24.54 -16.86 6.52
C ASP B 62 23.33 -16.78 7.46
N ASP B 63 23.01 -15.58 7.91
CA ASP B 63 21.88 -15.38 8.80
C ASP B 63 20.86 -14.42 8.17
N ILE B 64 20.83 -14.40 6.84
CA ILE B 64 19.98 -13.47 6.11
C ILE B 64 18.85 -14.17 5.37
N ALA B 65 19.19 -15.19 4.61
CA ALA B 65 18.23 -15.91 3.78
C ALA B 65 17.10 -16.50 4.62
N ASN B 66 17.47 -17.10 5.74
CA ASN B 66 16.50 -17.76 6.62
C ASN B 66 16.18 -16.90 7.84
N ASN B 67 16.25 -15.58 7.66
CA ASN B 67 16.03 -14.64 8.75
C ASN B 67 14.55 -14.41 9.02
N TYR B 68 14.20 -14.19 10.28
CA TYR B 68 12.82 -13.94 10.69
C TYR B 68 12.25 -12.71 9.99
N GLU B 69 13.11 -11.75 9.67
CA GLU B 69 12.70 -10.48 9.08
C GLU B 69 12.61 -10.54 7.55
N ASN B 70 13.17 -11.59 6.95
CA ASN B 70 13.22 -11.70 5.50
C ASN B 70 11.83 -11.89 4.90
N PRO B 71 11.39 -10.92 4.08
CA PRO B 71 10.06 -10.99 3.47
C PRO B 71 9.96 -12.12 2.44
N ARG B 72 11.10 -12.52 1.87
CA ARG B 72 11.14 -13.60 0.90
C ARG B 72 12.11 -14.68 1.36
N PRO B 73 11.69 -15.50 2.34
CA PRO B 73 12.51 -16.53 2.99
C PRO B 73 13.29 -17.42 2.00
N GLY B 74 14.57 -17.61 2.28
CA GLY B 74 15.42 -18.47 1.47
C GLY B 74 15.98 -17.76 0.25
N THR B 75 15.77 -16.44 0.17
CA THR B 75 16.25 -15.67 -0.96
C THR B 75 16.92 -14.37 -0.51
N ILE B 76 17.81 -13.86 -1.35
CA ILE B 76 18.49 -12.58 -1.11
C ILE B 76 18.60 -11.81 -2.42
N ILE B 77 18.34 -10.51 -2.37
CA ILE B 77 18.43 -9.66 -3.55
C ILE B 77 19.34 -8.47 -3.29
N ASN B 78 20.00 -7.98 -4.33
CA ASN B 78 20.99 -6.91 -4.21
C ASN B 78 20.58 -5.66 -4.98
N SER B 79 19.35 -5.65 -5.49
CA SER B 79 18.83 -4.49 -6.21
C SER B 79 17.30 -4.52 -6.20
N PRO B 80 16.64 -3.38 -6.48
CA PRO B 80 15.18 -3.31 -6.42
C PRO B 80 14.47 -4.36 -7.29
N HIS B 81 14.80 -4.42 -8.57
CA HIS B 81 14.15 -5.35 -9.48
C HIS B 81 15.05 -6.56 -9.77
N GLY B 82 16.02 -6.80 -8.89
CA GLY B 82 16.97 -7.88 -9.07
C GLY B 82 16.43 -9.24 -8.69
N LYS B 83 17.07 -10.29 -9.22
CA LYS B 83 16.69 -11.66 -8.94
C LYS B 83 17.41 -12.20 -7.70
N ASP B 84 17.06 -13.40 -7.29
CA ASP B 84 17.68 -14.04 -6.13
C ASP B 84 19.10 -14.47 -6.49
N VAL B 85 20.03 -14.20 -5.57
CA VAL B 85 21.44 -14.52 -5.80
C VAL B 85 22.00 -15.42 -4.71
N TYR B 86 21.12 -15.93 -3.85
CA TYR B 86 21.53 -16.78 -2.73
C TYR B 86 21.61 -18.25 -3.14
N GLN B 87 20.88 -18.61 -4.18
CA GLN B 87 20.87 -19.99 -4.65
C GLN B 87 22.19 -20.36 -5.33
N GLY B 88 22.70 -21.54 -5.00
CA GLY B 88 23.90 -22.06 -5.63
C GLY B 88 25.19 -21.64 -4.96
N VAL B 89 25.10 -20.62 -4.09
CA VAL B 89 26.27 -20.11 -3.41
C VAL B 89 26.76 -21.11 -2.37
N PRO B 90 28.04 -21.48 -2.44
CA PRO B 90 28.58 -22.47 -1.50
C PRO B 90 28.73 -21.89 -0.10
N LYS B 91 28.54 -22.73 0.90
CA LYS B 91 28.70 -22.32 2.29
C LYS B 91 30.07 -22.75 2.78
N ASP B 92 31.10 -22.09 2.27
CA ASP B 92 32.48 -22.43 2.59
C ASP B 92 32.80 -22.09 4.04
N TYR B 93 32.53 -20.86 4.43
CA TYR B 93 32.78 -20.43 5.81
C TYR B 93 31.62 -19.56 6.29
N THR B 94 30.86 -20.09 7.24
CA THR B 94 29.67 -19.42 7.74
C THR B 94 29.60 -19.47 9.26
N GLY B 95 28.75 -18.65 9.84
CA GLY B 95 28.64 -18.56 11.29
C GLY B 95 29.93 -18.08 11.91
N ASP B 96 30.34 -18.73 12.99
CA ASP B 96 31.57 -18.35 13.68
C ASP B 96 32.83 -18.77 12.92
N ASP B 97 32.64 -19.50 11.82
CA ASP B 97 33.77 -19.87 10.98
C ASP B 97 34.28 -18.66 10.21
N VAL B 98 33.45 -17.63 10.10
CA VAL B 98 33.87 -16.41 9.44
C VAL B 98 34.76 -15.60 10.39
N ASN B 99 36.04 -15.94 10.40
CA ASN B 99 37.00 -15.28 11.28
C ASN B 99 38.29 -14.97 10.55
N VAL B 100 39.16 -14.21 11.20
CA VAL B 100 40.41 -13.75 10.59
C VAL B 100 41.33 -14.93 10.24
N ASP B 101 41.47 -15.87 11.16
CA ASP B 101 42.39 -17.00 10.97
C ASP B 101 42.05 -17.80 9.72
N ASN B 102 40.77 -18.09 9.52
CA ASN B 102 40.33 -18.80 8.33
C ASN B 102 40.58 -17.98 7.05
N LEU B 103 40.31 -16.69 7.14
CA LEU B 103 40.48 -15.80 5.99
C LEU B 103 41.92 -15.78 5.52
N PHE B 104 42.86 -15.70 6.45
CA PHE B 104 44.27 -15.70 6.11
C PHE B 104 44.70 -17.06 5.56
N ALA B 105 44.20 -18.12 6.18
CA ALA B 105 44.48 -19.48 5.73
C ALA B 105 43.99 -19.69 4.30
N VAL B 106 42.81 -19.14 4.01
CA VAL B 106 42.24 -19.22 2.68
C VAL B 106 43.10 -18.48 1.67
N ILE B 107 43.46 -17.25 1.99
CA ILE B 107 44.28 -16.44 1.10
C ILE B 107 45.63 -17.10 0.84
N LEU B 108 46.26 -17.60 1.90
CA LEU B 108 47.57 -18.23 1.78
C LEU B 108 47.49 -19.63 1.18
N GLY B 109 46.28 -20.16 1.06
CA GLY B 109 46.10 -21.49 0.52
C GLY B 109 46.59 -22.56 1.47
N ASP B 110 46.40 -22.32 2.76
CA ASP B 110 46.84 -23.24 3.81
C ASP B 110 45.68 -24.05 4.35
N LYS B 111 45.52 -25.28 3.86
CA LYS B 111 44.42 -26.14 4.27
C LYS B 111 44.51 -26.52 5.74
N THR B 112 45.74 -26.63 6.24
CA THR B 112 45.95 -27.06 7.63
C THR B 112 45.71 -25.94 8.63
N ALA B 113 45.79 -24.70 8.16
CA ALA B 113 45.56 -23.53 9.02
C ALA B 113 44.07 -23.26 9.20
N VAL B 114 43.26 -23.85 8.33
CA VAL B 114 41.82 -23.68 8.40
C VAL B 114 41.24 -24.38 9.64
N LYS B 115 40.22 -23.77 10.23
CA LYS B 115 39.52 -24.33 11.38
C LYS B 115 38.03 -24.20 11.18
N GLY B 116 37.39 -25.32 10.83
CA GLY B 116 35.98 -25.31 10.48
C GLY B 116 35.80 -24.98 9.01
N GLY B 117 34.55 -24.95 8.55
CA GLY B 117 34.26 -24.62 7.17
C GLY B 117 34.51 -25.74 6.20
N SER B 118 34.37 -25.46 4.91
CA SER B 118 34.51 -26.47 3.86
C SER B 118 35.95 -26.94 3.66
N GLY B 119 36.90 -26.05 3.93
CA GLY B 119 38.30 -26.36 3.71
C GLY B 119 38.80 -25.84 2.37
N LYS B 120 37.92 -25.17 1.64
CA LYS B 120 38.30 -24.54 0.38
C LYS B 120 39.24 -23.38 0.65
N VAL B 121 40.36 -23.34 -0.06
CA VAL B 121 41.34 -22.27 0.09
C VAL B 121 41.92 -21.90 -1.27
N VAL B 122 42.60 -20.76 -1.33
CA VAL B 122 43.22 -20.33 -2.57
C VAL B 122 44.53 -21.07 -2.79
N ASP B 123 44.42 -22.33 -3.19
CA ASP B 123 45.58 -23.13 -3.55
C ASP B 123 46.03 -22.75 -4.95
N SER B 124 46.47 -21.52 -5.10
CA SER B 124 46.78 -20.95 -6.41
C SER B 124 48.19 -21.27 -6.89
N GLY B 125 48.45 -20.99 -8.16
CA GLY B 125 49.74 -21.18 -8.78
C GLY B 125 50.28 -19.86 -9.29
N PRO B 126 51.50 -19.88 -9.85
CA PRO B 126 52.22 -18.66 -10.26
C PRO B 126 51.57 -17.92 -11.42
N ASN B 127 50.77 -18.61 -12.22
CA ASN B 127 50.11 -17.98 -13.36
C ASN B 127 48.65 -17.61 -13.05
N ASP B 128 48.18 -17.96 -11.87
CA ASP B 128 46.80 -17.71 -11.51
C ASP B 128 46.52 -16.24 -11.19
N HIS B 129 45.27 -15.85 -11.33
CA HIS B 129 44.82 -14.51 -10.96
C HIS B 129 43.84 -14.61 -9.82
N ILE B 130 43.97 -13.70 -8.84
CA ILE B 130 43.13 -13.72 -7.66
C ILE B 130 42.31 -12.43 -7.57
N PHE B 131 41.08 -12.54 -7.08
CA PHE B 131 40.20 -11.38 -6.92
C PHE B 131 39.51 -11.41 -5.57
N ILE B 132 39.89 -10.47 -4.71
CA ILE B 132 39.31 -10.37 -3.37
C ILE B 132 38.29 -9.24 -3.31
N PHE B 133 37.14 -9.52 -2.70
CA PHE B 133 36.09 -8.53 -2.54
C PHE B 133 35.55 -8.55 -1.12
N TYR B 134 35.67 -7.43 -0.42
CA TYR B 134 35.19 -7.31 0.96
C TYR B 134 34.10 -6.25 1.05
N SER B 135 33.07 -6.55 1.81
CA SER B 135 32.00 -5.59 2.04
C SER B 135 31.40 -5.70 3.44
N HIS B 137 31.47 -3.58 7.36
CA HIS B 137 31.72 -2.33 8.08
C HIS B 137 33.21 -2.10 8.22
N GLY B 138 33.57 -0.96 8.77
CA GLY B 138 34.98 -0.67 8.99
C GLY B 138 35.20 0.67 9.67
N GLY B 139 36.44 0.92 10.04
CA GLY B 139 36.85 2.20 10.58
C GLY B 139 38.26 2.44 10.11
N PRO B 140 38.88 3.54 10.56
CA PRO B 140 40.27 3.80 10.18
C PRO B 140 41.19 2.66 10.62
N GLY B 141 41.81 1.99 9.65
CA GLY B 141 42.80 0.97 9.93
C GLY B 141 42.22 -0.35 10.43
N VAL B 142 40.92 -0.55 10.27
CA VAL B 142 40.29 -1.78 10.74
C VAL B 142 39.05 -2.14 9.92
N LEU B 143 38.87 -3.43 9.66
CA LEU B 143 37.68 -3.93 9.00
C LEU B 143 36.94 -4.86 9.93
N GLY B 144 35.60 -4.79 9.92
CA GLY B 144 34.81 -5.58 10.84
C GLY B 144 34.70 -7.04 10.44
N MET B 145 34.44 -7.89 11.43
CA MET B 145 34.14 -9.30 11.20
C MET B 145 32.96 -9.67 12.07
N PRO B 146 32.16 -10.66 11.63
CA PRO B 146 31.03 -11.09 12.46
C PRO B 146 31.49 -11.83 13.71
N THR B 147 32.78 -12.11 13.80
CA THR B 147 33.37 -12.70 14.98
C THR B 147 34.48 -11.80 15.50
N SER B 148 34.95 -12.09 16.71
CA SER B 148 36.10 -11.39 17.28
C SER B 148 37.33 -12.30 17.18
N PRO B 149 38.51 -11.72 16.91
CA PRO B 149 38.80 -10.28 16.82
C PRO B 149 38.53 -9.69 15.44
N TYR B 150 38.71 -8.38 15.30
CA TYR B 150 38.47 -7.72 14.02
C TYR B 150 39.70 -7.76 13.13
N LEU B 151 39.51 -7.39 11.86
CA LEU B 151 40.57 -7.43 10.87
C LEU B 151 41.32 -6.10 10.83
N TYR B 152 42.59 -6.14 11.18
CA TYR B 152 43.41 -4.93 11.21
C TYR B 152 44.27 -4.80 9.95
N ALA B 153 44.43 -3.57 9.48
CA ALA B 153 45.09 -3.29 8.21
C ALA B 153 46.47 -3.93 8.09
N ASN B 154 47.26 -3.84 9.16
CA ASN B 154 48.63 -4.36 9.13
C ASN B 154 48.66 -5.87 8.90
N ASP B 155 47.78 -6.59 9.59
CA ASP B 155 47.72 -8.05 9.45
C ASP B 155 47.28 -8.44 8.06
N LEU B 156 46.39 -7.63 7.47
CA LEU B 156 45.89 -7.88 6.13
C LEU B 156 46.98 -7.65 5.10
N ASN B 157 47.76 -6.59 5.29
CA ASN B 157 48.85 -6.31 4.37
C ASN B 157 49.98 -7.31 4.53
N ASP B 158 50.18 -7.79 5.75
CA ASP B 158 51.22 -8.79 6.02
C ASP B 158 50.92 -10.11 5.34
N VAL B 159 49.66 -10.52 5.32
CA VAL B 159 49.30 -11.78 4.68
C VAL B 159 49.37 -11.62 3.16
N LEU B 160 49.07 -10.43 2.66
CA LEU B 160 49.22 -10.15 1.23
C LEU B 160 50.70 -10.16 0.86
N LYS B 161 51.52 -9.59 1.73
CA LYS B 161 52.96 -9.60 1.57
C LYS B 161 53.47 -11.03 1.59
N LYS B 162 53.00 -11.79 2.58
CA LYS B 162 53.41 -13.18 2.78
C LYS B 162 52.96 -14.04 1.61
N LYS B 163 51.83 -13.69 1.01
CA LYS B 163 51.31 -14.39 -0.15
C LYS B 163 52.23 -14.16 -1.36
N HIS B 164 52.70 -12.93 -1.52
CA HIS B 164 53.56 -12.56 -2.63
C HIS B 164 54.91 -13.25 -2.54
N ALA B 165 55.45 -13.33 -1.32
CA ALA B 165 56.73 -13.98 -1.09
C ALA B 165 56.72 -15.42 -1.58
N LEU B 166 55.59 -16.08 -1.42
CA LEU B 166 55.41 -17.44 -1.90
C LEU B 166 55.44 -17.50 -3.42
N GLY B 167 55.23 -16.35 -4.06
CA GLY B 167 55.23 -16.26 -5.51
C GLY B 167 54.18 -17.16 -6.13
N THR B 168 53.04 -17.24 -5.47
CA THR B 168 52.00 -18.20 -5.83
C THR B 168 50.81 -17.55 -6.54
N TYR B 169 51.09 -16.48 -7.28
CA TYR B 169 50.09 -15.81 -8.10
C TYR B 169 50.75 -14.80 -9.04
N LYS B 170 50.13 -14.54 -10.18
CA LYS B 170 50.67 -13.57 -11.13
C LYS B 170 50.21 -12.16 -10.74
N SER B 171 48.90 -11.97 -10.62
CA SER B 171 48.33 -10.69 -10.24
C SER B 171 47.12 -10.85 -9.32
N LEU B 172 46.86 -9.85 -8.49
CA LEU B 172 45.75 -9.91 -7.55
C LEU B 172 45.02 -8.57 -7.46
N VAL B 173 43.69 -8.62 -7.50
CA VAL B 173 42.87 -7.42 -7.41
C VAL B 173 42.06 -7.42 -6.10
N PHE B 174 41.93 -6.24 -5.48
CA PHE B 174 41.24 -6.13 -4.21
C PHE B 174 40.22 -4.99 -4.25
N TYR B 175 38.94 -5.34 -4.20
CA TYR B 175 37.88 -4.34 -4.06
C TYR B 175 37.42 -4.26 -2.61
N LEU B 176 37.42 -3.06 -2.07
CA LEU B 176 37.08 -2.87 -0.66
C LEU B 176 35.92 -1.90 -0.45
N GLU B 177 34.88 -2.37 0.24
CA GLU B 177 33.74 -1.54 0.59
C GLU B 177 33.66 -1.40 2.11
N ALA B 178 34.00 -0.21 2.62
CA ALA B 178 33.96 0.05 4.05
C ALA B 178 34.15 1.53 4.37
N GLU B 180 36.03 4.65 5.73
CA GLU B 180 37.45 5.01 5.76
C GLU B 180 38.31 3.89 5.16
N SER B 181 37.84 3.33 4.05
CA SER B 181 38.48 2.18 3.41
C SER B 181 39.94 2.43 3.05
N GLY B 182 40.26 3.67 2.70
CA GLY B 182 41.60 4.02 2.28
C GLY B 182 42.65 3.70 3.33
N SER B 183 42.26 3.88 4.59
CA SER B 183 43.16 3.65 5.73
C SER B 183 43.69 2.22 5.80
N ILE B 184 43.02 1.30 5.11
CA ILE B 184 43.42 -0.10 5.14
C ILE B 184 44.67 -0.34 4.29
N PHE B 185 44.86 0.50 3.28
CA PHE B 185 45.99 0.33 2.36
C PHE B 185 46.94 1.53 2.39
N GLU B 186 46.45 2.68 2.85
CA GLU B 186 47.25 3.90 2.84
C GLU B 186 48.40 3.81 3.83
N GLY B 187 49.63 3.72 3.30
CA GLY B 187 50.82 3.69 4.13
C GLY B 187 51.33 2.28 4.39
N LEU B 188 50.53 1.28 4.05
CA LEU B 188 50.90 -0.10 4.31
C LEU B 188 51.15 -0.88 3.01
N LEU B 189 50.22 -0.75 2.07
CA LEU B 189 50.25 -1.52 0.84
C LEU B 189 51.25 -0.94 -0.15
N PRO B 190 52.38 -1.64 -0.36
CA PRO B 190 53.46 -1.16 -1.22
C PRO B 190 53.33 -1.58 -2.68
N GLU B 191 54.17 -1.02 -3.54
CA GLU B 191 54.23 -1.42 -4.94
C GLU B 191 55.19 -2.60 -5.10
N GLY B 192 55.07 -3.31 -6.22
CA GLY B 192 55.96 -4.41 -6.52
C GLY B 192 55.47 -5.74 -5.97
N LEU B 193 54.25 -5.75 -5.45
CA LEU B 193 53.63 -6.98 -4.98
C LEU B 193 52.67 -7.56 -6.00
N ASN B 194 52.57 -6.90 -7.16
CA ASN B 194 51.63 -7.28 -8.21
C ASN B 194 50.20 -7.29 -7.67
N ILE B 195 49.89 -6.32 -6.82
CA ILE B 195 48.57 -6.18 -6.24
C ILE B 195 47.97 -4.82 -6.57
N TYR B 196 46.72 -4.83 -7.03
CA TYR B 196 46.00 -3.59 -7.33
C TYR B 196 44.72 -3.54 -6.52
N ALA B 197 44.60 -2.52 -5.67
CA ALA B 197 43.45 -2.40 -4.78
C ALA B 197 42.71 -1.09 -4.98
N THR B 198 41.38 -1.16 -4.98
CA THR B 198 40.55 0.03 -4.99
C THR B 198 39.66 0.05 -3.75
N THR B 199 39.40 1.24 -3.24
CA THR B 199 38.62 1.39 -2.02
C THR B 199 37.45 2.34 -2.23
N ALA B 200 36.36 2.07 -1.51
CA ALA B 200 35.11 2.83 -1.68
C ALA B 200 35.23 4.26 -1.19
N SER B 201 36.30 4.55 -0.45
CA SER B 201 36.51 5.88 0.10
C SER B 201 37.97 6.09 0.48
N ASN B 202 38.33 7.32 0.81
CA ASN B 202 39.66 7.59 1.32
C ASN B 202 39.74 7.22 2.80
N ALA B 203 40.80 7.63 3.47
CA ALA B 203 41.04 7.21 4.85
C ALA B 203 40.32 8.11 5.85
N GLU B 204 39.41 8.94 5.36
CA GLU B 204 38.82 9.99 6.19
C GLU B 204 37.31 10.13 6.02
N GLU B 205 36.80 9.67 4.87
CA GLU B 205 35.37 9.81 4.57
C GLU B 205 34.65 8.48 4.68
N SER B 206 33.35 8.50 4.38
CA SER B 206 32.48 7.37 4.68
C SER B 206 32.06 6.56 3.46
N SER B 207 31.58 5.34 3.72
CA SER B 207 31.01 4.48 2.68
C SER B 207 29.50 4.56 2.73
N TRP B 208 28.84 4.26 1.61
CA TRP B 208 27.40 4.44 1.51
C TRP B 208 26.65 3.17 1.17
N GLY B 209 25.53 2.95 1.86
CA GLY B 209 24.58 1.94 1.46
C GLY B 209 23.67 2.54 0.40
N THR B 210 23.19 1.70 -0.51
CA THR B 210 22.24 2.16 -1.53
C THR B 210 21.02 1.25 -1.50
N TYR B 211 19.97 1.67 -2.20
CA TYR B 211 18.70 0.93 -2.22
C TYR B 211 18.15 0.78 -0.81
N CYS B 212 18.11 1.89 -0.08
CA CYS B 212 17.58 1.90 1.28
C CYS B 212 16.12 2.36 1.27
N PRO B 213 15.36 2.04 2.33
CA PRO B 213 13.95 2.45 2.38
C PRO B 213 13.76 3.97 2.31
N GLY B 214 14.38 4.68 3.24
CA GLY B 214 14.24 6.13 3.31
C GLY B 214 14.78 6.82 2.06
N GLU B 215 15.71 6.17 1.38
CA GLU B 215 16.30 6.72 0.17
C GLU B 215 15.31 6.72 -0.98
N GLU B 216 14.92 7.92 -1.40
CA GLU B 216 13.96 8.10 -2.48
C GLU B 216 14.40 7.50 -3.84
N PRO B 217 15.72 7.55 -4.16
CA PRO B 217 16.10 6.93 -5.44
C PRO B 217 15.93 5.42 -5.48
N SER B 218 14.81 4.95 -6.02
CA SER B 218 14.52 3.52 -6.17
C SER B 218 14.65 2.76 -4.86
N PRO B 219 13.68 2.93 -3.95
CA PRO B 219 13.68 2.18 -2.70
C PRO B 219 13.28 0.72 -2.88
N PRO B 220 13.51 -0.11 -1.85
CA PRO B 220 13.06 -1.50 -1.87
C PRO B 220 11.55 -1.50 -1.63
N PRO B 221 10.83 -2.48 -2.17
CA PRO B 221 9.37 -2.50 -2.07
C PRO B 221 8.78 -2.65 -0.66
N GLU B 222 9.21 -3.63 0.13
CA GLU B 222 8.68 -3.78 1.49
C GLU B 222 9.79 -4.03 2.48
N TYR B 223 11.01 -4.21 1.95
CA TYR B 223 12.19 -4.41 2.76
C TYR B 223 12.49 -3.20 3.66
N GLU B 224 12.74 -3.48 4.93
CA GLU B 224 13.03 -2.42 5.89
C GLU B 224 14.53 -2.35 6.18
N THR B 225 15.32 -2.59 5.14
CA THR B 225 16.78 -2.52 5.24
C THR B 225 17.38 -2.32 3.85
N CYS B 226 18.62 -1.82 3.81
CA CYS B 226 19.28 -1.55 2.54
C CYS B 226 19.68 -2.85 1.83
N LEU B 227 19.56 -2.86 0.51
CA LEU B 227 19.80 -4.07 -0.27
C LEU B 227 21.25 -4.22 -0.71
N GLY B 228 21.95 -3.10 -0.83
CA GLY B 228 23.33 -3.13 -1.29
C GLY B 228 24.11 -1.89 -0.89
N ASP B 229 25.35 -1.80 -1.39
CA ASP B 229 26.21 -0.66 -1.08
C ASP B 229 26.67 -0.02 -2.39
N LEU B 230 26.79 1.30 -2.37
CA LEU B 230 27.00 2.09 -3.59
C LEU B 230 28.20 1.64 -4.41
N TYR B 231 29.37 1.63 -3.80
CA TYR B 231 30.60 1.23 -4.49
C TYR B 231 30.52 -0.21 -4.98
N SER B 232 29.97 -1.08 -4.14
CA SER B 232 29.85 -2.50 -4.48
C SER B 232 28.90 -2.70 -5.64
N VAL B 233 27.69 -2.17 -5.50
CA VAL B 233 26.66 -2.27 -6.52
C VAL B 233 27.11 -1.69 -7.86
N ALA B 234 27.93 -0.64 -7.78
CA ALA B 234 28.39 0.05 -8.98
C ALA B 234 29.21 -0.84 -9.90
N TRP B 235 30.22 -1.51 -9.34
CA TRP B 235 31.13 -2.32 -10.14
C TRP B 235 30.48 -3.64 -10.55
N MET B 236 29.62 -4.18 -9.70
CA MET B 236 28.94 -5.44 -9.99
C MET B 236 27.91 -5.29 -11.10
N GLU B 237 27.14 -4.20 -11.05
CA GLU B 237 26.16 -3.93 -12.08
C GLU B 237 26.84 -3.59 -13.40
N ASP B 238 28.00 -2.94 -13.30
CA ASP B 238 28.78 -2.60 -14.48
C ASP B 238 29.36 -3.84 -15.15
N SER B 239 29.93 -4.73 -14.33
CA SER B 239 30.55 -5.95 -14.84
C SER B 239 29.49 -6.96 -15.30
N GLY B 240 28.23 -6.72 -14.94
CA GLY B 240 27.16 -7.63 -15.27
C GLY B 240 26.51 -7.36 -16.62
N MET B 241 26.76 -6.18 -17.17
CA MET B 241 26.09 -5.76 -18.40
C MET B 241 27.04 -5.60 -19.59
N HIS B 242 28.35 -5.56 -19.32
CA HIS B 242 29.34 -5.35 -20.37
C HIS B 242 30.09 -6.63 -20.74
N ASN B 243 30.86 -6.56 -21.82
CA ASN B 243 31.83 -7.59 -22.14
C ASN B 243 33.14 -7.25 -21.44
N LEU B 244 33.56 -8.12 -20.54
CA LEU B 244 34.71 -7.85 -19.69
C LEU B 244 36.05 -8.11 -20.40
N GLN B 245 35.97 -8.39 -21.70
CA GLN B 245 37.16 -8.47 -22.54
C GLN B 245 37.45 -7.11 -23.16
N THR B 246 36.43 -6.27 -23.22
CA THR B 246 36.55 -4.92 -23.76
C THR B 246 36.98 -3.93 -22.69
N GLU B 247 36.41 -4.09 -21.49
CA GLU B 247 36.64 -3.14 -20.39
C GLU B 247 37.87 -3.52 -19.57
N THR B 248 38.59 -2.52 -19.09
CA THR B 248 39.77 -2.71 -18.26
C THR B 248 39.49 -2.30 -16.82
N LEU B 249 40.44 -2.59 -15.93
CA LEU B 249 40.30 -2.22 -14.53
C LEU B 249 40.25 -0.71 -14.33
N HIS B 250 41.09 0.00 -15.06
CA HIS B 250 41.14 1.46 -14.96
C HIS B 250 39.81 2.09 -15.36
N GLN B 251 39.21 1.57 -16.43
CA GLN B 251 37.96 2.10 -16.93
C GLN B 251 36.82 1.93 -15.92
N GLN B 252 36.82 0.80 -15.22
CA GLN B 252 35.80 0.53 -14.21
C GLN B 252 36.04 1.40 -12.98
N TYR B 253 37.32 1.61 -12.65
CA TYR B 253 37.69 2.44 -11.51
C TYR B 253 37.17 3.86 -11.70
N GLU B 254 37.31 4.39 -12.91
CA GLU B 254 36.82 5.72 -13.24
C GLU B 254 35.31 5.74 -13.25
N LEU B 255 34.69 4.63 -13.63
CA LEU B 255 33.24 4.53 -13.70
C LEU B 255 32.63 4.53 -12.31
N VAL B 256 33.23 3.75 -11.41
CA VAL B 256 32.76 3.66 -10.04
C VAL B 256 33.06 4.95 -9.29
N LYS B 257 34.20 5.57 -9.61
CA LYS B 257 34.58 6.83 -8.99
C LYS B 257 33.53 7.90 -9.22
N ARG B 258 33.10 8.03 -10.47
CA ARG B 258 32.15 9.07 -10.86
C ARG B 258 30.75 8.82 -10.30
N ARG B 259 30.33 7.56 -10.29
CA ARG B 259 29.00 7.21 -9.78
C ARG B 259 28.92 7.40 -8.26
N THR B 260 30.04 7.14 -7.58
CA THR B 260 30.10 7.25 -6.13
C THR B 260 30.31 8.71 -5.71
N ALA B 261 30.98 9.47 -6.58
CA ALA B 261 31.37 10.85 -6.26
C ALA B 261 30.16 11.74 -5.98
N PRO B 262 30.39 12.88 -5.29
CA PRO B 262 29.31 13.84 -5.05
C PRO B 262 28.70 14.35 -6.35
N VAL B 263 27.40 14.62 -6.34
CA VAL B 263 26.72 15.14 -7.52
C VAL B 263 27.01 16.63 -7.71
N GLY B 264 27.25 17.32 -6.60
CA GLY B 264 27.49 18.75 -6.62
C GLY B 264 26.81 19.39 -5.44
N TYR B 265 27.60 20.09 -4.61
CA TYR B 265 27.11 20.72 -3.39
C TYR B 265 26.49 19.69 -2.44
N SER B 266 26.82 18.42 -2.66
CA SER B 266 26.28 17.33 -1.86
C SER B 266 27.39 16.56 -1.17
N TYR B 267 27.40 15.24 -1.36
CA TYR B 267 28.39 14.39 -0.71
C TYR B 267 28.41 12.98 -1.30
N GLY B 268 29.62 12.42 -1.37
CA GLY B 268 29.82 11.07 -1.85
C GLY B 268 31.07 10.48 -1.24
N SER B 269 31.86 9.79 -2.06
CA SER B 269 33.11 9.22 -1.60
C SER B 269 34.12 9.18 -2.74
N HIS B 270 35.32 9.68 -2.47
CA HIS B 270 36.41 9.59 -3.45
C HIS B 270 36.94 8.17 -3.48
N VAL B 271 36.67 7.47 -4.58
CA VAL B 271 37.19 6.12 -4.78
C VAL B 271 38.69 6.16 -5.04
N MET B 272 39.45 5.51 -4.17
CA MET B 272 40.91 5.55 -4.25
C MET B 272 41.47 4.27 -4.86
N GLN B 273 42.71 4.33 -5.35
CA GLN B 273 43.39 3.16 -5.87
C GLN B 273 44.81 3.09 -5.32
N TYR B 274 45.29 1.86 -5.10
CA TYR B 274 46.60 1.65 -4.50
C TYR B 274 47.33 0.50 -5.17
N GLY B 275 48.62 0.37 -4.84
CA GLY B 275 49.44 -0.70 -5.37
C GLY B 275 50.00 -0.44 -6.73
N ASP B 276 50.13 -1.50 -7.53
CA ASP B 276 50.67 -1.38 -8.87
C ASP B 276 49.57 -0.94 -9.84
N VAL B 277 49.56 0.34 -10.15
CA VAL B 277 48.56 0.92 -11.03
C VAL B 277 48.68 0.35 -12.44
N GLY B 278 49.89 -0.05 -12.81
CA GLY B 278 50.16 -0.62 -14.12
C GLY B 278 49.32 -1.85 -14.40
N ILE B 279 48.96 -2.57 -13.33
CA ILE B 279 48.12 -3.76 -13.45
C ILE B 279 46.72 -3.39 -13.91
N SER B 280 46.32 -2.14 -13.69
CA SER B 280 44.97 -1.69 -14.01
C SER B 280 44.73 -1.60 -15.52
N LYS B 281 45.77 -1.86 -16.31
CA LYS B 281 45.65 -1.89 -17.76
C LYS B 281 45.08 -3.23 -18.23
N ASP B 282 45.14 -4.22 -17.34
CA ASP B 282 44.60 -5.55 -17.63
C ASP B 282 43.10 -5.48 -17.89
N ASN B 283 42.59 -6.45 -18.66
CA ASN B 283 41.16 -6.57 -18.88
C ASN B 283 40.49 -7.25 -17.70
N LEU B 284 39.22 -6.94 -17.47
CA LEU B 284 38.48 -7.47 -16.33
C LEU B 284 38.29 -8.98 -16.40
N ASP B 285 38.31 -9.54 -17.59
CA ASP B 285 38.04 -10.97 -17.76
C ASP B 285 39.19 -11.82 -17.24
N LEU B 286 40.35 -11.21 -17.06
CA LEU B 286 41.49 -11.92 -16.48
C LEU B 286 41.22 -12.32 -15.04
N TYR B 287 40.31 -11.57 -14.41
CA TYR B 287 39.98 -11.80 -13.00
C TYR B 287 38.52 -12.23 -12.84
N MET B 288 37.63 -11.55 -13.56
CA MET B 288 36.19 -11.76 -13.37
C MET B 288 35.60 -12.68 -14.42
N GLY B 289 36.37 -12.97 -15.46
CA GLY B 289 35.85 -13.74 -16.59
C GLY B 289 34.88 -12.89 -17.36
N THR B 290 34.01 -13.52 -18.16
CA THR B 290 33.03 -12.75 -18.92
C THR B 290 31.77 -13.55 -19.31
N ASN B 291 30.63 -12.85 -19.32
CA ASN B 291 29.36 -13.43 -19.75
C ASN B 291 29.28 -13.39 -21.27
N PRO B 292 28.93 -14.52 -21.89
CA PRO B 292 28.83 -14.64 -23.34
C PRO B 292 28.07 -13.48 -24.02
N ALA B 293 27.20 -12.76 -23.30
CA ALA B 293 26.56 -11.59 -23.88
C ALA B 293 27.58 -10.46 -24.06
N ASN B 294 27.88 -10.13 -25.31
CA ASN B 294 28.96 -9.20 -25.64
C ASN B 294 28.50 -7.79 -25.96
N ASP B 295 28.78 -6.86 -25.04
CA ASP B 295 28.57 -5.43 -25.29
C ASP B 295 29.88 -4.68 -25.04
N ASN B 296 30.18 -3.73 -25.91
CA ASN B 296 31.43 -2.99 -25.82
C ASN B 296 31.37 -1.82 -24.84
N PHE B 297 32.49 -1.13 -24.69
CA PHE B 297 32.60 -0.02 -23.75
C PHE B 297 33.39 1.14 -24.34
N VAL B 311 22.41 8.62 0.14
CA VAL B 311 22.27 9.57 1.24
C VAL B 311 22.20 8.85 2.58
N THR B 312 22.87 7.71 2.68
CA THR B 312 22.89 6.93 3.90
C THR B 312 24.24 6.21 4.07
N ASN B 313 24.99 6.59 5.10
CA ASN B 313 26.26 5.94 5.37
C ASN B 313 26.06 4.63 6.15
N GLN B 314 27.13 3.86 6.26
CA GLN B 314 27.08 2.52 6.86
C GLN B 314 26.60 2.54 8.31
N ARG B 315 27.02 3.55 9.07
CA ARG B 315 26.76 3.59 10.51
C ARG B 315 25.34 4.02 10.85
N ASP B 316 24.68 4.69 9.91
CA ASP B 316 23.27 5.06 10.09
C ASP B 316 22.36 4.05 9.42
N ALA B 317 22.91 3.32 8.45
CA ALA B 317 22.16 2.30 7.72
C ALA B 317 21.61 1.23 8.66
N ASP B 318 22.31 1.03 9.78
CA ASP B 318 21.84 0.11 10.81
C ASP B 318 20.63 0.69 11.51
N LEU B 319 20.60 2.01 11.63
CA LEU B 319 19.54 2.70 12.35
C LEU B 319 18.31 2.96 11.50
N VAL B 320 18.49 3.15 10.20
CA VAL B 320 17.36 3.38 9.31
C VAL B 320 16.47 2.13 9.27
N HIS B 321 17.07 0.97 9.52
CA HIS B 321 16.31 -0.27 9.61
C HIS B 321 15.39 -0.25 10.82
N PHE B 322 15.97 0.05 11.98
CA PHE B 322 15.22 0.10 13.23
C PHE B 322 14.12 1.14 13.18
N TRP B 323 14.42 2.30 12.60
CA TRP B 323 13.44 3.36 12.47
C TRP B 323 12.31 2.98 11.53
N GLU B 324 12.66 2.47 10.35
CA GLU B 324 11.67 2.07 9.36
C GLU B 324 10.81 0.94 9.90
N LYS B 325 11.45 0.02 10.62
CA LYS B 325 10.74 -1.09 11.25
C LYS B 325 9.74 -0.57 12.26
N TYR B 326 10.17 0.40 13.07
CA TYR B 326 9.29 1.03 14.04
C TYR B 326 8.17 1.81 13.37
N ARG B 327 8.52 2.56 12.34
CA ARG B 327 7.60 3.44 11.67
C ARG B 327 6.48 2.67 10.96
N LYS B 328 6.85 1.55 10.33
CA LYS B 328 5.90 0.78 9.54
C LYS B 328 5.14 -0.27 10.37
N ALA B 329 5.50 -0.39 11.65
CA ALA B 329 4.82 -1.32 12.54
C ALA B 329 3.49 -0.74 13.02
N PRO B 330 2.50 -1.62 13.30
CA PRO B 330 1.22 -1.18 13.86
C PRO B 330 1.40 -0.46 15.20
N GLU B 331 0.56 0.52 15.48
CA GLU B 331 0.78 1.44 16.60
C GLU B 331 0.77 0.76 17.97
N GLY B 332 0.13 -0.40 18.05
CA GLY B 332 -0.01 -1.09 19.32
C GLY B 332 0.72 -2.41 19.38
N SER B 333 1.39 -2.78 18.28
CA SER B 333 2.02 -4.08 18.17
C SER B 333 3.26 -4.22 19.05
N ALA B 334 3.58 -5.45 19.43
CA ALA B 334 4.80 -5.76 20.15
C ALA B 334 6.02 -5.57 19.24
N ARG B 335 5.76 -5.56 17.94
CA ARG B 335 6.79 -5.30 16.95
C ARG B 335 7.27 -3.85 17.03
N LYS B 336 6.31 -2.93 17.16
CA LYS B 336 6.64 -1.51 17.26
C LYS B 336 7.43 -1.23 18.53
N THR B 337 7.09 -1.94 19.59
CA THR B 337 7.78 -1.79 20.87
C THR B 337 9.20 -2.34 20.78
N GLU B 338 9.34 -3.48 20.12
CA GLU B 338 10.65 -4.10 19.94
C GLU B 338 11.56 -3.19 19.12
N ALA B 339 11.03 -2.68 18.02
CA ALA B 339 11.76 -1.75 17.17
C ALA B 339 12.14 -0.49 17.96
N GLN B 340 11.20 -0.04 18.79
CA GLN B 340 11.41 1.14 19.62
C GLN B 340 12.58 0.93 20.57
N LYS B 341 12.66 -0.26 21.15
CA LYS B 341 13.73 -0.60 22.07
C LYS B 341 15.06 -0.73 21.33
N GLN B 342 15.01 -1.25 20.12
CA GLN B 342 16.19 -1.38 19.28
C GLN B 342 16.79 -0.01 18.99
N VAL B 343 15.95 0.96 18.64
CA VAL B 343 16.40 2.32 18.41
C VAL B 343 17.04 2.88 19.69
N LEU B 344 16.43 2.56 20.82
CA LEU B 344 16.90 3.06 22.11
C LEU B 344 18.28 2.52 22.46
N GLU B 345 18.44 1.21 22.39
CA GLU B 345 19.70 0.57 22.78
C GLU B 345 20.81 0.81 21.78
N ALA B 346 20.44 1.04 20.52
CA ALA B 346 21.41 1.35 19.48
C ALA B 346 22.00 2.74 19.71
N MET B 347 21.13 3.71 19.88
CA MET B 347 21.55 5.09 20.07
C MET B 347 22.15 5.32 21.46
N SER B 348 21.68 4.55 22.44
CA SER B 348 22.23 4.65 23.80
C SER B 348 23.67 4.14 23.80
N HIS B 349 23.91 3.08 23.06
CA HIS B 349 25.23 2.49 22.95
C HIS B 349 26.23 3.48 22.37
N ARG B 350 25.90 4.00 21.19
CA ARG B 350 26.83 4.88 20.50
C ARG B 350 27.04 6.20 21.24
N LEU B 351 26.04 6.62 22.00
CA LEU B 351 26.20 7.79 22.85
C LEU B 351 27.21 7.51 23.94
N HIS B 352 27.13 6.30 24.51
CA HIS B 352 28.03 5.88 25.58
C HIS B 352 29.46 5.77 25.07
N ILE B 353 29.63 5.12 23.92
CA ILE B 353 30.94 4.96 23.31
C ILE B 353 31.56 6.32 23.03
N ASP B 354 30.80 7.18 22.37
CA ASP B 354 31.28 8.51 22.01
C ASP B 354 31.77 9.28 23.22
N ASN B 355 30.94 9.33 24.27
CA ASN B 355 31.31 10.04 25.49
C ASN B 355 32.52 9.40 26.17
N SER B 356 32.59 8.08 26.13
CA SER B 356 33.70 7.34 26.76
C SER B 356 35.03 7.66 26.06
N VAL B 357 35.02 7.61 24.74
CA VAL B 357 36.22 7.89 23.95
C VAL B 357 36.72 9.31 24.22
N ILE B 358 35.82 10.27 24.15
CA ILE B 358 36.16 11.67 24.40
C ILE B 358 36.72 11.86 25.81
N LEU B 359 36.03 11.28 26.80
CA LEU B 359 36.41 11.43 28.20
C LEU B 359 37.81 10.88 28.47
N VAL B 360 38.13 9.74 27.85
CA VAL B 360 39.45 9.15 27.97
C VAL B 360 40.53 10.11 27.49
N GLY B 361 40.29 10.74 26.34
CA GLY B 361 41.20 11.72 25.79
C GLY B 361 41.42 12.87 26.75
N LYS B 362 40.33 13.40 27.30
CA LYS B 362 40.39 14.49 28.26
C LYS B 362 41.24 14.12 29.46
N ILE B 363 41.12 12.88 29.92
CA ILE B 363 41.91 12.39 31.05
C ILE B 363 43.39 12.35 30.70
N LEU B 364 43.71 11.79 29.53
CA LEU B 364 45.10 11.56 29.15
C LEU B 364 45.85 12.84 28.78
N PHE B 365 45.17 13.74 28.08
CA PHE B 365 45.84 14.91 27.51
C PHE B 365 45.30 16.24 28.02
N GLY B 366 44.29 16.20 28.88
CA GLY B 366 43.70 17.42 29.40
C GLY B 366 42.49 17.86 28.58
N ILE B 367 41.76 18.84 29.09
CA ILE B 367 40.52 19.28 28.47
C ILE B 367 40.75 19.79 27.05
N SER B 368 41.72 20.67 26.90
CA SER B 368 41.99 21.31 25.61
C SER B 368 42.63 20.33 24.61
N ARG B 369 43.77 19.77 24.99
CA ARG B 369 44.56 18.96 24.07
C ARG B 369 43.93 17.62 23.75
N GLY B 370 42.95 17.21 24.57
CA GLY B 370 42.29 15.93 24.37
C GLY B 370 41.79 15.73 22.96
N PRO B 371 40.71 16.43 22.59
CA PRO B 371 40.17 16.41 21.23
C PRO B 371 41.21 16.73 20.16
N GLU B 372 42.13 17.65 20.45
CA GLU B 372 43.18 18.01 19.50
C GLU B 372 44.02 16.81 19.09
N VAL B 373 44.47 16.04 20.07
CA VAL B 373 45.33 14.88 19.81
C VAL B 373 44.55 13.76 19.14
N LEU B 374 43.34 13.49 19.64
CA LEU B 374 42.56 12.35 19.17
C LEU B 374 42.01 12.54 17.76
N ASN B 375 41.63 13.78 17.45
CA ASN B 375 40.96 14.07 16.18
C ASN B 375 41.91 14.50 15.07
N LYS B 376 43.20 14.53 15.37
CA LYS B 376 44.19 14.91 14.36
C LYS B 376 44.28 13.84 13.29
N VAL B 377 44.23 14.28 12.03
CA VAL B 377 44.30 13.36 10.90
C VAL B 377 45.64 13.50 10.20
N ARG B 378 46.36 12.40 10.07
CA ARG B 378 47.65 12.39 9.38
C ARG B 378 47.48 12.67 7.90
N SER B 379 48.54 13.17 7.27
CA SER B 379 48.51 13.47 5.84
C SER B 379 48.29 12.18 5.05
N ALA B 380 47.60 12.28 3.92
CA ALA B 380 47.33 11.12 3.08
C ALA B 380 48.63 10.46 2.67
N GLY B 381 48.65 9.14 2.67
CA GLY B 381 49.85 8.38 2.35
C GLY B 381 50.52 7.87 3.61
N GLN B 382 50.24 8.52 4.74
CA GLN B 382 50.80 8.11 6.02
C GLN B 382 50.00 6.95 6.61
N PRO B 383 50.69 6.09 7.38
CA PRO B 383 49.97 5.01 8.07
C PRO B 383 49.17 5.56 9.26
N LEU B 384 48.11 4.87 9.64
CA LEU B 384 47.26 5.31 10.72
C LEU B 384 48.00 5.34 12.05
N VAL B 385 48.75 4.27 12.29
CA VAL B 385 49.46 4.12 13.55
C VAL B 385 50.86 3.54 13.30
N ASP B 386 51.81 3.91 14.16
CA ASP B 386 53.18 3.43 14.03
C ASP B 386 53.32 2.06 14.68
N ASP B 387 52.68 1.89 15.83
CA ASP B 387 52.68 0.63 16.56
C ASP B 387 51.29 0.01 16.52
N TRP B 388 51.13 -1.03 15.71
CA TRP B 388 49.84 -1.68 15.54
C TRP B 388 49.51 -2.60 16.70
N ASN B 389 50.54 -3.09 17.37
CA ASN B 389 50.34 -3.90 18.58
C ASN B 389 49.80 -3.03 19.70
N CYS B 390 50.29 -1.80 19.78
CA CYS B 390 49.79 -0.82 20.73
C CYS B 390 48.32 -0.56 20.50
N LEU B 391 47.94 -0.43 19.23
CA LEU B 391 46.55 -0.18 18.86
C LEU B 391 45.65 -1.31 19.35
N LYS B 392 46.03 -2.55 19.04
CA LYS B 392 45.28 -3.71 19.49
C LYS B 392 45.16 -3.75 21.01
N ASN B 393 46.30 -3.65 21.68
CA ASN B 393 46.36 -3.74 23.14
C ASN B 393 45.52 -2.67 23.84
N GLN B 394 45.60 -1.45 23.35
CA GLN B 394 44.90 -0.34 23.99
C GLN B 394 43.39 -0.39 23.73
N VAL B 395 43.00 -0.96 22.60
CA VAL B 395 41.59 -1.17 22.32
C VAL B 395 41.03 -2.18 23.30
N ARG B 396 41.80 -3.23 23.57
CA ARG B 396 41.43 -4.23 24.56
C ARG B 396 41.29 -3.61 25.94
N ALA B 397 42.25 -2.74 26.29
CA ALA B 397 42.23 -2.05 27.56
C ALA B 397 40.96 -1.20 27.71
N PHE B 398 40.59 -0.52 26.63
CA PHE B 398 39.39 0.30 26.61
C PHE B 398 38.15 -0.55 26.81
N GLU B 399 38.06 -1.64 26.05
CA GLU B 399 36.89 -2.51 26.06
C GLU B 399 36.69 -3.23 27.39
N ARG B 400 37.80 -3.45 28.11
CA ARG B 400 37.73 -4.14 29.39
C ARG B 400 36.91 -3.36 30.41
N HIS B 401 36.78 -2.06 30.19
CA HIS B 401 36.09 -1.20 31.14
C HIS B 401 34.86 -0.54 30.51
N CYS B 402 34.98 -0.16 29.24
CA CYS B 402 33.90 0.57 28.56
C CYS B 402 33.01 -0.32 27.71
N GLY B 403 33.33 -1.62 27.67
CA GLY B 403 32.55 -2.54 26.88
C GLY B 403 32.97 -2.55 25.43
N SER B 404 32.43 -3.49 24.67
CA SER B 404 32.78 -3.63 23.25
C SER B 404 32.42 -2.39 22.45
N LEU B 405 33.22 -2.11 21.42
CA LEU B 405 32.97 -0.97 20.54
C LEU B 405 31.79 -1.22 19.60
N SER B 406 31.54 -2.51 19.33
CA SER B 406 30.62 -2.91 18.26
C SER B 406 31.18 -2.44 16.92
N GLN B 407 30.45 -2.71 15.84
CA GLN B 407 30.92 -2.30 14.53
C GLN B 407 30.70 -0.81 14.30
N TYR B 408 30.01 -0.16 15.25
CA TYR B 408 29.92 1.29 15.23
C TYR B 408 31.17 1.93 15.83
N GLY B 409 31.56 1.47 17.01
CA GLY B 409 32.61 2.10 17.79
C GLY B 409 33.97 2.13 17.13
N ILE B 410 34.17 1.25 16.14
CA ILE B 410 35.46 1.19 15.45
C ILE B 410 35.69 2.45 14.62
N LYS B 411 34.68 3.32 14.55
CA LYS B 411 34.84 4.64 13.93
C LYS B 411 35.87 5.46 14.68
N HIS B 412 36.02 5.17 15.98
CA HIS B 412 36.92 5.91 16.84
C HIS B 412 38.33 5.34 16.86
N MET B 413 38.65 4.51 15.87
CA MET B 413 39.94 3.81 15.88
C MET B 413 41.11 4.77 15.68
N ARG B 414 40.87 5.88 14.98
CA ARG B 414 41.91 6.88 14.79
C ARG B 414 42.25 7.55 16.11
N SER B 415 41.25 7.70 16.98
CA SER B 415 41.47 8.23 18.32
C SER B 415 42.47 7.34 19.06
N PHE B 416 42.23 6.03 19.02
CA PHE B 416 43.11 5.08 19.66
C PHE B 416 44.48 5.06 19.00
N ALA B 417 44.50 5.22 17.68
CA ALA B 417 45.76 5.26 16.94
C ALA B 417 46.62 6.44 17.37
N ASN B 418 46.00 7.61 17.46
CA ASN B 418 46.71 8.82 17.85
C ASN B 418 47.19 8.75 19.29
N ILE B 419 46.46 8.02 20.13
CA ILE B 419 46.86 7.83 21.51
C ILE B 419 48.17 7.05 21.56
N CYS B 420 48.26 6.01 20.75
CA CYS B 420 49.47 5.21 20.65
C CYS B 420 50.61 6.05 20.08
N ASN B 421 50.31 6.82 19.04
CA ASN B 421 51.30 7.70 18.42
C ASN B 421 51.79 8.78 19.38
N ALA B 422 50.95 9.12 20.36
CA ALA B 422 51.28 10.14 21.35
C ALA B 422 52.18 9.60 22.45
N GLY B 423 52.49 8.31 22.39
CA GLY B 423 53.40 7.71 23.35
C GLY B 423 52.73 7.30 24.64
N ILE B 424 51.40 7.30 24.65
CA ILE B 424 50.66 6.84 25.82
C ILE B 424 50.93 5.35 26.03
N GLN B 425 51.11 4.98 27.29
CA GLN B 425 51.47 3.60 27.63
C GLN B 425 50.24 2.77 27.98
N MET B 426 50.44 1.46 28.07
CA MET B 426 49.35 0.51 28.31
C MET B 426 48.66 0.77 29.63
N GLU B 427 49.45 1.00 30.68
CA GLU B 427 48.91 1.19 32.02
C GLU B 427 48.09 2.48 32.11
N GLN B 428 48.51 3.50 31.36
CA GLN B 428 47.80 4.77 31.35
C GLN B 428 46.42 4.61 30.71
N MET B 429 46.35 3.86 29.62
CA MET B 429 45.08 3.58 28.97
C MET B 429 44.19 2.76 29.89
N GLU B 430 44.77 1.76 30.54
CA GLU B 430 44.03 0.91 31.45
C GLU B 430 43.38 1.71 32.57
N GLU B 431 44.14 2.64 33.15
CA GLU B 431 43.64 3.44 34.25
C GLU B 431 42.64 4.49 33.78
N ALA B 432 42.93 5.13 32.65
CA ALA B 432 42.05 6.13 32.09
C ALA B 432 40.70 5.52 31.72
N ALA B 433 40.74 4.28 31.23
CA ALA B 433 39.52 3.57 30.84
C ALA B 433 38.67 3.25 32.06
N SER B 434 39.33 2.81 33.14
CA SER B 434 38.63 2.45 34.36
C SER B 434 38.02 3.67 35.04
N GLN B 435 38.65 4.83 34.84
CA GLN B 435 38.14 6.08 35.39
C GLN B 435 36.94 6.56 34.59
N ALA B 436 37.03 6.46 33.27
CA ALA B 436 35.95 6.91 32.39
C ALA B 436 34.77 5.95 32.44
N CYS B 437 35.08 4.67 32.58
CA CYS B 437 34.05 3.64 32.64
C CYS B 437 34.17 2.82 33.92
N THR B 438 33.57 3.33 35.00
CA THR B 438 33.61 2.68 36.30
C THR B 438 32.93 1.31 36.25
N THR B 439 31.79 1.25 35.59
CA THR B 439 31.02 0.02 35.48
C THR B 439 30.77 -0.34 34.03
N LEU B 440 30.76 -1.65 33.74
CA LEU B 440 30.48 -2.14 32.40
C LEU B 440 29.05 -1.80 32.01
N PRO B 441 28.87 -1.14 30.85
CA PRO B 441 27.55 -0.69 30.42
C PRO B 441 26.64 -1.85 30.04
N THR B 442 25.36 -1.75 30.40
CA THR B 442 24.39 -2.77 30.07
C THR B 442 23.84 -2.58 28.67
N GLY B 443 23.98 -3.61 27.84
CA GLY B 443 23.47 -3.58 26.48
C GLY B 443 23.97 -4.75 25.67
N PRO B 444 23.25 -5.10 24.58
CA PRO B 444 23.65 -6.20 23.71
C PRO B 444 24.86 -5.84 22.84
N TRP B 445 25.09 -4.56 22.62
CA TRP B 445 26.20 -4.11 21.78
C TRP B 445 27.51 -4.04 22.56
N SER B 446 27.41 -3.78 23.86
CA SER B 446 28.58 -3.59 24.71
C SER B 446 29.00 -4.87 25.42
N SER B 447 28.49 -6.01 24.97
CA SER B 447 28.78 -7.29 25.59
C SER B 447 30.18 -7.78 25.24
N LEU B 448 30.86 -8.37 26.22
CA LEU B 448 32.20 -8.91 26.03
C LEU B 448 32.19 -10.43 25.91
N ASN B 449 31.00 -11.00 25.71
CA ASN B 449 30.83 -12.44 25.68
C ASN B 449 31.50 -13.11 24.47
N ARG B 450 31.62 -12.36 23.38
CA ARG B 450 32.17 -12.92 22.14
C ARG B 450 33.64 -12.57 21.94
N GLY B 451 34.20 -11.76 22.85
CA GLY B 451 35.61 -11.42 22.80
C GLY B 451 35.85 -9.95 22.52
N PHE B 452 37.13 -9.57 22.51
CA PHE B 452 37.52 -8.18 22.28
C PHE B 452 37.57 -7.87 20.79
N SER B 453 37.33 -6.61 20.45
CA SER B 453 37.39 -6.14 19.06
C SER B 453 38.83 -6.18 18.52
N ALA B 454 39.79 -6.37 19.42
CA ALA B 454 41.20 -6.41 19.05
C ALA B 454 41.83 -7.75 19.43
N SER C 16 -1.73 33.81 -45.98
CA SER C 16 -1.99 32.96 -44.82
C SER C 16 -3.41 33.15 -44.30
N GLY C 17 -3.84 32.26 -43.42
CA GLY C 17 -5.17 32.33 -42.85
C GLY C 17 -5.19 31.91 -41.39
N THR C 18 -6.37 31.97 -40.77
CA THR C 18 -6.49 31.60 -39.36
C THR C 18 -6.80 30.12 -39.19
N ARG C 19 -6.36 29.55 -38.08
CA ARG C 19 -6.52 28.13 -37.81
C ARG C 19 -7.59 27.85 -36.76
N TRP C 20 -8.62 27.09 -37.14
CA TRP C 20 -9.71 26.77 -36.24
C TRP C 20 -9.57 25.36 -35.68
N ALA C 21 -10.36 25.05 -34.66
CA ALA C 21 -10.35 23.72 -34.06
C ALA C 21 -11.64 23.42 -33.29
N VAL C 22 -12.12 22.19 -33.43
CA VAL C 22 -13.28 21.73 -32.67
C VAL C 22 -12.93 20.47 -31.90
N LEU C 23 -13.02 20.55 -30.58
CA LEU C 23 -12.69 19.42 -29.72
C LEU C 23 -13.94 18.88 -29.03
N VAL C 24 -14.20 17.59 -29.19
CA VAL C 24 -15.44 17.00 -28.70
C VAL C 24 -15.22 15.71 -27.91
N ALA C 25 -15.66 15.73 -26.65
CA ALA C 25 -15.72 14.51 -25.84
C ALA C 25 -17.18 14.08 -25.73
N GLY C 26 -17.49 12.91 -26.28
CA GLY C 26 -18.88 12.48 -26.41
C GLY C 26 -19.41 11.63 -25.28
N SER C 27 -18.74 11.67 -24.14
CA SER C 27 -19.13 10.83 -23.01
C SER C 27 -19.18 11.60 -21.70
N SER C 28 -19.73 10.95 -20.67
CA SER C 28 -19.78 11.52 -19.33
C SER C 28 -19.58 10.42 -18.30
N GLY C 29 -19.30 10.81 -17.07
CA GLY C 29 -19.08 9.85 -16.00
C GLY C 29 -17.60 9.66 -15.73
N TYR C 30 -17.26 9.40 -14.47
CA TYR C 30 -15.86 9.28 -14.06
C TYR C 30 -15.18 8.10 -14.73
N TRP C 31 -15.95 7.09 -15.09
CA TRP C 31 -15.41 5.92 -15.77
C TRP C 31 -14.94 6.28 -17.18
N ASN C 32 -15.43 7.40 -17.69
CA ASN C 32 -15.02 7.91 -18.99
C ASN C 32 -14.08 9.10 -18.85
N TYR C 33 -13.34 9.11 -17.74
CA TYR C 33 -12.33 10.13 -17.44
C TYR C 33 -11.41 10.40 -18.62
N ARG C 34 -11.00 9.32 -19.29
CA ARG C 34 -10.00 9.39 -20.36
C ARG C 34 -10.41 10.28 -21.53
N HIS C 35 -11.68 10.27 -21.87
CA HIS C 35 -12.17 10.97 -23.07
C HIS C 35 -12.07 12.49 -22.94
N GLN C 36 -12.58 13.03 -21.83
CA GLN C 36 -12.50 14.47 -21.60
C GLN C 36 -11.06 14.90 -21.31
N ALA C 37 -10.25 13.96 -20.84
CA ALA C 37 -8.84 14.22 -20.59
C ALA C 37 -8.09 14.44 -21.89
N ASP C 38 -8.47 13.69 -22.92
CA ASP C 38 -7.86 13.81 -24.23
C ASP C 38 -8.12 15.19 -24.84
N ILE C 39 -9.37 15.63 -24.75
CA ILE C 39 -9.79 16.89 -25.34
C ILE C 39 -9.07 18.07 -24.66
N CYS C 40 -8.94 18.01 -23.35
CA CYS C 40 -8.25 19.06 -22.60
C CYS C 40 -6.77 19.09 -22.98
N HIS C 41 -6.19 17.91 -23.14
CA HIS C 41 -4.81 17.79 -23.60
C HIS C 41 -4.69 18.39 -25.01
N ALA C 42 -5.66 18.06 -25.86
CA ALA C 42 -5.68 18.56 -27.22
C ALA C 42 -5.77 20.08 -27.25
N TYR C 43 -6.51 20.65 -26.31
CA TYR C 43 -6.67 22.10 -26.25
C TYR C 43 -5.36 22.80 -25.93
N GLN C 44 -4.68 22.33 -24.88
CA GLN C 44 -3.41 22.92 -24.47
C GLN C 44 -2.36 22.75 -25.55
N LEU C 45 -2.39 21.60 -26.22
CA LEU C 45 -1.47 21.29 -27.30
C LEU C 45 -1.60 22.30 -28.45
N LEU C 46 -2.84 22.72 -28.71
CA LEU C 46 -3.11 23.66 -29.79
C LEU C 46 -2.75 25.10 -29.39
N ARG C 47 -3.05 25.46 -28.14
CA ARG C 47 -2.74 26.78 -27.64
C ARG C 47 -1.24 27.06 -27.68
N LYS C 48 -0.45 26.08 -27.24
CA LYS C 48 1.00 26.18 -27.28
C LYS C 48 1.51 26.21 -28.72
N GLY C 49 0.66 25.77 -29.64
CA GLY C 49 1.01 25.75 -31.05
C GLY C 49 0.86 27.10 -31.71
N GLY C 50 -0.04 27.93 -31.19
CA GLY C 50 -0.26 29.25 -31.72
C GLY C 50 -1.74 29.59 -31.87
N LEU C 51 -2.58 28.57 -31.95
CA LEU C 51 -4.02 28.76 -32.10
C LEU C 51 -4.59 29.48 -30.89
N LYS C 52 -5.50 30.42 -31.16
CA LYS C 52 -6.06 31.25 -30.10
C LYS C 52 -7.35 30.64 -29.56
N GLU C 53 -7.64 30.93 -28.30
CA GLU C 53 -8.80 30.36 -27.60
C GLU C 53 -10.11 30.64 -28.32
N GLU C 54 -10.22 31.82 -28.93
CA GLU C 54 -11.45 32.20 -29.63
C GLU C 54 -11.65 31.37 -30.89
N ASN C 55 -10.59 30.70 -31.35
CA ASN C 55 -10.66 29.88 -32.55
C ASN C 55 -10.77 28.39 -32.22
N ILE C 56 -10.81 28.07 -30.94
CA ILE C 56 -10.92 26.67 -30.50
C ILE C 56 -12.21 26.43 -29.73
N VAL C 57 -13.08 25.59 -30.29
CA VAL C 57 -14.35 25.27 -29.67
C VAL C 57 -14.30 23.93 -28.96
N VAL C 58 -14.69 23.92 -27.68
CA VAL C 58 -14.56 22.73 -26.85
C VAL C 58 -15.90 22.18 -26.38
N PHE C 59 -16.13 20.90 -26.63
CA PHE C 59 -17.29 20.20 -26.11
C PHE C 59 -16.86 19.19 -25.04
N MET C 60 -17.33 19.39 -23.81
CA MET C 60 -17.07 18.44 -22.73
C MET C 60 -18.14 18.57 -21.65
N TYR C 61 -18.65 17.44 -21.18
CA TYR C 61 -19.72 17.45 -20.18
C TYR C 61 -19.28 18.17 -18.92
N ASP C 62 -17.97 18.15 -18.66
CA ASP C 62 -17.35 18.92 -17.59
C ASP C 62 -17.81 18.44 -16.21
N ASP C 63 -17.73 17.12 -16.01
CA ASP C 63 -18.10 16.52 -14.74
C ASP C 63 -16.95 15.67 -14.19
N ILE C 64 -15.74 16.03 -14.56
CA ILE C 64 -14.56 15.27 -14.18
C ILE C 64 -13.69 15.97 -13.15
N ALA C 65 -13.42 17.26 -13.39
CA ALA C 65 -12.54 18.03 -12.52
C ALA C 65 -13.07 18.09 -11.09
N ASN C 66 -14.35 18.44 -10.95
CA ASN C 66 -14.96 18.57 -9.63
C ASN C 66 -15.77 17.33 -9.28
N ASN C 67 -15.32 16.18 -9.75
CA ASN C 67 -15.97 14.92 -9.44
C ASN C 67 -15.61 14.43 -8.05
N TYR C 68 -16.55 13.79 -7.38
CA TYR C 68 -16.31 13.27 -6.03
C TYR C 68 -15.21 12.21 -6.04
N GLU C 69 -15.02 11.56 -7.18
CA GLU C 69 -14.06 10.47 -7.31
C GLU C 69 -12.65 10.94 -7.70
N ASN C 70 -12.53 12.21 -8.08
CA ASN C 70 -11.25 12.74 -8.55
C ASN C 70 -10.23 12.85 -7.42
N PRO C 71 -9.12 12.11 -7.49
CA PRO C 71 -8.10 12.14 -6.44
C PRO C 71 -7.35 13.47 -6.39
N ARG C 72 -7.38 14.23 -7.49
CA ARG C 72 -6.76 15.54 -7.52
C ARG C 72 -7.78 16.59 -7.95
N PRO C 73 -8.63 17.03 -7.01
CA PRO C 73 -9.74 17.95 -7.27
C PRO C 73 -9.33 19.19 -8.07
N GLY C 74 -10.07 19.47 -9.14
CA GLY C 74 -9.83 20.65 -9.94
C GLY C 74 -8.81 20.45 -11.04
N THR C 75 -8.35 19.22 -11.20
CA THR C 75 -7.32 18.92 -12.20
C THR C 75 -7.65 17.69 -13.02
N ILE C 76 -7.05 17.61 -14.21
CA ILE C 76 -7.19 16.44 -15.08
C ILE C 76 -5.87 16.17 -15.80
N ILE C 77 -5.39 14.93 -15.71
CA ILE C 77 -4.14 14.56 -16.36
C ILE C 77 -4.38 13.54 -17.48
N ASN C 78 -3.52 13.58 -18.50
CA ASN C 78 -3.68 12.71 -19.66
C ASN C 78 -2.52 11.73 -19.81
N SER C 79 -1.68 11.66 -18.78
CA SER C 79 -0.59 10.70 -18.72
C SER C 79 -0.11 10.54 -17.28
N PRO C 80 0.59 9.44 -16.96
CA PRO C 80 1.01 9.16 -15.57
C PRO C 80 1.76 10.31 -14.90
N HIS C 81 2.87 10.73 -15.50
CA HIS C 81 3.67 11.82 -14.93
C HIS C 81 3.37 13.13 -15.63
N GLY C 82 2.23 13.18 -16.32
CA GLY C 82 1.82 14.37 -17.03
C GLY C 82 1.28 15.45 -16.11
N LYS C 83 1.31 16.68 -16.60
CA LYS C 83 0.83 17.85 -15.90
C LYS C 83 -0.65 18.10 -16.16
N ASP C 84 -1.23 18.99 -15.36
CA ASP C 84 -2.64 19.31 -15.50
C ASP C 84 -2.94 20.05 -16.78
N VAL C 85 -4.03 19.66 -17.44
CA VAL C 85 -4.37 20.25 -18.71
C VAL C 85 -5.78 20.85 -18.66
N TYR C 86 -6.39 20.87 -17.47
CA TYR C 86 -7.76 21.38 -17.36
C TYR C 86 -7.85 22.91 -17.20
N GLN C 87 -6.79 23.54 -16.67
CA GLN C 87 -6.76 24.99 -16.45
C GLN C 87 -6.75 25.76 -17.76
N GLY C 88 -7.64 26.73 -17.84
CA GLY C 88 -7.69 27.65 -18.95
C GLY C 88 -8.59 27.17 -20.07
N VAL C 89 -9.00 25.91 -20.03
CA VAL C 89 -9.86 25.36 -21.07
C VAL C 89 -11.23 26.04 -20.99
N PRO C 90 -11.69 26.63 -22.11
CA PRO C 90 -12.96 27.35 -22.09
C PRO C 90 -14.15 26.41 -21.97
N LYS C 91 -15.19 26.87 -21.27
CA LYS C 91 -16.40 26.09 -21.12
C LYS C 91 -17.45 26.55 -22.13
N ASP C 92 -17.18 26.28 -23.40
CA ASP C 92 -18.08 26.66 -24.48
C ASP C 92 -19.39 25.91 -24.40
N TYR C 93 -19.30 24.58 -24.38
CA TYR C 93 -20.48 23.74 -24.33
C TYR C 93 -20.28 22.61 -23.32
N THR C 94 -21.04 22.68 -22.23
CA THR C 94 -20.92 21.70 -21.15
C THR C 94 -22.31 21.26 -20.69
N GLY C 95 -22.36 20.18 -19.92
CA GLY C 95 -23.62 19.63 -19.48
C GLY C 95 -24.47 19.19 -20.66
N ASP C 96 -25.77 19.45 -20.59
CA ASP C 96 -26.69 19.02 -21.63
C ASP C 96 -26.62 19.90 -22.87
N ASP C 97 -25.75 20.91 -22.82
CA ASP C 97 -25.50 21.75 -23.99
C ASP C 97 -24.59 21.02 -24.97
N VAL C 98 -24.03 19.90 -24.53
CA VAL C 98 -23.21 19.05 -25.39
C VAL C 98 -24.13 18.11 -26.18
N ASN C 99 -24.62 18.59 -27.32
CA ASN C 99 -25.56 17.81 -28.12
C ASN C 99 -25.29 17.93 -29.62
N VAL C 100 -26.03 17.15 -30.40
CA VAL C 100 -25.83 17.07 -31.83
C VAL C 100 -26.10 18.41 -32.53
N ASP C 101 -27.18 19.07 -32.13
CA ASP C 101 -27.58 20.33 -32.78
C ASP C 101 -26.54 21.43 -32.60
N ASN C 102 -25.97 21.52 -31.41
CA ASN C 102 -24.94 22.51 -31.14
C ASN C 102 -23.65 22.23 -31.90
N LEU C 103 -23.28 20.95 -31.96
CA LEU C 103 -22.08 20.54 -32.67
C LEU C 103 -22.16 20.94 -34.13
N PHE C 104 -23.29 20.63 -34.75
CA PHE C 104 -23.53 21.00 -36.15
C PHE C 104 -23.52 22.51 -36.33
N ALA C 105 -24.10 23.21 -35.36
CA ALA C 105 -24.16 24.67 -35.40
C ALA C 105 -22.76 25.27 -35.34
N VAL C 106 -21.89 24.65 -34.55
CA VAL C 106 -20.52 25.11 -34.40
C VAL C 106 -19.73 24.90 -35.68
N ILE C 107 -19.79 23.68 -36.21
CA ILE C 107 -19.05 23.33 -37.42
C ILE C 107 -19.42 24.22 -38.61
N LEU C 108 -20.71 24.47 -38.80
CA LEU C 108 -21.21 25.28 -39.91
C LEU C 108 -21.02 26.77 -39.66
N GLY C 109 -20.83 27.11 -38.39
CA GLY C 109 -20.58 28.47 -37.98
C GLY C 109 -21.84 29.31 -37.84
N ASP C 110 -22.94 28.66 -37.51
CA ASP C 110 -24.21 29.38 -37.37
C ASP C 110 -24.57 29.63 -35.89
N LYS C 111 -24.40 30.87 -35.43
CA LYS C 111 -24.71 31.20 -34.02
C LYS C 111 -26.16 31.12 -33.68
N THR C 112 -27.00 31.29 -34.69
CA THR C 112 -28.43 31.34 -34.47
C THR C 112 -28.95 29.93 -34.26
N ALA C 113 -28.26 28.95 -34.82
CA ALA C 113 -28.67 27.56 -34.67
C ALA C 113 -28.29 27.05 -33.27
N VAL C 114 -27.33 27.72 -32.64
CA VAL C 114 -26.89 27.35 -31.29
C VAL C 114 -28.01 27.52 -30.27
N LYS C 115 -28.01 26.68 -29.24
CA LYS C 115 -28.98 26.79 -28.16
C LYS C 115 -28.32 26.45 -26.82
N GLY C 116 -28.01 27.49 -26.05
CA GLY C 116 -27.32 27.33 -24.79
C GLY C 116 -25.82 27.42 -24.97
N GLY C 117 -25.09 27.45 -23.85
CA GLY C 117 -23.65 27.52 -23.90
C GLY C 117 -23.13 28.84 -24.41
N SER C 118 -21.83 28.91 -24.60
CA SER C 118 -21.23 30.12 -25.14
C SER C 118 -21.61 30.22 -26.59
N GLY C 119 -21.58 31.44 -27.08
CA GLY C 119 -21.99 31.61 -28.45
C GLY C 119 -20.89 31.29 -29.43
N LYS C 120 -19.76 30.74 -29.01
CA LYS C 120 -18.66 30.46 -29.94
C LYS C 120 -18.91 29.35 -31.02
N VAL C 121 -18.70 29.63 -32.30
CA VAL C 121 -18.81 28.66 -33.39
C VAL C 121 -17.67 28.95 -34.35
N VAL C 122 -17.47 28.07 -35.31
CA VAL C 122 -16.43 28.21 -36.32
C VAL C 122 -16.90 29.05 -37.53
N ASP C 123 -16.85 30.37 -37.38
CA ASP C 123 -17.17 31.29 -38.47
C ASP C 123 -15.98 31.38 -39.41
N SER C 124 -15.71 30.28 -40.11
CA SER C 124 -14.50 30.14 -40.90
C SER C 124 -14.56 30.86 -42.25
N GLY C 125 -13.39 31.02 -42.85
CA GLY C 125 -13.26 31.62 -44.17
C GLY C 125 -12.53 30.67 -45.11
N PRO C 126 -12.57 30.98 -46.41
CA PRO C 126 -12.03 30.08 -47.45
C PRO C 126 -10.54 29.78 -47.29
N ASN C 127 -9.83 30.66 -46.60
CA ASN C 127 -8.38 30.53 -46.39
C ASN C 127 -8.02 29.86 -45.06
N ASP C 128 -9.04 29.60 -44.24
CA ASP C 128 -8.86 29.08 -42.88
C ASP C 128 -8.62 27.59 -42.83
N HIS C 129 -7.93 27.15 -41.78
CA HIS C 129 -7.71 25.74 -41.61
C HIS C 129 -8.52 25.21 -40.42
N ILE C 130 -9.18 24.06 -40.57
CA ILE C 130 -9.98 23.54 -39.46
C ILE C 130 -9.47 22.16 -39.03
N PHE C 131 -9.48 21.90 -37.72
CA PHE C 131 -9.06 20.61 -37.20
C PHE C 131 -10.07 20.06 -36.19
N ILE C 132 -10.74 18.97 -36.53
CA ILE C 132 -11.73 18.39 -35.65
C ILE C 132 -11.19 17.13 -34.97
N PHE C 133 -11.38 17.05 -33.65
CA PHE C 133 -10.94 15.90 -32.88
C PHE C 133 -12.05 15.39 -31.98
N TYR C 134 -12.44 14.13 -32.17
CA TYR C 134 -13.48 13.52 -31.37
C TYR C 134 -12.95 12.32 -30.58
N SER C 135 -13.41 12.18 -29.35
CA SER C 135 -13.03 11.03 -28.53
C SER C 135 -14.10 10.57 -27.55
N HIS C 137 -17.26 7.41 -26.99
CA HIS C 137 -17.73 6.08 -27.35
C HIS C 137 -18.34 6.08 -28.73
N GLY C 138 -18.53 4.89 -29.28
CA GLY C 138 -19.14 4.77 -30.59
C GLY C 138 -19.37 3.33 -30.98
N GLY C 139 -20.09 3.16 -32.08
CA GLY C 139 -20.31 1.85 -32.66
C GLY C 139 -20.28 2.03 -34.16
N PRO C 140 -20.58 0.97 -34.92
CA PRO C 140 -20.62 1.10 -36.37
C PRO C 140 -21.66 2.13 -36.79
N GLY C 141 -21.20 3.19 -37.47
CA GLY C 141 -22.07 4.20 -38.01
C GLY C 141 -22.71 5.11 -36.98
N VAL C 142 -22.15 5.14 -35.77
CA VAL C 142 -22.71 5.96 -34.71
C VAL C 142 -21.65 6.36 -33.69
N LEU C 143 -21.72 7.61 -33.23
CA LEU C 143 -20.83 8.12 -32.20
C LEU C 143 -21.64 8.54 -30.98
N GLY C 144 -21.10 8.32 -29.79
CA GLY C 144 -21.82 8.61 -28.57
C GLY C 144 -21.88 10.10 -28.26
N MET C 145 -22.89 10.49 -27.51
CA MET C 145 -23.01 11.84 -26.98
C MET C 145 -23.52 11.73 -25.54
N PRO C 146 -23.10 12.67 -24.67
CA PRO C 146 -23.59 12.62 -23.29
C PRO C 146 -25.07 12.98 -23.18
N THR C 147 -25.64 13.45 -24.29
CA THR C 147 -27.07 13.69 -24.38
C THR C 147 -27.67 12.82 -25.47
N SER C 148 -29.00 12.70 -25.48
CA SER C 148 -29.69 12.06 -26.59
C SER C 148 -30.22 13.15 -27.49
N PRO C 149 -30.21 12.92 -28.81
CA PRO C 149 -29.84 11.68 -29.49
C PRO C 149 -28.33 11.52 -29.71
N TYR C 150 -27.94 10.38 -30.26
CA TYR C 150 -26.54 10.13 -30.60
C TYR C 150 -26.22 10.67 -31.98
N LEU C 151 -24.93 10.76 -32.29
CA LEU C 151 -24.47 11.27 -33.57
C LEU C 151 -24.35 10.15 -34.60
N TYR C 152 -25.08 10.26 -35.70
CA TYR C 152 -25.05 9.24 -36.73
C TYR C 152 -24.24 9.68 -37.94
N ALA C 153 -23.48 8.74 -38.51
CA ALA C 153 -22.47 9.04 -39.52
C ALA C 153 -23.00 9.81 -40.72
N ASN C 154 -24.21 9.51 -41.14
CA ASN C 154 -24.78 10.17 -42.31
C ASN C 154 -24.96 11.66 -42.05
N ASP C 155 -25.48 11.99 -40.87
CA ASP C 155 -25.69 13.39 -40.50
C ASP C 155 -24.37 14.15 -40.44
N LEU C 156 -23.36 13.51 -39.85
CA LEU C 156 -22.05 14.11 -39.71
C LEU C 156 -21.44 14.44 -41.08
N ASN C 157 -21.44 13.44 -41.97
CA ASN C 157 -20.91 13.63 -43.31
C ASN C 157 -21.71 14.65 -44.11
N ASP C 158 -23.02 14.69 -43.90
CA ASP C 158 -23.88 15.65 -44.57
C ASP C 158 -23.52 17.07 -44.15
N VAL C 159 -23.22 17.26 -42.88
CA VAL C 159 -22.82 18.57 -42.36
C VAL C 159 -21.47 18.97 -42.94
N LEU C 160 -20.57 17.99 -43.06
CA LEU C 160 -19.28 18.22 -43.70
C LEU C 160 -19.47 18.57 -45.16
N LYS C 161 -20.48 17.95 -45.78
CA LYS C 161 -20.77 18.18 -47.18
C LYS C 161 -21.27 19.61 -47.41
N LYS C 162 -22.09 20.10 -46.48
CA LYS C 162 -22.60 21.47 -46.57
C LYS C 162 -21.50 22.48 -46.25
N LYS C 163 -20.59 22.09 -45.35
CA LYS C 163 -19.47 22.96 -44.99
C LYS C 163 -18.60 23.20 -46.22
N HIS C 164 -18.38 22.15 -47.00
CA HIS C 164 -17.62 22.28 -48.24
C HIS C 164 -18.43 23.05 -49.28
N ALA C 165 -19.74 22.86 -49.26
CA ALA C 165 -20.64 23.57 -50.17
C ALA C 165 -20.59 25.07 -49.92
N LEU C 166 -20.51 25.45 -48.65
CA LEU C 166 -20.39 26.85 -48.26
C LEU C 166 -19.02 27.40 -48.67
N GLY C 167 -18.07 26.50 -48.89
CA GLY C 167 -16.73 26.87 -49.31
C GLY C 167 -16.04 27.79 -48.32
N THR C 168 -16.24 27.51 -47.03
CA THR C 168 -15.70 28.36 -45.98
C THR C 168 -14.48 27.74 -45.31
N TYR C 169 -13.68 27.01 -46.07
CA TYR C 169 -12.42 26.47 -45.57
C TYR C 169 -11.56 25.93 -46.72
N LYS C 170 -10.25 25.99 -46.55
CA LYS C 170 -9.33 25.46 -47.55
C LYS C 170 -9.14 23.97 -47.36
N SER C 171 -8.76 23.58 -46.15
CA SER C 171 -8.55 22.18 -45.82
C SER C 171 -9.05 21.87 -44.40
N LEU C 172 -9.48 20.63 -44.19
CA LEU C 172 -10.02 20.22 -42.90
C LEU C 172 -9.51 18.83 -42.52
N VAL C 173 -8.97 18.71 -41.31
CA VAL C 173 -8.50 17.43 -40.80
C VAL C 173 -9.43 16.92 -39.71
N PHE C 174 -9.63 15.61 -39.67
CA PHE C 174 -10.53 14.98 -38.69
C PHE C 174 -9.85 13.79 -38.02
N TYR C 175 -9.58 13.92 -36.73
CA TYR C 175 -9.06 12.83 -35.93
C TYR C 175 -10.16 12.21 -35.09
N LEU C 176 -10.42 10.92 -35.31
CA LEU C 176 -11.54 10.25 -34.66
C LEU C 176 -11.12 9.09 -33.77
N GLU C 177 -11.44 9.19 -32.48
CA GLU C 177 -11.19 8.12 -31.53
C GLU C 177 -12.50 7.49 -31.07
N ALA C 178 -12.77 6.27 -31.53
CA ALA C 178 -13.99 5.56 -31.17
C ALA C 178 -13.95 4.12 -31.65
N GLU C 180 -14.97 0.97 -33.82
CA GLU C 180 -15.39 0.85 -35.22
C GLU C 180 -15.43 2.21 -35.91
N SER C 181 -14.39 3.02 -35.65
CA SER C 181 -14.34 4.40 -36.13
C SER C 181 -14.45 4.54 -37.64
N GLY C 182 -13.84 3.60 -38.37
CA GLY C 182 -13.83 3.64 -39.82
C GLY C 182 -15.22 3.72 -40.41
N SER C 183 -16.18 3.10 -39.75
CA SER C 183 -17.57 3.05 -40.21
C SER C 183 -18.19 4.43 -40.38
N ILE C 184 -17.63 5.41 -39.67
CA ILE C 184 -18.16 6.78 -39.70
C ILE C 184 -17.92 7.44 -41.05
N PHE C 185 -16.84 7.06 -41.73
CA PHE C 185 -16.47 7.70 -42.99
C PHE C 185 -16.52 6.75 -44.18
N GLU C 186 -16.38 5.46 -43.91
CA GLU C 186 -16.36 4.45 -44.96
C GLU C 186 -17.70 4.40 -45.70
N GLY C 187 -17.69 4.82 -46.96
CA GLY C 187 -18.88 4.79 -47.78
C GLY C 187 -19.67 6.07 -47.77
N LEU C 188 -19.33 6.97 -46.83
CA LEU C 188 -20.04 8.23 -46.70
C LEU C 188 -19.16 9.40 -47.11
N LEU C 189 -17.94 9.42 -46.59
CA LEU C 189 -17.02 10.53 -46.80
C LEU C 189 -16.39 10.45 -48.20
N PRO C 190 -16.80 11.37 -49.09
CA PRO C 190 -16.28 11.34 -50.46
C PRO C 190 -15.01 12.16 -50.64
N GLU C 191 -14.34 11.97 -51.78
CA GLU C 191 -13.15 12.75 -52.10
C GLU C 191 -13.55 14.05 -52.81
N GLY C 192 -12.62 14.99 -52.86
CA GLY C 192 -12.87 16.25 -53.53
C GLY C 192 -13.43 17.31 -52.61
N LEU C 193 -13.60 16.97 -51.34
CA LEU C 193 -14.07 17.92 -50.34
C LEU C 193 -12.91 18.57 -49.61
N ASN C 194 -11.69 18.18 -49.99
CA ASN C 194 -10.47 18.66 -49.34
C ASN C 194 -10.49 18.35 -47.85
N ILE C 195 -10.99 17.16 -47.52
CA ILE C 195 -11.05 16.70 -46.13
C ILE C 195 -10.20 15.44 -45.96
N TYR C 196 -9.35 15.46 -44.94
CA TYR C 196 -8.53 14.30 -44.60
C TYR C 196 -8.87 13.82 -43.20
N ALA C 197 -9.38 12.60 -43.11
CA ALA C 197 -9.81 12.04 -41.83
C ALA C 197 -9.06 10.77 -41.49
N THR C 198 -8.51 10.71 -40.28
CA THR C 198 -7.88 9.50 -39.77
C THR C 198 -8.67 8.97 -38.60
N THR C 199 -8.76 7.65 -38.50
CA THR C 199 -9.58 7.01 -37.47
C THR C 199 -8.76 5.99 -36.69
N ALA C 200 -9.07 5.86 -35.40
CA ALA C 200 -8.34 4.99 -34.49
C ALA C 200 -8.46 3.52 -34.85
N SER C 201 -9.43 3.19 -35.68
CA SER C 201 -9.68 1.81 -36.06
C SER C 201 -10.47 1.74 -37.36
N ASN C 202 -10.58 0.53 -37.91
CA ASN C 202 -11.42 0.33 -39.10
C ASN C 202 -12.88 0.29 -38.71
N ALA C 203 -13.72 -0.21 -39.62
CA ALA C 203 -15.16 -0.23 -39.38
C ALA C 203 -15.59 -1.50 -38.66
N GLU C 204 -14.63 -2.22 -38.09
CA GLU C 204 -14.89 -3.57 -37.61
C GLU C 204 -14.22 -3.89 -36.27
N GLU C 205 -13.17 -3.16 -35.92
CA GLU C 205 -12.42 -3.46 -34.69
C GLU C 205 -12.57 -2.37 -33.63
N SER C 206 -11.86 -2.55 -32.52
CA SER C 206 -12.11 -1.78 -31.31
C SER C 206 -11.06 -0.70 -31.03
N SER C 207 -11.48 0.33 -30.29
CA SER C 207 -10.59 1.39 -29.84
C SER C 207 -10.08 1.09 -28.43
N TRP C 208 -8.95 1.67 -28.06
CA TRP C 208 -8.29 1.31 -26.81
C TRP C 208 -8.07 2.47 -25.85
N GLY C 209 -8.27 2.18 -24.57
CA GLY C 209 -7.89 3.10 -23.51
C GLY C 209 -6.50 2.76 -23.02
N THR C 210 -5.69 3.77 -22.77
CA THR C 210 -4.32 3.56 -22.31
C THR C 210 -4.13 4.22 -20.96
N TYR C 211 -3.03 3.86 -20.28
CA TYR C 211 -2.74 4.35 -18.93
C TYR C 211 -3.87 3.96 -17.98
N CYS C 212 -4.26 2.69 -18.03
CA CYS C 212 -5.35 2.17 -17.21
C CYS C 212 -4.82 1.53 -15.92
N PRO C 213 -5.69 1.42 -14.89
CA PRO C 213 -5.26 0.83 -13.61
C PRO C 213 -4.77 -0.60 -13.73
N GLY C 214 -5.61 -1.51 -14.22
CA GLY C 214 -5.24 -2.89 -14.38
C GLY C 214 -4.02 -3.05 -15.25
N GLU C 215 -3.86 -2.13 -16.20
CA GLU C 215 -2.69 -2.13 -17.06
C GLU C 215 -1.43 -1.77 -16.30
N GLU C 216 -0.52 -2.74 -16.21
CA GLU C 216 0.78 -2.51 -15.58
C GLU C 216 1.75 -1.64 -16.42
N PRO C 217 1.54 -1.53 -17.77
CA PRO C 217 2.40 -0.59 -18.49
C PRO C 217 2.22 0.87 -18.06
N SER C 218 2.89 1.25 -16.98
CA SER C 218 2.93 2.64 -16.48
C SER C 218 1.56 3.21 -16.14
N PRO C 219 0.92 2.69 -15.06
CA PRO C 219 -0.33 3.27 -14.57
C PRO C 219 -0.14 4.32 -13.46
N PRO C 220 -1.20 5.08 -13.15
CA PRO C 220 -1.19 6.03 -12.04
C PRO C 220 -1.70 5.33 -10.77
N PRO C 221 -1.10 5.63 -9.61
CA PRO C 221 -1.42 4.94 -8.36
C PRO C 221 -2.82 5.10 -7.76
N GLU C 222 -3.34 6.31 -7.64
CA GLU C 222 -4.64 6.51 -7.01
C GLU C 222 -5.83 6.54 -7.97
N TYR C 223 -5.56 6.58 -9.27
CA TYR C 223 -6.65 6.63 -10.24
C TYR C 223 -7.24 5.24 -10.49
N GLU C 224 -8.56 5.13 -10.39
CA GLU C 224 -9.25 3.87 -10.64
C GLU C 224 -9.86 3.87 -12.03
N THR C 225 -9.23 4.60 -12.96
CA THR C 225 -9.72 4.72 -14.32
C THR C 225 -8.59 5.08 -15.28
N CYS C 226 -8.83 4.88 -16.58
CA CYS C 226 -7.83 5.18 -17.60
C CYS C 226 -7.66 6.68 -17.77
N LEU C 227 -6.43 7.10 -18.04
CA LEU C 227 -6.12 8.51 -18.15
C LEU C 227 -6.34 9.03 -19.57
N GLY C 228 -6.20 8.15 -20.56
CA GLY C 228 -6.35 8.54 -21.94
C GLY C 228 -6.65 7.38 -22.86
N ASP C 229 -6.62 7.65 -24.16
CA ASP C 229 -6.87 6.64 -25.18
C ASP C 229 -5.67 6.54 -26.12
N LEU C 230 -5.39 5.32 -26.58
CA LEU C 230 -4.15 5.03 -27.29
C LEU C 230 -3.92 5.92 -28.51
N TYR C 231 -4.86 5.89 -29.46
CA TYR C 231 -4.76 6.70 -30.67
C TYR C 231 -4.67 8.20 -30.35
N SER C 232 -5.49 8.66 -29.42
CA SER C 232 -5.50 10.05 -29.01
C SER C 232 -4.15 10.44 -28.41
N VAL C 233 -3.74 9.68 -27.40
CA VAL C 233 -2.47 9.89 -26.72
C VAL C 233 -1.29 9.83 -27.71
N ALA C 234 -1.43 8.99 -28.73
CA ALA C 234 -0.36 8.78 -29.70
C ALA C 234 -0.07 10.04 -30.50
N TRP C 235 -1.10 10.61 -31.14
CA TRP C 235 -0.90 11.77 -32.00
C TRP C 235 -0.64 13.04 -31.19
N MET C 236 -1.16 13.09 -29.96
CA MET C 236 -0.99 14.26 -29.12
C MET C 236 0.42 14.35 -28.55
N GLU C 237 0.91 13.24 -28.00
CA GLU C 237 2.25 13.20 -27.43
C GLU C 237 3.31 13.36 -28.52
N ASP C 238 2.97 12.92 -29.73
CA ASP C 238 3.86 13.08 -30.87
C ASP C 238 3.96 14.55 -31.28
N SER C 239 2.82 15.20 -31.42
CA SER C 239 2.76 16.61 -31.80
C SER C 239 3.27 17.51 -30.68
N GLY C 240 3.43 16.95 -29.49
CA GLY C 240 3.85 17.72 -28.33
C GLY C 240 5.36 17.85 -28.20
N MET C 241 6.09 16.90 -28.77
CA MET C 241 7.54 16.84 -28.60
C MET C 241 8.31 17.26 -29.85
N HIS C 242 7.61 17.40 -30.96
CA HIS C 242 8.25 17.73 -32.23
C HIS C 242 7.91 19.14 -32.72
N ASN C 243 8.71 19.62 -33.67
CA ASN C 243 8.37 20.85 -34.40
C ASN C 243 7.43 20.47 -35.54
N LEU C 244 6.22 21.01 -35.49
CA LEU C 244 5.17 20.62 -36.44
C LEU C 244 5.35 21.29 -37.80
N GLN C 245 6.47 21.98 -37.97
CA GLN C 245 6.85 22.52 -39.28
C GLN C 245 7.69 21.48 -40.02
N THR C 246 8.23 20.52 -39.28
CA THR C 246 9.05 19.46 -39.86
C THR C 246 8.22 18.25 -40.26
N GLU C 247 7.30 17.86 -39.37
CA GLU C 247 6.48 16.67 -39.58
C GLU C 247 5.23 16.96 -40.39
N THR C 248 4.79 15.98 -41.17
CA THR C 248 3.59 16.12 -41.98
C THR C 248 2.50 15.16 -41.51
N LEU C 249 1.29 15.35 -42.02
CA LEU C 249 0.14 14.52 -41.65
C LEU C 249 0.39 13.04 -41.97
N HIS C 250 1.03 12.79 -43.10
CA HIS C 250 1.34 11.42 -43.53
C HIS C 250 2.21 10.71 -42.50
N GLN C 251 3.23 11.41 -42.02
CA GLN C 251 4.21 10.84 -41.10
C GLN C 251 3.60 10.54 -39.74
N GLN C 252 2.74 11.43 -39.25
CA GLN C 252 2.07 11.22 -37.98
C GLN C 252 1.08 10.06 -38.08
N TYR C 253 0.39 9.99 -39.21
CA TYR C 253 -0.54 8.90 -39.47
C TYR C 253 0.19 7.56 -39.41
N GLU C 254 1.39 7.52 -39.99
CA GLU C 254 2.21 6.32 -39.99
C GLU C 254 2.74 6.01 -38.59
N LEU C 255 3.06 7.08 -37.85
CA LEU C 255 3.58 6.93 -36.50
C LEU C 255 2.50 6.41 -35.57
N VAL C 256 1.33 7.03 -35.64
CA VAL C 256 0.20 6.65 -34.82
C VAL C 256 -0.29 5.25 -35.20
N LYS C 257 -0.22 4.93 -36.48
CA LYS C 257 -0.62 3.59 -36.94
C LYS C 257 0.14 2.48 -36.24
N ARG C 258 1.47 2.54 -36.30
CA ARG C 258 2.32 1.46 -35.79
C ARG C 258 2.27 1.35 -34.26
N ARG C 259 2.14 2.49 -33.58
CA ARG C 259 2.04 2.47 -32.12
C ARG C 259 0.72 1.81 -31.74
N THR C 260 -0.33 2.12 -32.49
CA THR C 260 -1.64 1.56 -32.21
C THR C 260 -1.72 0.14 -32.78
N ALA C 261 -0.96 -0.12 -33.84
CA ALA C 261 -0.99 -1.40 -34.55
C ALA C 261 -0.65 -2.57 -33.62
N PRO C 262 -1.05 -3.79 -34.00
CA PRO C 262 -0.73 -4.99 -33.21
C PRO C 262 0.77 -5.17 -33.01
N VAL C 263 1.15 -5.79 -31.90
CA VAL C 263 2.56 -6.06 -31.61
C VAL C 263 3.04 -7.28 -32.38
N GLY C 264 2.16 -8.26 -32.56
CA GLY C 264 2.50 -9.47 -33.28
C GLY C 264 1.26 -10.24 -33.66
N TYR C 265 1.02 -11.34 -32.95
CA TYR C 265 -0.19 -12.13 -33.14
C TYR C 265 -1.31 -11.59 -32.25
N SER C 266 -0.92 -10.82 -31.23
CA SER C 266 -1.87 -10.14 -30.35
C SER C 266 -2.68 -9.11 -31.13
N TYR C 267 -3.71 -8.56 -30.50
CA TYR C 267 -4.64 -7.68 -31.20
C TYR C 267 -4.44 -6.20 -30.87
N GLY C 268 -4.59 -5.37 -31.89
CA GLY C 268 -4.52 -3.92 -31.76
C GLY C 268 -5.58 -3.27 -32.61
N SER C 269 -5.19 -2.31 -33.43
CA SER C 269 -6.13 -1.63 -34.31
C SER C 269 -5.45 -1.04 -35.54
N HIS C 270 -6.04 -1.27 -36.71
CA HIS C 270 -5.58 -0.66 -37.94
C HIS C 270 -6.06 0.79 -38.03
N VAL C 271 -5.14 1.73 -37.83
CA VAL C 271 -5.46 3.14 -38.00
C VAL C 271 -5.72 3.42 -39.48
N MET C 272 -6.90 3.92 -39.78
CA MET C 272 -7.31 4.14 -41.17
C MET C 272 -7.24 5.62 -41.54
N GLN C 273 -7.24 5.89 -42.84
CA GLN C 273 -7.31 7.25 -43.34
C GLN C 273 -8.31 7.33 -44.50
N TYR C 274 -9.01 8.44 -44.59
CA TYR C 274 -10.07 8.59 -45.58
C TYR C 274 -10.04 9.98 -46.21
N GLY C 275 -10.70 10.11 -47.36
CA GLY C 275 -10.80 11.39 -48.05
C GLY C 275 -9.65 11.66 -48.99
N ASP C 276 -9.28 12.93 -49.11
CA ASP C 276 -8.19 13.32 -49.97
C ASP C 276 -6.86 13.09 -49.26
N VAL C 277 -6.26 11.94 -49.53
CA VAL C 277 -4.99 11.55 -48.91
C VAL C 277 -3.89 12.54 -49.33
N GLY C 278 -4.09 13.19 -50.47
CA GLY C 278 -3.15 14.18 -50.96
C GLY C 278 -2.96 15.32 -49.97
N ILE C 279 -3.97 15.58 -49.16
CA ILE C 279 -3.90 16.59 -48.10
C ILE C 279 -2.89 16.18 -47.04
N SER C 280 -2.66 14.87 -46.89
CA SER C 280 -1.78 14.36 -45.85
C SER C 280 -0.31 14.77 -46.05
N LYS C 281 -0.03 15.42 -47.18
CA LYS C 281 1.30 15.94 -47.44
C LYS C 281 1.48 17.30 -46.78
N ASP C 282 0.38 17.92 -46.37
CA ASP C 282 0.42 19.18 -45.65
C ASP C 282 1.13 19.00 -44.31
N ASN C 283 1.87 20.02 -43.88
CA ASN C 283 2.53 19.99 -42.59
C ASN C 283 1.52 20.17 -41.45
N LEU C 284 1.84 19.62 -40.28
CA LEU C 284 0.95 19.65 -39.14
C LEU C 284 0.65 21.06 -38.64
N ASP C 285 1.60 21.98 -38.83
CA ASP C 285 1.49 23.33 -38.29
C ASP C 285 0.42 24.15 -38.99
N LEU C 286 0.01 23.69 -40.18
CA LEU C 286 -1.05 24.35 -40.92
C LEU C 286 -2.38 24.25 -40.18
N TYR C 287 -2.49 23.24 -39.32
CA TYR C 287 -3.70 23.01 -38.54
C TYR C 287 -3.45 23.20 -37.05
N MET C 288 -2.32 22.69 -36.58
CA MET C 288 -2.02 22.63 -35.16
C MET C 288 -1.08 23.73 -34.68
N GLY C 289 -0.42 24.42 -35.61
CA GLY C 289 0.60 25.37 -35.25
C GLY C 289 1.85 24.63 -34.79
N THR C 290 2.74 25.33 -34.09
CA THR C 290 3.95 24.67 -33.60
C THR C 290 4.46 25.31 -32.31
N ASN C 291 5.08 24.50 -31.46
CA ASN C 291 5.67 24.97 -30.21
C ASN C 291 7.04 25.59 -30.48
N PRO C 292 7.33 26.74 -29.85
CA PRO C 292 8.63 27.41 -30.01
C PRO C 292 9.83 26.48 -29.77
N ALA C 293 9.65 25.46 -28.94
CA ALA C 293 10.68 24.44 -28.76
C ALA C 293 10.75 23.58 -30.02
N ASN C 294 11.80 23.77 -30.82
CA ASN C 294 11.89 23.14 -32.13
C ASN C 294 12.72 21.85 -32.13
N ASP C 295 12.05 20.74 -32.46
CA ASP C 295 12.72 19.46 -32.68
C ASP C 295 12.35 18.86 -34.03
N ASN C 296 13.29 18.17 -34.67
CA ASN C 296 13.05 17.61 -36.00
C ASN C 296 12.43 16.23 -35.95
N PHE C 297 12.09 15.71 -37.13
CA PHE C 297 11.49 14.39 -37.27
C PHE C 297 12.20 13.57 -38.34
N PRO C 308 2.45 -4.06 -22.31
CA PRO C 308 1.42 -3.83 -23.33
C PRO C 308 0.69 -5.11 -23.72
N SER C 309 0.98 -6.20 -23.01
CA SER C 309 0.35 -7.49 -23.28
C SER C 309 -1.15 -7.42 -23.09
N ARG C 310 -1.59 -7.26 -21.84
CA ARG C 310 -3.01 -7.13 -21.56
C ARG C 310 -3.47 -5.70 -21.80
N VAL C 311 -4.70 -5.55 -22.30
CA VAL C 311 -5.26 -4.25 -22.64
C VAL C 311 -6.73 -4.14 -22.26
N THR C 312 -7.30 -2.97 -22.51
CA THR C 312 -8.69 -2.70 -22.17
C THR C 312 -9.36 -1.78 -23.19
N ASN C 313 -10.37 -2.30 -23.88
CA ASN C 313 -11.09 -1.51 -24.88
C ASN C 313 -12.14 -0.61 -24.24
N GLN C 314 -12.76 0.24 -25.06
CA GLN C 314 -13.68 1.26 -24.57
C GLN C 314 -14.88 0.70 -23.80
N ARG C 315 -15.45 -0.39 -24.31
CA ARG C 315 -16.70 -0.92 -23.75
C ARG C 315 -16.48 -1.65 -22.42
N ASP C 316 -15.30 -2.23 -22.24
CA ASP C 316 -14.99 -2.93 -21.00
C ASP C 316 -14.35 -2.01 -19.97
N ALA C 317 -13.80 -0.89 -20.44
CA ALA C 317 -13.21 0.12 -19.56
C ALA C 317 -14.25 0.60 -18.56
N ASP C 318 -15.50 0.59 -18.99
CA ASP C 318 -16.63 0.93 -18.15
C ASP C 318 -16.67 -0.01 -16.95
N LEU C 319 -16.45 -1.31 -17.21
CA LEU C 319 -16.57 -2.33 -16.18
C LEU C 319 -15.36 -2.40 -15.25
N VAL C 320 -14.17 -2.26 -15.80
CA VAL C 320 -12.95 -2.41 -15.01
C VAL C 320 -12.87 -1.36 -13.91
N HIS C 321 -13.44 -0.19 -14.16
CA HIS C 321 -13.48 0.87 -13.14
C HIS C 321 -14.29 0.42 -11.94
N PHE C 322 -15.49 -0.11 -12.21
CA PHE C 322 -16.39 -0.55 -11.16
C PHE C 322 -15.80 -1.72 -10.39
N TRP C 323 -15.19 -2.65 -11.12
CA TRP C 323 -14.59 -3.84 -10.50
C TRP C 323 -13.39 -3.44 -9.64
N GLU C 324 -12.50 -2.61 -10.20
CA GLU C 324 -11.34 -2.13 -9.47
C GLU C 324 -11.78 -1.36 -8.22
N LYS C 325 -12.81 -0.54 -8.39
CA LYS C 325 -13.39 0.22 -7.30
C LYS C 325 -13.92 -0.72 -6.21
N TYR C 326 -14.61 -1.76 -6.64
CA TYR C 326 -15.15 -2.76 -5.71
C TYR C 326 -14.03 -3.50 -5.00
N ARG C 327 -13.01 -3.90 -5.76
CA ARG C 327 -11.90 -4.66 -5.21
C ARG C 327 -11.09 -3.84 -4.20
N LYS C 328 -10.92 -2.56 -4.47
CA LYS C 328 -10.13 -1.69 -3.60
C LYS C 328 -10.95 -1.07 -2.47
N ALA C 329 -12.25 -1.30 -2.47
CA ALA C 329 -13.09 -0.79 -1.40
C ALA C 329 -12.96 -1.69 -0.17
N PRO C 330 -12.98 -1.09 1.03
CA PRO C 330 -12.95 -1.86 2.29
C PRO C 330 -14.07 -2.90 2.35
N GLU C 331 -13.79 -4.04 2.96
CA GLU C 331 -14.67 -5.21 2.87
C GLU C 331 -16.06 -4.98 3.48
N GLY C 332 -16.21 -3.94 4.29
CA GLY C 332 -17.49 -3.67 4.93
C GLY C 332 -18.02 -2.27 4.67
N SER C 333 -17.31 -1.52 3.84
CA SER C 333 -17.66 -0.12 3.57
C SER C 333 -18.88 0.01 2.67
N ALA C 334 -19.49 1.20 2.69
CA ALA C 334 -20.60 1.51 1.79
C ALA C 334 -20.09 1.64 0.35
N ARG C 335 -18.81 1.96 0.22
CA ARG C 335 -18.19 2.13 -1.09
C ARG C 335 -18.16 0.81 -1.84
N LYS C 336 -17.85 -0.27 -1.13
CA LYS C 336 -17.78 -1.60 -1.74
C LYS C 336 -19.16 -2.05 -2.21
N THR C 337 -20.17 -1.74 -1.41
CA THR C 337 -21.53 -2.10 -1.73
C THR C 337 -22.02 -1.34 -2.96
N GLU C 338 -21.68 -0.06 -3.03
CA GLU C 338 -22.07 0.77 -4.16
C GLU C 338 -21.41 0.28 -5.44
N ALA C 339 -20.12 0.00 -5.35
CA ALA C 339 -19.36 -0.54 -6.47
C ALA C 339 -19.94 -1.88 -6.89
N GLN C 340 -20.27 -2.71 -5.91
CA GLN C 340 -20.90 -4.01 -6.16
C GLN C 340 -22.18 -3.84 -6.96
N LYS C 341 -22.97 -2.85 -6.57
CA LYS C 341 -24.22 -2.54 -7.25
C LYS C 341 -23.96 -2.00 -8.66
N GLN C 342 -22.88 -1.24 -8.81
CA GLN C 342 -22.51 -0.70 -10.10
C GLN C 342 -22.13 -1.81 -11.07
N VAL C 343 -21.37 -2.79 -10.58
CA VAL C 343 -20.99 -3.94 -11.40
C VAL C 343 -22.23 -4.74 -11.78
N LEU C 344 -23.18 -4.82 -10.85
CA LEU C 344 -24.41 -5.56 -11.07
C LEU C 344 -25.25 -4.95 -12.17
N GLU C 345 -25.56 -3.67 -12.04
CA GLU C 345 -26.41 -2.99 -13.02
C GLU C 345 -25.73 -2.89 -14.38
N ALA C 346 -24.40 -2.84 -14.38
CA ALA C 346 -23.65 -2.74 -15.62
C ALA C 346 -23.74 -4.04 -16.42
N MET C 347 -23.32 -5.14 -15.80
CA MET C 347 -23.35 -6.43 -16.46
C MET C 347 -24.78 -6.88 -16.77
N SER C 348 -25.71 -6.56 -15.88
CA SER C 348 -27.12 -6.90 -16.08
C SER C 348 -27.65 -6.24 -17.34
N HIS C 349 -27.28 -4.98 -17.54
CA HIS C 349 -27.73 -4.21 -18.69
C HIS C 349 -27.21 -4.82 -19.99
N ARG C 350 -25.91 -5.03 -20.07
CA ARG C 350 -25.32 -5.51 -21.31
C ARG C 350 -25.72 -6.95 -21.61
N LEU C 351 -25.95 -7.75 -20.57
CA LEU C 351 -26.45 -9.11 -20.76
C LEU C 351 -27.85 -9.06 -21.33
N HIS C 352 -28.66 -8.13 -20.85
CA HIS C 352 -30.02 -7.95 -21.34
C HIS C 352 -30.04 -7.48 -22.79
N ILE C 353 -29.19 -6.52 -23.12
CA ILE C 353 -29.12 -6.00 -24.48
C ILE C 353 -28.63 -7.07 -25.44
N ASP C 354 -27.57 -7.77 -25.05
CA ASP C 354 -27.02 -8.84 -25.88
C ASP C 354 -28.10 -9.89 -26.21
N ASN C 355 -28.80 -10.36 -25.18
CA ASN C 355 -29.86 -11.34 -25.38
C ASN C 355 -31.01 -10.78 -26.21
N SER C 356 -31.38 -9.54 -25.94
CA SER C 356 -32.50 -8.89 -26.64
C SER C 356 -32.24 -8.79 -28.14
N VAL C 357 -31.06 -8.28 -28.50
CA VAL C 357 -30.71 -8.12 -29.90
C VAL C 357 -30.72 -9.46 -30.63
N ILE C 358 -30.07 -10.47 -30.03
CA ILE C 358 -30.02 -11.80 -30.61
C ILE C 358 -31.42 -12.36 -30.81
N LEU C 359 -32.24 -12.28 -29.76
CA LEU C 359 -33.59 -12.81 -29.79
C LEU C 359 -34.43 -12.17 -30.88
N VAL C 360 -34.34 -10.84 -31.00
CA VAL C 360 -35.06 -10.11 -32.04
C VAL C 360 -34.66 -10.63 -33.42
N GLY C 361 -33.35 -10.84 -33.60
CA GLY C 361 -32.83 -11.34 -34.86
C GLY C 361 -33.41 -12.69 -35.21
N LYS C 362 -33.48 -13.58 -34.22
CA LYS C 362 -33.97 -14.94 -34.44
C LYS C 362 -35.47 -14.94 -34.72
N ILE C 363 -36.18 -13.98 -34.15
CA ILE C 363 -37.60 -13.84 -34.43
C ILE C 363 -37.82 -13.42 -35.89
N LEU C 364 -37.04 -12.46 -36.34
CA LEU C 364 -37.22 -11.87 -37.66
C LEU C 364 -36.78 -12.78 -38.80
N PHE C 365 -35.66 -13.48 -38.61
CA PHE C 365 -35.07 -14.27 -39.69
C PHE C 365 -35.03 -15.78 -39.42
N GLY C 366 -35.34 -16.17 -38.19
CA GLY C 366 -35.26 -17.58 -37.80
C GLY C 366 -34.01 -17.86 -36.99
N ILE C 367 -33.99 -19.01 -36.34
CA ILE C 367 -32.89 -19.38 -35.43
C ILE C 367 -31.54 -19.39 -36.12
N SER C 368 -31.48 -19.96 -37.32
CA SER C 368 -30.22 -20.08 -38.06
C SER C 368 -29.86 -18.76 -38.74
N ARG C 369 -30.75 -18.26 -39.58
CA ARG C 369 -30.49 -17.07 -40.38
C ARG C 369 -30.35 -15.80 -39.55
N GLY C 370 -30.83 -15.85 -38.32
CA GLY C 370 -30.78 -14.70 -37.43
C GLY C 370 -29.37 -14.16 -37.28
N PRO C 371 -28.52 -14.88 -36.54
CA PRO C 371 -27.10 -14.53 -36.38
C PRO C 371 -26.38 -14.33 -37.71
N GLU C 372 -26.77 -15.06 -38.75
CA GLU C 372 -26.16 -14.92 -40.06
C GLU C 372 -26.30 -13.50 -40.60
N VAL C 373 -27.53 -13.01 -40.58
CA VAL C 373 -27.84 -11.69 -41.13
C VAL C 373 -27.25 -10.57 -40.27
N LEU C 374 -27.43 -10.69 -38.96
CA LEU C 374 -27.03 -9.63 -38.05
C LEU C 374 -25.52 -9.43 -38.00
N ASN C 375 -24.78 -10.53 -38.12
CA ASN C 375 -23.33 -10.50 -37.94
C ASN C 375 -22.56 -10.38 -39.25
N LYS C 376 -23.27 -10.24 -40.36
CA LYS C 376 -22.62 -10.08 -41.66
C LYS C 376 -22.00 -8.70 -41.78
N VAL C 377 -20.71 -8.66 -42.12
CA VAL C 377 -20.00 -7.40 -42.29
C VAL C 377 -19.81 -7.08 -43.76
N ARG C 378 -20.28 -5.89 -44.17
CA ARG C 378 -20.12 -5.47 -45.56
C ARG C 378 -18.65 -5.24 -45.89
N SER C 379 -18.31 -5.37 -47.16
CA SER C 379 -16.95 -5.17 -47.63
C SER C 379 -16.46 -3.76 -47.28
N ALA C 380 -15.17 -3.63 -47.04
CA ALA C 380 -14.59 -2.33 -46.70
C ALA C 380 -14.84 -1.34 -47.83
N GLY C 381 -15.18 -0.10 -47.47
CA GLY C 381 -15.49 0.91 -48.45
C GLY C 381 -16.99 1.10 -48.59
N GLN C 382 -17.74 0.04 -48.33
CA GLN C 382 -19.20 0.09 -48.39
C GLN C 382 -19.76 0.80 -47.17
N PRO C 383 -20.87 1.54 -47.35
CA PRO C 383 -21.52 2.16 -46.20
C PRO C 383 -22.19 1.11 -45.32
N LEU C 384 -22.36 1.42 -44.04
CA LEU C 384 -22.95 0.48 -43.09
C LEU C 384 -24.38 0.12 -43.46
N VAL C 385 -25.19 1.14 -43.73
CA VAL C 385 -26.60 0.94 -44.02
C VAL C 385 -27.02 1.78 -45.23
N ASP C 386 -28.06 1.35 -45.93
CA ASP C 386 -28.56 2.06 -47.10
C ASP C 386 -29.58 3.13 -46.69
N ASP C 387 -30.47 2.75 -45.78
CA ASP C 387 -31.47 3.67 -45.26
C ASP C 387 -31.13 4.06 -43.82
N TRP C 388 -30.72 5.31 -43.61
CA TRP C 388 -30.34 5.77 -42.29
C TRP C 388 -31.55 6.16 -41.46
N ASN C 389 -32.62 6.58 -42.13
CA ASN C 389 -33.88 6.84 -41.44
C ASN C 389 -34.43 5.55 -40.84
N CYS C 390 -34.26 4.46 -41.58
CA CYS C 390 -34.64 3.14 -41.10
C CYS C 390 -33.85 2.77 -39.86
N LEU C 391 -32.54 3.02 -39.90
CA LEU C 391 -31.66 2.71 -38.78
C LEU C 391 -32.12 3.42 -37.52
N LYS C 392 -32.35 4.72 -37.63
CA LYS C 392 -32.78 5.52 -36.49
C LYS C 392 -34.14 5.05 -35.98
N ASN C 393 -35.07 4.83 -36.90
CA ASN C 393 -36.44 4.44 -36.53
C ASN C 393 -36.51 3.10 -35.81
N GLN C 394 -35.79 2.11 -36.34
CA GLN C 394 -35.86 0.76 -35.77
C GLN C 394 -35.10 0.67 -34.45
N VAL C 395 -34.10 1.53 -34.26
CA VAL C 395 -33.44 1.62 -32.97
C VAL C 395 -34.42 2.16 -31.93
N ARG C 396 -35.21 3.16 -32.32
CA ARG C 396 -36.24 3.70 -31.44
C ARG C 396 -37.27 2.65 -31.08
N ALA C 397 -37.75 1.93 -32.10
CA ALA C 397 -38.73 0.87 -31.91
C ALA C 397 -38.20 -0.18 -30.95
N PHE C 398 -36.92 -0.50 -31.06
CA PHE C 398 -36.26 -1.44 -30.18
C PHE C 398 -36.24 -0.89 -28.75
N GLU C 399 -35.79 0.35 -28.62
CA GLU C 399 -35.64 0.97 -27.32
C GLU C 399 -36.96 1.22 -26.62
N ARG C 400 -38.03 1.32 -27.40
CA ARG C 400 -39.36 1.57 -26.84
C ARG C 400 -39.84 0.40 -25.98
N HIS C 401 -39.27 -0.78 -26.24
CA HIS C 401 -39.64 -1.97 -25.48
C HIS C 401 -38.44 -2.62 -24.80
N CYS C 402 -37.27 -2.49 -25.42
CA CYS C 402 -36.04 -3.06 -24.89
C CYS C 402 -35.25 -2.08 -24.03
N GLY C 403 -35.74 -0.85 -23.92
CA GLY C 403 -35.07 0.17 -23.14
C GLY C 403 -33.96 0.82 -23.95
N SER C 404 -33.20 1.70 -23.29
CA SER C 404 -32.11 2.40 -23.95
C SER C 404 -30.94 1.47 -24.27
N LEU C 405 -30.26 1.72 -25.37
CA LEU C 405 -29.08 0.96 -25.73
C LEU C 405 -27.88 1.36 -24.87
N SER C 406 -27.91 2.59 -24.38
CA SER C 406 -26.78 3.18 -23.66
C SER C 406 -25.56 3.27 -24.58
N GLN C 407 -24.45 3.77 -24.05
CA GLN C 407 -23.25 3.90 -24.86
C GLN C 407 -22.58 2.55 -25.10
N TYR C 408 -23.04 1.52 -24.39
CA TYR C 408 -22.58 0.17 -24.63
C TYR C 408 -23.31 -0.47 -25.81
N GLY C 409 -24.64 -0.44 -25.75
CA GLY C 409 -25.49 -1.15 -26.68
C GLY C 409 -25.35 -0.76 -28.14
N ILE C 410 -24.76 0.39 -28.39
CA ILE C 410 -24.54 0.85 -29.76
C ILE C 410 -23.52 -0.03 -30.48
N LYS C 411 -22.96 -0.99 -29.75
CA LYS C 411 -22.08 -1.99 -30.36
C LYS C 411 -22.86 -2.86 -31.34
N HIS C 412 -24.16 -2.97 -31.12
CA HIS C 412 -25.03 -3.80 -31.95
C HIS C 412 -25.63 -3.01 -33.12
N MET C 413 -25.07 -1.85 -33.41
CA MET C 413 -25.67 -0.96 -34.40
C MET C 413 -25.61 -1.55 -35.80
N ARG C 414 -24.62 -2.38 -36.07
CA ARG C 414 -24.53 -3.04 -37.38
C ARG C 414 -25.65 -4.07 -37.53
N SER C 415 -26.03 -4.70 -36.43
CA SER C 415 -27.13 -5.65 -36.43
C SER C 415 -28.42 -4.95 -36.83
N PHE C 416 -28.61 -3.73 -36.33
CA PHE C 416 -29.78 -2.94 -36.71
C PHE C 416 -29.68 -2.53 -38.18
N ALA C 417 -28.45 -2.26 -38.61
CA ALA C 417 -28.19 -1.87 -39.99
C ALA C 417 -28.47 -3.01 -40.95
N ASN C 418 -28.03 -4.22 -40.59
CA ASN C 418 -28.24 -5.39 -41.43
C ASN C 418 -29.71 -5.76 -41.53
N ILE C 419 -30.45 -5.50 -40.45
CA ILE C 419 -31.89 -5.72 -40.44
C ILE C 419 -32.56 -4.80 -41.46
N CYS C 420 -32.13 -3.54 -41.46
CA CYS C 420 -32.64 -2.56 -42.41
C CYS C 420 -32.25 -2.95 -43.84
N ASN C 421 -30.98 -3.31 -44.02
CA ASN C 421 -30.48 -3.73 -45.32
C ASN C 421 -31.22 -4.96 -45.84
N ALA C 422 -31.69 -5.80 -44.91
CA ALA C 422 -32.40 -7.02 -45.28
C ALA C 422 -33.85 -6.72 -45.68
N GLY C 423 -34.26 -5.47 -45.54
CA GLY C 423 -35.58 -5.05 -45.98
C GLY C 423 -36.69 -5.26 -44.96
N ILE C 424 -36.32 -5.46 -43.70
CA ILE C 424 -37.30 -5.55 -42.63
C ILE C 424 -37.96 -4.20 -42.40
N GLN C 425 -39.27 -4.22 -42.13
CA GLN C 425 -40.02 -2.99 -41.96
C GLN C 425 -40.00 -2.54 -40.50
N MET C 426 -40.24 -1.26 -40.27
CA MET C 426 -40.23 -0.69 -38.93
C MET C 426 -41.25 -1.36 -38.02
N GLU C 427 -42.37 -1.77 -38.60
CA GLU C 427 -43.46 -2.37 -37.84
C GLU C 427 -43.12 -3.78 -37.39
N GLN C 428 -42.35 -4.50 -38.20
CA GLN C 428 -41.92 -5.85 -37.84
C GLN C 428 -40.94 -5.79 -36.69
N MET C 429 -40.08 -4.76 -36.69
CA MET C 429 -39.15 -4.53 -35.59
C MET C 429 -39.91 -4.25 -34.30
N GLU C 430 -40.95 -3.43 -34.40
CA GLU C 430 -41.78 -3.09 -33.25
C GLU C 430 -42.37 -4.35 -32.62
N GLU C 431 -42.91 -5.24 -33.45
CA GLU C 431 -43.52 -6.46 -32.98
C GLU C 431 -42.48 -7.41 -32.39
N ALA C 432 -41.35 -7.55 -33.08
CA ALA C 432 -40.28 -8.43 -32.61
C ALA C 432 -39.72 -7.93 -31.29
N ALA C 433 -39.61 -6.62 -31.15
CA ALA C 433 -39.12 -6.01 -29.92
C ALA C 433 -40.13 -6.21 -28.79
N SER C 434 -41.41 -6.11 -29.13
CA SER C 434 -42.48 -6.29 -28.17
C SER C 434 -42.43 -7.72 -27.61
N GLN C 435 -42.27 -8.68 -28.52
CA GLN C 435 -42.15 -10.07 -28.15
C GLN C 435 -40.82 -10.29 -27.44
N ALA C 436 -39.78 -9.72 -28.02
CA ALA C 436 -38.43 -9.83 -27.46
C ALA C 436 -38.37 -9.16 -26.10
N CYS C 437 -38.99 -7.99 -25.98
CA CYS C 437 -39.01 -7.28 -24.71
C CYS C 437 -40.45 -7.23 -24.21
N THR C 438 -40.71 -8.01 -23.18
CA THR C 438 -42.04 -8.07 -22.56
C THR C 438 -42.45 -6.78 -21.87
N THR C 439 -41.48 -6.14 -21.23
CA THR C 439 -41.72 -4.93 -20.45
C THR C 439 -40.41 -4.20 -20.33
N LEU C 440 -40.46 -2.89 -20.10
CA LEU C 440 -39.23 -2.13 -19.97
C LEU C 440 -38.44 -2.56 -18.75
N PRO C 441 -37.13 -2.72 -18.93
CA PRO C 441 -36.26 -3.14 -17.83
C PRO C 441 -35.89 -1.97 -16.93
N THR C 442 -35.81 -2.24 -15.63
CA THR C 442 -35.46 -1.21 -14.67
C THR C 442 -33.95 -1.13 -14.48
N GLY C 443 -33.39 0.05 -14.68
CA GLY C 443 -31.96 0.27 -14.53
C GLY C 443 -31.57 1.63 -15.04
N PRO C 444 -30.44 2.17 -14.54
CA PRO C 444 -29.98 3.50 -14.95
C PRO C 444 -29.50 3.53 -16.40
N TRP C 445 -29.07 2.37 -16.91
CA TRP C 445 -28.56 2.29 -18.27
C TRP C 445 -29.68 2.06 -19.28
N SER C 446 -30.78 1.47 -18.82
CA SER C 446 -31.90 1.16 -19.69
C SER C 446 -32.99 2.22 -19.64
N SER C 447 -32.72 3.30 -18.92
CA SER C 447 -33.71 4.36 -18.74
C SER C 447 -33.92 5.18 -20.01
N LEU C 448 -35.17 5.54 -20.27
CA LEU C 448 -35.53 6.36 -21.42
C LEU C 448 -35.81 7.80 -21.01
N ASN C 449 -35.45 8.14 -19.78
CA ASN C 449 -35.75 9.45 -19.22
C ASN C 449 -35.02 10.59 -19.91
N ARG C 450 -33.87 10.28 -20.52
CA ARG C 450 -33.07 11.29 -21.19
C ARG C 450 -33.27 11.26 -22.71
N GLY C 451 -34.11 10.34 -23.17
CA GLY C 451 -34.44 10.27 -24.58
C GLY C 451 -33.95 8.99 -25.25
N PHE C 452 -34.32 8.82 -26.51
CA PHE C 452 -33.91 7.67 -27.29
C PHE C 452 -32.55 7.90 -27.94
N SER C 453 -31.78 6.83 -28.13
CA SER C 453 -30.46 6.94 -28.75
C SER C 453 -30.56 7.35 -30.22
N ALA C 454 -31.75 7.19 -30.79
CA ALA C 454 -31.97 7.52 -32.20
C ALA C 454 -33.14 8.47 -32.38
N SER D 16 7.69 -43.73 23.01
CA SER D 16 7.37 -43.14 21.72
C SER D 16 6.06 -43.71 21.17
N GLY D 17 5.70 -43.29 19.96
CA GLY D 17 4.48 -43.76 19.31
C GLY D 17 4.43 -43.37 17.85
N THR D 18 3.30 -43.66 17.20
CA THR D 18 3.13 -43.33 15.79
C THR D 18 2.52 -41.93 15.64
N ARG D 19 2.81 -41.29 14.51
CA ARG D 19 2.33 -39.93 14.26
C ARG D 19 1.16 -39.91 13.28
N TRP D 20 0.03 -39.38 13.72
CA TRP D 20 -1.16 -39.32 12.89
C TRP D 20 -1.34 -37.96 12.25
N ALA D 21 -2.28 -37.85 11.33
CA ALA D 21 -2.57 -36.60 10.65
C ALA D 21 -3.94 -36.61 9.98
N VAL D 22 -4.63 -35.47 10.05
CA VAL D 22 -5.93 -35.31 9.39
C VAL D 22 -5.92 -34.06 8.53
N LEU D 23 -6.16 -34.23 7.24
CA LEU D 23 -6.13 -33.12 6.30
C LEU D 23 -7.51 -32.90 5.69
N VAL D 24 -8.04 -31.69 5.83
CA VAL D 24 -9.43 -31.43 5.45
C VAL D 24 -9.61 -30.17 4.61
N ALA D 25 -10.07 -30.36 3.38
CA ALA D 25 -10.49 -29.25 2.53
C ALA D 25 -12.01 -29.15 2.54
N GLY D 26 -12.53 -28.10 3.15
CA GLY D 26 -13.95 -28.01 3.42
C GLY D 26 -14.76 -27.26 2.37
N SER D 27 -14.34 -27.35 1.11
CA SER D 27 -15.02 -26.64 0.05
C SER D 27 -15.04 -27.43 -1.25
N SER D 28 -15.78 -26.93 -2.23
CA SER D 28 -15.84 -27.54 -3.56
C SER D 28 -15.93 -26.47 -4.63
N GLY D 29 -15.74 -26.86 -5.89
CA GLY D 29 -15.78 -25.92 -6.99
C GLY D 29 -14.38 -25.51 -7.40
N TYR D 30 -14.19 -25.25 -8.69
CA TYR D 30 -12.89 -24.88 -9.24
C TYR D 30 -12.39 -23.56 -8.65
N TRP D 31 -13.32 -22.69 -8.27
CA TRP D 31 -12.98 -21.41 -7.67
C TRP D 31 -12.32 -21.60 -6.30
N ASN D 32 -12.47 -22.79 -5.73
CA ASN D 32 -11.87 -23.15 -4.45
C ASN D 32 -10.73 -24.14 -4.64
N TYR D 33 -10.11 -24.07 -5.82
CA TYR D 33 -9.02 -24.95 -6.21
C TYR D 33 -7.93 -24.91 -5.16
N ARG D 34 -7.71 -23.73 -4.60
CA ARG D 34 -6.67 -23.48 -3.62
C ARG D 34 -6.83 -24.32 -2.36
N HIS D 35 -8.05 -24.46 -1.87
CA HIS D 35 -8.27 -25.18 -0.62
C HIS D 35 -7.89 -26.63 -0.77
N GLN D 36 -8.32 -27.27 -1.85
CA GLN D 36 -7.98 -28.67 -2.08
C GLN D 36 -6.48 -28.80 -2.33
N ALA D 37 -5.90 -27.83 -3.01
CA ALA D 37 -4.46 -27.83 -3.29
C ALA D 37 -3.65 -27.80 -1.99
N ASP D 38 -4.13 -27.06 -1.00
CA ASP D 38 -3.43 -26.93 0.28
C ASP D 38 -3.32 -28.27 0.99
N ILE D 39 -4.40 -29.03 0.98
CA ILE D 39 -4.45 -30.34 1.62
C ILE D 39 -3.51 -31.33 0.90
N CYS D 40 -3.53 -31.28 -0.42
CA CYS D 40 -2.66 -32.15 -1.23
C CYS D 40 -1.19 -31.86 -0.95
N HIS D 41 -0.84 -30.58 -0.94
CA HIS D 41 0.52 -30.16 -0.61
C HIS D 41 0.90 -30.65 0.78
N ALA D 42 -0.02 -30.46 1.73
CA ALA D 42 0.20 -30.87 3.10
C ALA D 42 0.47 -32.36 3.22
N TYR D 43 -0.20 -33.15 2.39
CA TYR D 43 -0.05 -34.60 2.42
C TYR D 43 1.34 -35.04 1.98
N GLN D 44 1.79 -34.53 0.84
CA GLN D 44 3.11 -34.86 0.32
C GLN D 44 4.19 -34.45 1.31
N LEU D 45 3.98 -33.31 1.94
CA LEU D 45 4.92 -32.80 2.93
C LEU D 45 5.07 -33.75 4.12
N LEU D 46 3.98 -34.39 4.50
CA LEU D 46 3.97 -35.29 5.65
C LEU D 46 4.56 -36.66 5.32
N ARG D 47 4.21 -37.20 4.15
CA ARG D 47 4.73 -38.48 3.72
C ARG D 47 6.25 -38.43 3.60
N LYS D 48 6.75 -37.36 3.00
CA LYS D 48 8.18 -37.16 2.84
C LYS D 48 8.86 -36.93 4.19
N GLY D 49 8.06 -36.58 5.19
CA GLY D 49 8.56 -36.36 6.53
C GLY D 49 8.78 -37.65 7.29
N GLY D 50 8.02 -38.68 6.91
CA GLY D 50 8.15 -39.99 7.53
C GLY D 50 6.82 -40.66 7.81
N LEU D 51 5.78 -39.86 8.01
CA LEU D 51 4.45 -40.37 8.30
C LEU D 51 3.95 -41.31 7.21
N LYS D 52 3.27 -42.37 7.62
CA LYS D 52 2.78 -43.38 6.68
C LYS D 52 1.35 -43.06 6.22
N GLU D 53 1.02 -43.52 5.01
CA GLU D 53 -0.29 -43.24 4.41
C GLU D 53 -1.44 -43.72 5.29
N GLU D 54 -1.23 -44.84 5.98
CA GLU D 54 -2.26 -45.41 6.83
C GLU D 54 -2.56 -44.52 8.03
N ASN D 55 -1.65 -43.60 8.34
CA ASN D 55 -1.80 -42.72 9.48
C ASN D 55 -2.29 -41.32 9.09
N ILE D 56 -2.54 -41.12 7.81
CA ILE D 56 -2.99 -39.83 7.31
C ILE D 56 -4.37 -39.92 6.67
N VAL D 57 -5.36 -39.29 7.29
CA VAL D 57 -6.73 -39.31 6.78
C VAL D 57 -7.00 -38.04 5.98
N VAL D 58 -7.44 -38.20 4.74
CA VAL D 58 -7.58 -37.07 3.82
C VAL D 58 -9.02 -36.83 3.37
N PHE D 59 -9.52 -35.65 3.68
CA PHE D 59 -10.83 -35.21 3.20
C PHE D 59 -10.69 -34.21 2.06
N MET D 60 -11.25 -34.54 0.92
CA MET D 60 -11.30 -33.64 -0.24
C MET D 60 -12.43 -34.03 -1.17
N TYR D 61 -13.17 -33.05 -1.67
CA TYR D 61 -14.29 -33.33 -2.57
C TYR D 61 -13.80 -34.00 -3.84
N ASP D 62 -12.55 -33.70 -4.20
CA ASP D 62 -11.84 -34.36 -5.30
C ASP D 62 -12.51 -34.06 -6.65
N ASP D 63 -12.78 -32.78 -6.89
CA ASP D 63 -13.36 -32.34 -8.15
C ASP D 63 -12.48 -31.27 -8.80
N ILE D 64 -11.20 -31.31 -8.48
CA ILE D 64 -10.24 -30.32 -8.96
C ILE D 64 -9.30 -30.88 -10.02
N ALA D 65 -8.72 -32.04 -9.71
CA ALA D 65 -7.74 -32.66 -10.60
C ALA D 65 -8.34 -32.97 -11.96
N ASN D 66 -9.60 -33.37 -11.96
CA ASN D 66 -10.29 -33.72 -13.20
C ASN D 66 -11.38 -32.71 -13.56
N ASN D 67 -11.11 -31.44 -13.28
CA ASN D 67 -12.05 -30.36 -13.59
C ASN D 67 -11.88 -29.88 -15.02
N TYR D 68 -13.00 -29.53 -15.66
CA TYR D 68 -13.00 -29.03 -17.03
C TYR D 68 -12.14 -27.77 -17.17
N GLU D 69 -12.07 -27.00 -16.10
CA GLU D 69 -11.32 -25.74 -16.12
C GLU D 69 -9.83 -25.95 -15.84
N ASN D 70 -9.47 -27.16 -15.44
CA ASN D 70 -8.08 -27.48 -15.13
C ASN D 70 -7.21 -27.49 -16.38
N PRO D 71 -6.24 -26.57 -16.46
CA PRO D 71 -5.34 -26.50 -17.62
C PRO D 71 -4.43 -27.73 -17.72
N ARG D 72 -4.18 -28.37 -16.59
CA ARG D 72 -3.33 -29.55 -16.54
C ARG D 72 -4.05 -30.70 -15.85
N PRO D 73 -4.97 -31.36 -16.59
CA PRO D 73 -5.83 -32.43 -16.04
C PRO D 73 -5.06 -33.51 -15.28
N GLY D 74 -5.62 -33.97 -14.16
CA GLY D 74 -5.03 -35.02 -13.38
C GLY D 74 -3.95 -34.54 -12.41
N THR D 75 -3.71 -33.23 -12.41
CA THR D 75 -2.68 -32.66 -11.55
C THR D 75 -3.19 -31.46 -10.77
N ILE D 76 -2.56 -31.20 -9.63
CA ILE D 76 -2.85 -30.03 -8.83
C ILE D 76 -1.55 -29.42 -8.32
N ILE D 77 -1.40 -28.11 -8.46
CA ILE D 77 -0.21 -27.42 -7.96
C ILE D 77 -0.58 -26.43 -6.87
N ASN D 78 0.38 -26.13 -6.01
CA ASN D 78 0.14 -25.23 -4.88
C ASN D 78 1.04 -23.99 -4.95
N SER D 79 1.62 -23.75 -6.12
CA SER D 79 2.45 -22.57 -6.35
C SER D 79 2.68 -22.42 -7.86
N PRO D 80 3.03 -21.20 -8.32
CA PRO D 80 3.16 -20.93 -9.77
C PRO D 80 4.07 -21.91 -10.51
N HIS D 81 5.32 -22.04 -10.06
CA HIS D 81 6.27 -22.94 -10.70
C HIS D 81 6.32 -24.29 -9.98
N GLY D 82 5.33 -24.53 -9.12
CA GLY D 82 5.29 -25.73 -8.32
C GLY D 82 5.03 -27.01 -9.11
N LYS D 83 5.39 -28.14 -8.51
CA LYS D 83 5.13 -29.44 -9.09
C LYS D 83 3.75 -29.94 -8.67
N ASP D 84 3.31 -31.03 -9.29
CA ASP D 84 2.03 -31.64 -8.93
C ASP D 84 2.09 -32.26 -7.54
N VAL D 85 0.97 -32.21 -6.83
CA VAL D 85 0.89 -32.78 -5.49
C VAL D 85 -0.33 -33.67 -5.32
N TYR D 86 -1.04 -33.92 -6.42
CA TYR D 86 -2.28 -34.69 -6.37
C TYR D 86 -2.04 -36.21 -6.40
N GLN D 87 -1.02 -36.63 -7.13
CA GLN D 87 -0.73 -38.06 -7.26
C GLN D 87 -0.25 -38.65 -5.95
N GLY D 88 -0.82 -39.80 -5.58
CA GLY D 88 -0.40 -40.53 -4.39
C GLY D 88 -1.26 -40.27 -3.17
N VAL D 89 -2.11 -39.25 -3.24
CA VAL D 89 -2.97 -38.90 -2.11
C VAL D 89 -4.13 -39.88 -2.01
N PRO D 90 -4.35 -40.45 -0.81
CA PRO D 90 -5.44 -41.42 -0.65
C PRO D 90 -6.81 -40.76 -0.72
N LYS D 91 -7.77 -41.47 -1.29
CA LYS D 91 -9.13 -40.97 -1.39
C LYS D 91 -9.98 -41.61 -0.31
N ASP D 92 -9.60 -41.35 0.94
CA ASP D 92 -10.29 -41.91 2.10
C ASP D 92 -11.74 -41.46 2.15
N TYR D 93 -11.94 -40.15 2.11
CA TYR D 93 -13.28 -39.57 2.14
C TYR D 93 -13.39 -38.46 1.12
N THR D 94 -14.21 -38.69 0.09
CA THR D 94 -14.36 -37.75 -1.01
C THR D 94 -15.82 -37.57 -1.37
N GLY D 95 -16.11 -36.52 -2.13
CA GLY D 95 -17.47 -36.22 -2.53
C GLY D 95 -18.36 -35.93 -1.33
N ASP D 96 -19.52 -36.56 -1.31
CA ASP D 96 -20.49 -36.35 -0.25
C ASP D 96 -20.07 -37.03 1.06
N ASP D 97 -19.02 -37.84 0.98
CA ASP D 97 -18.48 -38.49 2.16
C ASP D 97 -17.75 -37.49 3.05
N VAL D 98 -17.40 -36.34 2.48
CA VAL D 98 -16.77 -35.28 3.25
C VAL D 98 -17.83 -34.56 4.07
N ASN D 99 -18.09 -35.08 5.27
CA ASN D 99 -19.12 -34.52 6.14
C ASN D 99 -18.69 -34.50 7.60
N VAL D 100 -19.47 -33.82 8.42
CA VAL D 100 -19.15 -33.63 9.83
C VAL D 100 -19.07 -34.97 10.57
N ASP D 101 -20.02 -35.86 10.29
CA ASP D 101 -20.09 -37.15 10.95
C ASP D 101 -18.83 -37.97 10.74
N ASN D 102 -18.41 -38.11 9.48
CA ASN D 102 -17.19 -38.85 9.16
C ASN D 102 -15.97 -38.22 9.81
N LEU D 103 -15.94 -36.90 9.87
CA LEU D 103 -14.81 -36.18 10.45
C LEU D 103 -14.67 -36.50 11.94
N PHE D 104 -15.76 -36.33 12.69
CA PHE D 104 -15.76 -36.64 14.11
C PHE D 104 -15.44 -38.12 14.32
N ALA D 105 -16.00 -38.97 13.47
CA ALA D 105 -15.77 -40.41 13.53
C ALA D 105 -14.28 -40.71 13.34
N VAL D 106 -13.67 -40.05 12.36
CA VAL D 106 -12.25 -40.22 12.10
C VAL D 106 -11.43 -39.75 13.29
N ILE D 107 -11.78 -38.60 13.83
CA ILE D 107 -11.07 -38.03 14.97
C ILE D 107 -11.16 -38.94 16.19
N LEU D 108 -12.35 -39.46 16.47
CA LEU D 108 -12.60 -40.28 17.65
C LEU D 108 -12.10 -41.72 17.48
N GLY D 109 -11.88 -42.10 16.23
CA GLY D 109 -11.40 -43.44 15.90
C GLY D 109 -12.50 -44.47 15.94
N ASP D 110 -13.72 -44.05 15.57
CA ASP D 110 -14.87 -44.94 15.57
C ASP D 110 -15.23 -45.39 14.16
N LYS D 111 -15.00 -46.65 13.86
CA LYS D 111 -15.30 -47.15 12.53
C LYS D 111 -16.76 -47.47 12.30
N THR D 112 -17.52 -47.61 13.38
CA THR D 112 -18.94 -47.88 13.27
C THR D 112 -19.66 -46.58 12.96
N ALA D 113 -19.07 -45.47 13.39
CA ALA D 113 -19.69 -44.16 13.18
C ALA D 113 -19.45 -43.66 11.75
N VAL D 114 -18.44 -44.21 11.09
CA VAL D 114 -18.13 -43.85 9.71
C VAL D 114 -19.27 -44.26 8.77
N LYS D 115 -19.49 -43.47 7.72
CA LYS D 115 -20.51 -43.79 6.73
C LYS D 115 -20.01 -43.42 5.33
N GLY D 116 -19.52 -44.41 4.60
CA GLY D 116 -19.00 -44.20 3.26
C GLY D 116 -17.48 -44.03 3.26
N GLY D 117 -16.90 -43.96 2.07
CA GLY D 117 -15.46 -43.80 1.92
C GLY D 117 -14.70 -44.99 2.48
N SER D 118 -13.39 -44.82 2.67
CA SER D 118 -12.58 -45.86 3.28
C SER D 118 -12.84 -45.91 4.78
N GLY D 119 -12.46 -47.02 5.40
CA GLY D 119 -12.71 -47.20 6.83
C GLY D 119 -11.67 -46.56 7.71
N LYS D 120 -10.74 -45.82 7.10
CA LYS D 120 -9.63 -45.23 7.84
C LYS D 120 -10.09 -44.19 8.85
N VAL D 121 -9.64 -44.33 10.08
CA VAL D 121 -9.87 -43.37 11.15
C VAL D 121 -8.61 -43.22 11.99
N VAL D 122 -8.64 -42.31 12.95
CA VAL D 122 -7.49 -42.09 13.82
C VAL D 122 -7.56 -43.03 15.02
N ASP D 123 -7.18 -44.28 14.80
CA ASP D 123 -7.12 -45.27 15.87
C ASP D 123 -5.80 -45.12 16.62
N SER D 124 -5.62 -43.96 17.24
CA SER D 124 -4.36 -43.61 17.89
C SER D 124 -4.16 -44.30 19.23
N GLY D 125 -3.02 -44.02 19.86
CA GLY D 125 -2.72 -44.51 21.18
C GLY D 125 -2.30 -43.36 22.09
N PRO D 126 -2.14 -43.64 23.39
CA PRO D 126 -1.82 -42.60 24.38
C PRO D 126 -0.45 -41.94 24.16
N ASN D 127 0.43 -42.59 23.41
CA ASN D 127 1.76 -42.05 23.14
C ASN D 127 1.86 -41.36 21.78
N ASP D 128 0.77 -41.43 21.02
CA ASP D 128 0.78 -40.91 19.65
C ASP D 128 0.59 -39.40 19.56
N HIS D 129 1.08 -38.83 18.46
CA HIS D 129 0.93 -37.41 18.20
C HIS D 129 0.03 -37.18 16.98
N ILE D 130 -0.92 -36.25 17.12
CA ILE D 130 -1.90 -35.99 16.07
C ILE D 130 -1.76 -34.57 15.52
N PHE D 131 -1.92 -34.43 14.21
CA PHE D 131 -1.83 -33.13 13.55
C PHE D 131 -2.99 -32.93 12.59
N ILE D 132 -3.91 -32.04 12.95
CA ILE D 132 -5.06 -31.76 12.12
C ILE D 132 -4.88 -30.45 11.34
N PHE D 133 -5.20 -30.48 10.06
CA PHE D 133 -5.08 -29.30 9.21
C PHE D 133 -6.36 -29.08 8.41
N TYR D 134 -6.93 -27.88 8.55
CA TYR D 134 -8.14 -27.51 7.83
C TYR D 134 -7.90 -26.28 6.97
N SER D 135 -8.54 -26.25 5.80
CA SER D 135 -8.43 -25.09 4.93
C SER D 135 -9.64 -24.91 4.00
N HIS D 137 -13.37 -22.45 3.70
CA HIS D 137 -14.07 -21.21 4.01
C HIS D 137 -14.53 -21.25 5.45
N GLY D 138 -15.00 -20.11 5.95
CA GLY D 138 -15.50 -20.06 7.30
C GLY D 138 -16.11 -18.72 7.67
N GLY D 139 -16.67 -18.66 8.86
CA GLY D 139 -17.19 -17.43 9.40
C GLY D 139 -17.00 -17.49 10.90
N PRO D 140 -17.50 -16.48 11.63
CA PRO D 140 -17.39 -16.50 13.08
C PRO D 140 -18.11 -17.71 13.69
N GLY D 141 -17.36 -18.56 14.38
CA GLY D 141 -17.93 -19.71 15.05
C GLY D 141 -18.41 -20.82 14.13
N VAL D 142 -17.98 -20.79 12.88
CA VAL D 142 -18.40 -21.79 11.90
C VAL D 142 -17.34 -22.04 10.84
N LEU D 143 -17.22 -23.29 10.40
CA LEU D 143 -16.31 -23.66 9.33
C LEU D 143 -17.07 -24.34 8.21
N GLY D 144 -16.73 -24.00 6.97
CA GLY D 144 -17.46 -24.51 5.82
C GLY D 144 -17.20 -25.97 5.53
N MET D 145 -18.17 -26.60 4.89
CA MET D 145 -18.04 -27.98 4.43
C MET D 145 -18.66 -28.10 3.04
N PRO D 146 -18.19 -29.07 2.24
CA PRO D 146 -18.83 -29.30 0.93
C PRO D 146 -20.18 -30.00 1.08
N THR D 147 -20.51 -30.36 2.31
CA THR D 147 -21.80 -30.97 2.62
C THR D 147 -22.49 -30.17 3.72
N SER D 148 -23.83 -30.18 3.71
CA SER D 148 -24.60 -29.53 4.75
C SER D 148 -25.04 -30.57 5.78
N PRO D 149 -25.11 -30.18 7.07
CA PRO D 149 -24.85 -28.84 7.62
C PRO D 149 -23.36 -28.56 7.84
N TYR D 150 -23.04 -27.32 8.17
CA TYR D 150 -21.66 -26.91 8.35
C TYR D 150 -21.12 -27.26 9.73
N LEU D 151 -19.80 -27.14 9.89
CA LEU D 151 -19.13 -27.49 11.14
C LEU D 151 -19.13 -26.31 12.10
N TYR D 152 -19.77 -26.48 13.25
CA TYR D 152 -19.87 -25.42 14.24
C TYR D 152 -18.86 -25.61 15.37
N ALA D 153 -18.36 -24.48 15.89
CA ALA D 153 -17.24 -24.48 16.83
C ALA D 153 -17.50 -25.31 18.07
N ASN D 154 -18.70 -25.22 18.63
CA ASN D 154 -19.03 -25.95 19.84
C ASN D 154 -18.88 -27.45 19.65
N ASP D 155 -19.38 -27.96 18.53
CA ASP D 155 -19.30 -29.38 18.22
C ASP D 155 -17.84 -29.84 18.07
N LEU D 156 -17.05 -29.02 17.38
CA LEU D 156 -15.64 -29.33 17.16
C LEU D 156 -14.88 -29.38 18.48
N ASN D 157 -15.20 -28.47 19.39
CA ASN D 157 -14.53 -28.43 20.68
C ASN D 157 -15.05 -29.53 21.61
N ASP D 158 -16.27 -29.98 21.37
CA ASP D 158 -16.85 -31.06 22.16
C ASP D 158 -16.22 -32.40 21.78
N VAL D 159 -15.98 -32.61 20.49
CA VAL D 159 -15.38 -33.85 20.02
C VAL D 159 -13.89 -33.89 20.42
N LEU D 160 -13.28 -32.72 20.55
CA LEU D 160 -11.92 -32.64 21.08
C LEU D 160 -11.92 -32.93 22.58
N LYS D 161 -12.91 -32.38 23.27
CA LYS D 161 -13.08 -32.64 24.69
C LYS D 161 -13.40 -34.12 24.90
N LYS D 162 -14.23 -34.66 24.02
CA LYS D 162 -14.59 -36.07 24.05
C LYS D 162 -13.35 -36.94 23.82
N LYS D 163 -12.56 -36.58 22.81
CA LYS D 163 -11.34 -37.31 22.47
C LYS D 163 -10.36 -37.36 23.64
N HIS D 164 -10.18 -36.24 24.31
CA HIS D 164 -9.26 -36.14 25.44
C HIS D 164 -9.71 -37.04 26.59
N ALA D 165 -11.02 -37.13 26.78
CA ALA D 165 -11.59 -37.97 27.84
C ALA D 165 -11.23 -39.43 27.60
N LEU D 166 -11.12 -39.81 26.32
CA LEU D 166 -10.66 -41.14 25.96
C LEU D 166 -9.16 -41.29 26.22
N GLY D 167 -8.44 -40.17 26.23
CA GLY D 167 -7.00 -40.18 26.46
C GLY D 167 -6.26 -41.02 25.43
N THR D 168 -6.62 -40.84 24.17
CA THR D 168 -6.05 -41.63 23.09
C THR D 168 -4.91 -40.91 22.37
N TYR D 169 -4.29 -39.94 23.04
CA TYR D 169 -3.18 -39.20 22.44
C TYR D 169 -2.34 -38.48 23.50
N LYS D 170 -1.05 -38.32 23.22
CA LYS D 170 -0.17 -37.59 24.12
C LYS D 170 -0.30 -36.09 23.90
N SER D 171 -0.09 -35.66 22.67
CA SER D 171 -0.21 -34.26 22.30
C SER D 171 -0.89 -34.12 20.94
N LEU D 172 -1.53 -32.97 20.72
CA LEU D 172 -2.24 -32.73 19.47
C LEU D 172 -2.04 -31.29 18.99
N VAL D 173 -1.83 -31.12 17.69
CA VAL D 173 -1.66 -29.81 17.10
C VAL D 173 -2.76 -29.57 16.06
N PHE D 174 -3.24 -28.34 15.97
CA PHE D 174 -4.29 -28.01 15.01
C PHE D 174 -3.95 -26.73 14.24
N TYR D 175 -3.83 -26.84 12.93
CA TYR D 175 -3.64 -25.68 12.07
C TYR D 175 -4.93 -25.34 11.35
N LEU D 176 -5.39 -24.11 11.49
CA LEU D 176 -6.69 -23.70 10.95
C LEU D 176 -6.59 -22.54 9.98
N GLU D 177 -7.00 -22.77 8.75
CA GLU D 177 -7.01 -21.75 7.70
C GLU D 177 -8.44 -21.39 7.33
N ALA D 178 -8.93 -20.26 7.83
CA ALA D 178 -10.30 -19.84 7.55
C ALA D 178 -10.57 -18.39 7.96
N GLU D 180 -12.19 -15.46 10.07
CA GLU D 180 -12.48 -15.33 11.50
C GLU D 180 -12.21 -16.65 12.23
N SER D 181 -11.10 -17.28 11.91
CA SER D 181 -10.74 -18.60 12.44
C SER D 181 -10.62 -18.65 13.96
N GLY D 182 -10.16 -17.56 14.57
CA GLY D 182 -9.99 -17.54 16.02
C GLY D 182 -11.29 -17.79 16.77
N SER D 183 -12.41 -17.47 16.13
CA SER D 183 -13.73 -17.65 16.73
C SER D 183 -14.00 -19.11 17.06
N ILE D 184 -13.37 -20.01 16.30
CA ILE D 184 -13.55 -21.44 16.46
C ILE D 184 -13.10 -21.97 17.83
N PHE D 185 -12.03 -21.40 18.36
CA PHE D 185 -11.46 -21.88 19.61
C PHE D 185 -11.61 -20.90 20.77
N GLU D 186 -11.69 -19.61 20.43
CA GLU D 186 -11.74 -18.56 21.45
C GLU D 186 -12.99 -18.66 22.31
N GLY D 187 -12.81 -19.02 23.57
CA GLY D 187 -13.91 -19.13 24.51
C GLY D 187 -14.43 -20.55 24.62
N LEU D 188 -14.02 -21.42 23.70
CA LEU D 188 -14.49 -22.80 23.69
C LEU D 188 -13.37 -23.76 24.06
N LEU D 189 -12.27 -23.68 23.31
CA LEU D 189 -11.13 -24.59 23.48
C LEU D 189 -10.41 -24.29 24.79
N PRO D 190 -10.58 -25.15 25.80
CA PRO D 190 -9.97 -24.89 27.11
C PRO D 190 -8.54 -25.42 27.21
N GLU D 191 -7.86 -25.06 28.30
CA GLU D 191 -6.50 -25.54 28.53
C GLU D 191 -6.53 -26.88 29.26
N GLY D 192 -5.39 -27.58 29.25
CA GLY D 192 -5.28 -28.84 29.95
C GLY D 192 -5.74 -30.03 29.12
N LEU D 193 -6.07 -29.78 27.86
CA LEU D 193 -6.47 -30.86 26.95
C LEU D 193 -5.29 -31.36 26.13
N ASN D 194 -4.11 -30.81 26.41
CA ASN D 194 -2.87 -31.16 25.71
C ASN D 194 -2.98 -30.86 24.22
N ILE D 195 -3.69 -29.78 23.89
CA ILE D 195 -3.90 -29.37 22.51
C ILE D 195 -3.33 -27.98 22.25
N TYR D 196 -2.68 -27.83 21.10
CA TYR D 196 -2.14 -26.53 20.68
C TYR D 196 -2.67 -26.16 19.29
N ALA D 197 -3.52 -25.15 19.25
CA ALA D 197 -4.14 -24.72 17.99
C ALA D 197 -3.66 -23.33 17.56
N THR D 198 -3.37 -23.19 16.27
CA THR D 198 -3.03 -21.90 15.69
C THR D 198 -3.99 -21.57 14.55
N THR D 199 -4.30 -20.29 14.41
CA THR D 199 -5.29 -19.85 13.43
C THR D 199 -4.73 -18.75 12.53
N ALA D 200 -5.20 -18.75 11.28
CA ALA D 200 -4.71 -17.80 10.27
C ALA D 200 -5.11 -16.37 10.58
N SER D 201 -6.09 -16.20 11.46
CA SER D 201 -6.60 -14.88 11.79
C SER D 201 -7.33 -14.90 13.14
N ASN D 202 -7.59 -13.73 13.69
CA ASN D 202 -8.38 -13.65 14.91
C ASN D 202 -9.85 -13.89 14.62
N ALA D 203 -10.70 -13.60 15.59
CA ALA D 203 -12.13 -13.90 15.47
C ALA D 203 -12.90 -12.82 14.73
N GLU D 204 -12.16 -11.89 14.11
CA GLU D 204 -12.79 -10.70 13.55
C GLU D 204 -12.28 -10.38 12.14
N GLU D 205 -11.06 -10.77 11.84
CA GLU D 205 -10.45 -10.44 10.54
C GLU D 205 -10.46 -11.64 9.60
N SER D 206 -9.80 -11.48 8.46
CA SER D 206 -9.98 -12.40 7.34
C SER D 206 -8.79 -13.29 7.04
N SER D 207 -9.04 -14.39 6.34
CA SER D 207 -8.01 -15.26 5.80
C SER D 207 -7.72 -14.84 4.36
N TRP D 208 -6.59 -15.28 3.83
CA TRP D 208 -6.14 -14.81 2.52
C TRP D 208 -5.79 -15.93 1.56
N GLY D 209 -6.33 -15.85 0.35
CA GLY D 209 -5.89 -16.70 -0.73
C GLY D 209 -4.64 -16.09 -1.34
N THR D 210 -3.76 -16.93 -1.87
CA THR D 210 -2.53 -16.44 -2.47
C THR D 210 -2.29 -17.11 -3.81
N TYR D 211 -1.33 -16.58 -4.57
CA TYR D 211 -1.05 -17.05 -5.93
C TYR D 211 -2.31 -16.95 -6.80
N CYS D 212 -2.93 -15.78 -6.81
CA CYS D 212 -4.14 -15.54 -7.58
C CYS D 212 -3.81 -14.84 -8.90
N PRO D 213 -4.72 -14.91 -9.89
CA PRO D 213 -4.47 -14.31 -11.21
C PRO D 213 -4.26 -12.79 -11.17
N GLY D 214 -5.27 -12.05 -10.73
CA GLY D 214 -5.20 -10.60 -10.71
C GLY D 214 -4.10 -10.06 -9.82
N GLU D 215 -3.66 -10.88 -8.88
CA GLU D 215 -2.61 -10.50 -7.93
C GLU D 215 -1.26 -10.33 -8.61
N GLU D 216 -0.73 -9.12 -8.49
CA GLU D 216 0.57 -8.77 -9.06
C GLU D 216 1.72 -9.67 -8.57
N PRO D 217 1.83 -9.91 -7.24
CA PRO D 217 2.99 -10.70 -6.79
C PRO D 217 2.89 -12.19 -7.09
N SER D 218 3.71 -12.66 -8.02
CA SER D 218 3.79 -14.08 -8.37
C SER D 218 2.42 -14.68 -8.73
N PRO D 219 1.88 -14.31 -9.90
CA PRO D 219 0.62 -14.89 -10.35
C PRO D 219 0.81 -16.31 -10.87
N PRO D 220 -0.29 -17.06 -11.04
CA PRO D 220 -0.20 -18.32 -11.77
C PRO D 220 -0.07 -18.01 -13.26
N PRO D 221 0.56 -18.90 -14.04
CA PRO D 221 0.87 -18.57 -15.42
C PRO D 221 -0.37 -18.40 -16.31
N GLU D 222 -1.27 -19.37 -16.27
CA GLU D 222 -2.47 -19.30 -17.10
C GLU D 222 -3.74 -19.66 -16.32
N TYR D 223 -3.56 -20.14 -15.09
CA TYR D 223 -4.69 -20.52 -14.24
C TYR D 223 -5.59 -19.33 -13.92
N GLU D 224 -6.88 -19.58 -13.90
CA GLU D 224 -7.86 -18.54 -13.62
C GLU D 224 -8.44 -18.69 -12.22
N THR D 225 -7.60 -19.14 -11.29
CA THR D 225 -7.99 -19.32 -9.90
C THR D 225 -6.78 -19.32 -8.98
N CYS D 226 -7.01 -19.10 -7.69
CA CYS D 226 -5.93 -19.09 -6.72
C CYS D 226 -5.36 -20.50 -6.52
N LEU D 227 -4.05 -20.59 -6.34
CA LEU D 227 -3.38 -21.88 -6.22
C LEU D 227 -3.29 -22.35 -4.78
N GLY D 228 -3.27 -21.40 -3.85
CA GLY D 228 -3.15 -21.73 -2.44
C GLY D 228 -3.64 -20.62 -1.51
N ASP D 229 -3.33 -20.76 -0.23
CA ASP D 229 -3.71 -19.79 0.77
C ASP D 229 -2.50 -19.40 1.63
N LEU D 230 -2.44 -18.13 2.00
CA LEU D 230 -1.25 -17.55 2.61
C LEU D 230 -0.76 -18.32 3.83
N TYR D 231 -1.59 -18.39 4.86
CA TYR D 231 -1.24 -19.09 6.10
C TYR D 231 -0.87 -20.54 5.84
N SER D 232 -1.60 -21.18 4.94
CA SER D 232 -1.36 -22.59 4.61
C SER D 232 -0.02 -22.74 3.90
N VAL D 233 0.13 -22.02 2.78
CA VAL D 233 1.36 -22.01 2.00
C VAL D 233 2.56 -21.64 2.88
N ALA D 234 2.33 -20.75 3.84
CA ALA D 234 3.40 -20.26 4.70
C ALA D 234 4.04 -21.38 5.52
N TRP D 235 3.22 -22.08 6.31
CA TRP D 235 3.75 -23.10 7.21
C TRP D 235 4.22 -24.34 6.45
N MET D 236 3.62 -24.58 5.28
CA MET D 236 3.99 -25.74 4.48
C MET D 236 5.32 -25.53 3.77
N GLU D 237 5.52 -24.35 3.22
CA GLU D 237 6.78 -24.02 2.54
C GLU D 237 7.90 -23.88 3.57
N ASP D 238 7.55 -23.40 4.75
CA ASP D 238 8.53 -23.27 5.84
C ASP D 238 8.99 -24.65 6.30
N SER D 239 8.04 -25.56 6.48
CA SER D 239 8.34 -26.92 6.91
C SER D 239 9.02 -27.73 5.81
N GLY D 240 8.89 -27.27 4.57
CA GLY D 240 9.41 -28.00 3.43
C GLY D 240 10.90 -27.82 3.20
N MET D 241 11.46 -26.75 3.76
CA MET D 241 12.85 -26.39 3.49
C MET D 241 13.76 -26.57 4.70
N HIS D 242 13.18 -26.85 5.86
CA HIS D 242 13.94 -26.98 7.10
C HIS D 242 14.01 -28.41 7.63
N ASN D 243 14.92 -28.63 8.56
CA ASN D 243 14.95 -29.87 9.34
C ASN D 243 14.05 -29.68 10.55
N LEU D 244 12.96 -30.45 10.61
CA LEU D 244 11.92 -30.23 11.60
C LEU D 244 12.30 -30.77 12.99
N GLN D 245 13.55 -31.21 13.13
CA GLN D 245 14.10 -31.56 14.43
C GLN D 245 14.75 -30.33 15.06
N THR D 246 15.08 -29.36 14.22
CA THR D 246 15.69 -28.11 14.67
C THR D 246 14.63 -27.10 15.11
N GLU D 247 13.61 -26.93 14.28
CA GLU D 247 12.59 -25.91 14.50
C GLU D 247 11.46 -26.43 15.40
N THR D 248 10.93 -25.55 16.23
CA THR D 248 9.83 -25.89 17.12
C THR D 248 8.53 -25.22 16.68
N LEU D 249 7.44 -25.61 17.31
CA LEU D 249 6.11 -25.09 16.97
C LEU D 249 6.02 -23.58 17.18
N HIS D 250 6.62 -23.09 18.26
CA HIS D 250 6.59 -21.67 18.57
C HIS D 250 7.32 -20.86 17.51
N GLN D 251 8.44 -21.38 17.03
CA GLN D 251 9.25 -20.69 16.03
C GLN D 251 8.54 -20.61 14.69
N GLN D 252 7.80 -21.66 14.34
CA GLN D 252 7.02 -21.65 13.11
C GLN D 252 5.83 -20.70 13.26
N TYR D 253 5.20 -20.72 14.43
CA TYR D 253 4.08 -19.83 14.72
C TYR D 253 4.49 -18.38 14.57
N GLU D 254 5.66 -18.04 15.07
CA GLU D 254 6.17 -16.67 14.98
C GLU D 254 6.56 -16.33 13.54
N LEU D 255 7.04 -17.32 12.82
CA LEU D 255 7.45 -17.11 11.43
C LEU D 255 6.24 -16.94 10.52
N VAL D 256 5.20 -17.73 10.78
CA VAL D 256 3.97 -17.66 9.99
C VAL D 256 3.19 -16.40 10.38
N LYS D 257 3.26 -16.01 11.65
CA LYS D 257 2.65 -14.77 12.10
C LYS D 257 3.23 -13.62 11.31
N ARG D 258 4.55 -13.60 11.19
CA ARG D 258 5.28 -12.52 10.52
C ARG D 258 4.96 -12.47 9.03
N ARG D 259 4.92 -13.63 8.38
CA ARG D 259 4.65 -13.69 6.95
C ARG D 259 3.21 -13.31 6.64
N THR D 260 2.31 -13.53 7.59
CA THR D 260 0.89 -13.25 7.42
C THR D 260 0.54 -11.83 7.89
N ALA D 261 1.31 -11.32 8.84
CA ALA D 261 1.03 -10.05 9.52
C ALA D 261 0.96 -8.87 8.57
N PRO D 262 0.30 -7.78 8.99
CA PRO D 262 0.26 -6.59 8.13
C PRO D 262 1.61 -5.94 7.83
N VAL D 263 1.76 -5.47 6.59
CA VAL D 263 2.96 -4.72 6.21
C VAL D 263 2.82 -3.28 6.66
N GLY D 264 3.74 -2.45 6.21
CA GLY D 264 3.73 -1.02 6.52
C GLY D 264 2.48 -0.34 6.02
N TYR D 265 1.62 0.06 6.95
CA TYR D 265 0.44 0.83 6.61
C TYR D 265 -0.49 -0.01 5.69
N SER D 266 -0.89 -1.19 6.16
CA SER D 266 -1.85 -2.02 5.44
C SER D 266 -2.47 -3.00 6.42
N TYR D 267 -3.30 -3.92 5.93
CA TYR D 267 -3.88 -4.92 6.82
C TYR D 267 -3.69 -6.34 6.26
N GLY D 268 -3.57 -7.29 7.18
CA GLY D 268 -3.42 -8.69 6.83
C GLY D 268 -4.19 -9.51 7.84
N SER D 269 -3.48 -10.23 8.71
CA SER D 269 -4.12 -11.00 9.75
C SER D 269 -3.18 -11.32 10.92
N HIS D 270 -3.73 -11.28 12.13
CA HIS D 270 -3.00 -11.72 13.31
C HIS D 270 -3.10 -13.23 13.46
N VAL D 271 -1.98 -13.93 13.31
CA VAL D 271 -1.98 -15.36 13.55
C VAL D 271 -2.05 -15.64 15.05
N MET D 272 -3.16 -16.25 15.47
CA MET D 272 -3.40 -16.48 16.89
C MET D 272 -3.00 -17.90 17.31
N GLN D 273 -2.88 -18.09 18.61
CA GLN D 273 -2.56 -19.40 19.18
C GLN D 273 -3.43 -19.67 20.39
N TYR D 274 -3.87 -20.92 20.55
CA TYR D 274 -4.80 -21.26 21.61
C TYR D 274 -4.43 -22.57 22.30
N GLY D 275 -5.05 -22.83 23.45
CA GLY D 275 -4.85 -24.08 24.17
C GLY D 275 -3.63 -24.09 25.04
N ASP D 276 -2.98 -25.25 25.13
CA ASP D 276 -1.78 -25.40 25.92
C ASP D 276 -0.57 -24.91 25.13
N VAL D 277 -0.15 -23.69 25.44
CA VAL D 277 0.97 -23.05 24.76
C VAL D 277 2.26 -23.82 25.06
N GLY D 278 2.28 -24.54 26.17
CA GLY D 278 3.43 -25.33 26.57
C GLY D 278 3.83 -26.35 25.52
N ILE D 279 2.84 -26.85 24.79
CA ILE D 279 3.06 -27.82 23.73
C ILE D 279 3.90 -27.21 22.59
N SER D 280 3.84 -25.89 22.46
CA SER D 280 4.52 -25.20 21.36
C SER D 280 6.05 -25.28 21.46
N LYS D 281 6.54 -25.84 22.54
CA LYS D 281 7.98 -26.04 22.71
C LYS D 281 8.44 -27.34 22.08
N ASP D 282 7.49 -28.19 21.71
CA ASP D 282 7.80 -29.45 21.04
C ASP D 282 8.31 -29.19 19.63
N ASN D 283 9.29 -29.98 19.20
CA ASN D 283 9.80 -29.88 17.83
C ASN D 283 8.73 -30.31 16.83
N LEU D 284 8.88 -29.85 15.59
CA LEU D 284 7.89 -30.12 14.55
C LEU D 284 7.86 -31.58 14.12
N ASP D 285 9.00 -32.26 14.20
CA ASP D 285 9.12 -33.63 13.72
C ASP D 285 8.28 -34.60 14.56
N LEU D 286 7.94 -34.18 15.79
CA LEU D 286 7.09 -34.98 16.65
C LEU D 286 5.69 -35.13 16.05
N TYR D 287 5.37 -34.27 15.09
CA TYR D 287 4.05 -34.29 14.46
C TYR D 287 4.17 -34.47 12.95
N MET D 288 5.20 -33.86 12.36
CA MET D 288 5.33 -33.81 10.91
C MET D 288 6.46 -34.72 10.39
N GLY D 289 7.30 -35.20 11.28
CA GLY D 289 8.48 -35.93 10.87
C GLY D 289 9.45 -34.97 10.23
N THR D 290 10.39 -35.48 9.42
CA THR D 290 11.33 -34.62 8.72
C THR D 290 11.87 -35.27 7.43
N ASN D 291 12.13 -34.43 6.41
CA ASN D 291 12.74 -34.80 5.11
C ASN D 291 14.21 -35.09 5.39
N PRO D 292 14.85 -35.99 4.61
CA PRO D 292 16.26 -36.27 4.94
C PRO D 292 17.19 -35.05 4.70
N ALA D 293 16.78 -34.06 3.90
CA ALA D 293 17.59 -32.85 3.76
C ALA D 293 17.59 -32.06 5.07
N ASN D 294 18.75 -32.03 5.73
CA ASN D 294 18.88 -31.41 7.04
C ASN D 294 19.41 -29.98 6.97
N ASP D 295 18.51 -29.03 7.18
CA ASP D 295 18.87 -27.61 7.24
C ASP D 295 18.39 -27.01 8.56
N ASN D 296 19.20 -26.12 9.13
CA ASN D 296 18.91 -25.56 10.45
C ASN D 296 18.09 -24.27 10.40
N PHE D 297 17.75 -23.78 11.59
CA PHE D 297 16.96 -22.56 11.72
C PHE D 297 17.56 -21.62 12.78
N SER D 309 1.15 -11.96 -1.18
CA SER D 309 0.05 -11.43 -1.99
C SER D 309 -0.79 -10.43 -1.22
N ARG D 310 -1.57 -10.95 -0.27
CA ARG D 310 -2.39 -10.19 0.66
C ARG D 310 -3.17 -9.02 0.07
N VAL D 311 -3.89 -9.27 -1.02
CA VAL D 311 -4.86 -8.32 -1.55
C VAL D 311 -6.19 -8.99 -1.88
N THR D 312 -6.29 -10.30 -1.62
CA THR D 312 -7.50 -11.05 -1.92
C THR D 312 -7.89 -11.98 -0.78
N ASN D 313 -9.02 -11.68 -0.14
CA ASN D 313 -9.52 -12.53 0.93
C ASN D 313 -10.34 -13.69 0.39
N GLN D 314 -10.64 -14.66 1.25
CA GLN D 314 -11.30 -15.90 0.85
C GLN D 314 -12.59 -15.69 0.06
N ARG D 315 -13.40 -14.71 0.46
CA ARG D 315 -14.71 -14.50 -0.13
C ARG D 315 -14.64 -13.86 -1.51
N ASP D 316 -13.69 -12.96 -1.71
CA ASP D 316 -13.51 -12.34 -3.03
C ASP D 316 -12.76 -13.27 -3.98
N ALA D 317 -12.01 -14.20 -3.41
CA ALA D 317 -11.26 -15.17 -4.21
C ALA D 317 -12.20 -16.02 -5.07
N ASP D 318 -13.44 -16.17 -4.61
CA ASP D 318 -14.45 -16.85 -5.40
C ASP D 318 -14.77 -16.03 -6.65
N LEU D 319 -14.85 -14.72 -6.47
CA LEU D 319 -15.27 -13.82 -7.53
C LEU D 319 -14.18 -13.56 -8.57
N VAL D 320 -12.93 -13.50 -8.14
CA VAL D 320 -11.83 -13.20 -9.05
C VAL D 320 -11.69 -14.28 -10.12
N HIS D 321 -12.09 -15.51 -9.78
CA HIS D 321 -12.12 -16.58 -10.76
C HIS D 321 -13.13 -16.27 -11.85
N PHE D 322 -14.35 -15.97 -11.44
CA PHE D 322 -15.42 -15.64 -12.37
C PHE D 322 -15.07 -14.42 -13.22
N TRP D 323 -14.45 -13.44 -12.58
CA TRP D 323 -14.08 -12.20 -13.27
C TRP D 323 -12.97 -12.44 -14.29
N GLU D 324 -11.91 -13.13 -13.86
CA GLU D 324 -10.79 -13.44 -14.74
C GLU D 324 -11.24 -14.34 -15.88
N LYS D 325 -12.17 -15.24 -15.57
CA LYS D 325 -12.74 -16.14 -16.57
C LYS D 325 -13.49 -15.35 -17.63
N TYR D 326 -14.25 -14.35 -17.19
CA TYR D 326 -15.02 -13.51 -18.09
C TYR D 326 -14.14 -12.65 -18.98
N ARG D 327 -13.10 -12.06 -18.37
CA ARG D 327 -12.23 -11.13 -19.08
C ARG D 327 -11.42 -11.79 -20.20
N LYS D 328 -10.85 -12.96 -19.91
CA LYS D 328 -9.99 -13.65 -20.86
C LYS D 328 -10.77 -14.41 -21.93
N ALA D 329 -12.08 -14.56 -21.71
CA ALA D 329 -12.94 -15.27 -22.65
C ALA D 329 -13.10 -14.49 -23.95
N PRO D 330 -13.32 -15.20 -25.07
CA PRO D 330 -13.59 -14.54 -26.36
C PRO D 330 -14.83 -13.64 -26.28
N GLU D 331 -14.78 -12.51 -27.00
CA GLU D 331 -15.77 -11.45 -26.84
C GLU D 331 -17.20 -11.86 -27.22
N GLY D 332 -17.33 -12.96 -27.96
CA GLY D 332 -18.64 -13.39 -28.42
C GLY D 332 -18.99 -14.82 -28.03
N SER D 333 -18.07 -15.47 -27.32
CA SER D 333 -18.24 -16.88 -26.95
C SER D 333 -19.37 -17.08 -25.94
N ALA D 334 -19.84 -18.31 -25.84
CA ALA D 334 -20.82 -18.68 -24.83
C ALA D 334 -20.16 -18.80 -23.46
N ARG D 335 -18.83 -18.93 -23.48
CA ARG D 335 -18.06 -19.01 -22.25
C ARG D 335 -18.06 -17.68 -21.51
N LYS D 336 -17.94 -16.59 -22.26
CA LYS D 336 -17.95 -15.25 -21.68
C LYS D 336 -19.33 -14.95 -21.09
N THR D 337 -20.36 -15.42 -21.78
CA THR D 337 -21.74 -15.25 -21.36
C THR D 337 -21.95 -16.08 -20.09
N GLU D 338 -21.43 -17.30 -20.10
CA GLU D 338 -21.53 -18.18 -18.94
C GLU D 338 -20.83 -17.54 -17.74
N ALA D 339 -19.63 -17.03 -17.96
CA ALA D 339 -18.87 -16.34 -16.91
C ALA D 339 -19.63 -15.11 -16.37
N GLN D 340 -20.19 -14.33 -17.29
CA GLN D 340 -20.95 -13.13 -16.95
C GLN D 340 -22.15 -13.46 -16.08
N LYS D 341 -22.80 -14.58 -16.36
CA LYS D 341 -23.93 -15.03 -15.57
C LYS D 341 -23.49 -15.48 -14.18
N GLN D 342 -22.30 -16.07 -14.11
CA GLN D 342 -21.74 -16.51 -12.84
C GLN D 342 -21.47 -15.32 -11.93
N VAL D 343 -20.81 -14.30 -12.47
CA VAL D 343 -20.52 -13.08 -11.71
C VAL D 343 -21.80 -12.43 -11.23
N LEU D 344 -22.80 -12.43 -12.10
CA LEU D 344 -24.10 -11.84 -11.79
C LEU D 344 -24.77 -12.52 -10.62
N GLU D 345 -24.95 -13.83 -10.73
CA GLU D 345 -25.65 -14.60 -9.71
C GLU D 345 -24.87 -14.62 -8.39
N ALA D 346 -23.55 -14.56 -8.49
CA ALA D 346 -22.70 -14.56 -7.30
C ALA D 346 -22.90 -13.29 -6.50
N MET D 347 -22.64 -12.15 -7.13
CA MET D 347 -22.78 -10.85 -6.46
C MET D 347 -24.23 -10.56 -6.10
N SER D 348 -25.17 -10.98 -6.95
CA SER D 348 -26.58 -10.78 -6.68
C SER D 348 -26.99 -11.54 -5.42
N HIS D 349 -26.44 -12.73 -5.26
CA HIS D 349 -26.71 -13.55 -4.09
C HIS D 349 -26.20 -12.86 -2.82
N ARG D 350 -24.93 -12.49 -2.81
CA ARG D 350 -24.32 -11.92 -1.62
C ARG D 350 -24.88 -10.53 -1.32
N LEU D 351 -25.36 -9.83 -2.35
CA LEU D 351 -26.03 -8.56 -2.14
C LEU D 351 -27.35 -8.78 -1.43
N HIS D 352 -28.06 -9.84 -1.84
CA HIS D 352 -29.32 -10.21 -1.23
C HIS D 352 -29.12 -10.62 0.23
N ILE D 353 -28.08 -11.41 0.48
CA ILE D 353 -27.76 -11.85 1.83
C ILE D 353 -27.46 -10.66 2.73
N ASP D 354 -26.56 -9.80 2.29
CA ASP D 354 -26.14 -8.63 3.07
C ASP D 354 -27.34 -7.78 3.45
N ASN D 355 -28.22 -7.51 2.49
CA ASN D 355 -29.42 -6.73 2.75
C ASN D 355 -30.39 -7.45 3.67
N SER D 356 -30.52 -8.77 3.47
CA SER D 356 -31.45 -9.57 4.27
C SER D 356 -31.07 -9.56 5.75
N VAL D 357 -29.81 -9.81 6.04
CA VAL D 357 -29.35 -9.86 7.42
C VAL D 357 -29.53 -8.50 8.11
N ILE D 358 -29.09 -7.44 7.46
CA ILE D 358 -29.24 -6.09 7.99
C ILE D 358 -30.72 -5.76 8.23
N LEU D 359 -31.55 -6.08 7.24
CA LEU D 359 -32.97 -5.77 7.31
C LEU D 359 -33.65 -6.53 8.45
N VAL D 360 -33.31 -7.80 8.61
CA VAL D 360 -33.85 -8.61 9.70
C VAL D 360 -33.51 -8.00 11.05
N GLY D 361 -32.26 -7.57 11.21
CA GLY D 361 -31.80 -6.95 12.43
C GLY D 361 -32.62 -5.72 12.78
N LYS D 362 -32.90 -4.91 11.77
CA LYS D 362 -33.69 -3.69 11.97
C LYS D 362 -35.14 -4.02 12.25
N ILE D 363 -35.61 -5.15 11.73
CA ILE D 363 -36.97 -5.60 12.02
C ILE D 363 -37.08 -6.04 13.47
N LEU D 364 -36.03 -6.67 13.98
CA LEU D 364 -36.04 -7.21 15.33
C LEU D 364 -35.83 -6.14 16.39
N PHE D 365 -34.79 -5.31 16.22
CA PHE D 365 -34.38 -4.39 17.27
C PHE D 365 -34.64 -2.92 16.94
N GLY D 366 -35.02 -2.64 15.70
CA GLY D 366 -35.23 -1.26 15.26
C GLY D 366 -34.03 -0.75 14.49
N ILE D 367 -34.20 0.36 13.78
CA ILE D 367 -33.14 0.91 12.92
C ILE D 367 -31.88 1.24 13.71
N SER D 368 -32.08 1.81 14.89
CA SER D 368 -30.96 2.24 15.73
C SER D 368 -30.25 1.05 16.35
N ARG D 369 -31.00 0.22 17.08
CA ARG D 369 -30.42 -0.90 17.80
C ARG D 369 -30.10 -2.10 16.90
N GLY D 370 -30.62 -2.10 15.68
CA GLY D 370 -30.42 -3.20 14.76
C GLY D 370 -28.96 -3.49 14.49
N PRO D 371 -28.31 -2.63 13.69
CA PRO D 371 -26.88 -2.73 13.40
C PRO D 371 -26.01 -2.80 14.65
N GLU D 372 -26.42 -2.12 15.72
CA GLU D 372 -25.65 -2.13 16.96
C GLU D 372 -25.49 -3.54 17.52
N VAL D 373 -26.59 -4.24 17.70
CA VAL D 373 -26.58 -5.57 18.27
C VAL D 373 -25.84 -6.55 17.36
N LEU D 374 -26.14 -6.51 16.07
CA LEU D 374 -25.59 -7.47 15.12
C LEU D 374 -24.07 -7.33 14.96
N ASN D 375 -23.61 -6.09 14.93
CA ASN D 375 -22.21 -5.81 14.65
C ASN D 375 -21.33 -5.74 15.91
N LYS D 376 -21.94 -5.93 17.07
CA LYS D 376 -21.19 -5.89 18.31
C LYS D 376 -20.29 -7.10 18.44
N VAL D 377 -18.99 -6.84 18.60
CA VAL D 377 -18.01 -7.91 18.75
C VAL D 377 -17.63 -8.07 20.22
N ARG D 378 -17.87 -9.26 20.76
CA ARG D 378 -17.52 -9.54 22.15
C ARG D 378 -16.01 -9.46 22.33
N SER D 379 -15.59 -9.12 23.56
CA SER D 379 -14.17 -9.02 23.89
C SER D 379 -13.46 -10.34 23.66
N ALA D 380 -12.17 -10.27 23.34
CA ALA D 380 -11.37 -11.45 23.07
C ALA D 380 -11.38 -12.41 24.25
N GLY D 381 -11.42 -13.70 23.96
CA GLY D 381 -11.46 -14.73 24.98
C GLY D 381 -12.87 -15.22 25.25
N GLN D 382 -13.86 -14.38 24.93
CA GLN D 382 -15.26 -14.73 25.09
C GLN D 382 -15.74 -15.62 23.96
N PRO D 383 -16.72 -16.49 24.23
CA PRO D 383 -17.30 -17.31 23.16
C PRO D 383 -18.19 -16.47 22.23
N LEU D 384 -18.45 -16.98 21.04
CA LEU D 384 -19.26 -16.24 20.08
C LEU D 384 -20.71 -16.14 20.53
N VAL D 385 -21.26 -17.27 20.97
CA VAL D 385 -22.65 -17.33 21.40
C VAL D 385 -22.78 -18.23 22.63
N ASP D 386 -23.77 -17.95 23.47
CA ASP D 386 -24.01 -18.74 24.67
C ASP D 386 -24.82 -19.99 24.35
N ASP D 387 -25.84 -19.82 23.51
CA ASP D 387 -26.67 -20.93 23.08
C ASP D 387 -26.38 -21.26 21.62
N TRP D 388 -25.68 -22.36 21.38
CA TRP D 388 -25.31 -22.75 20.03
C TRP D 388 -26.47 -23.41 19.30
N ASN D 389 -27.36 -24.04 20.05
CA ASN D 389 -28.57 -24.62 19.46
C ASN D 389 -29.49 -23.52 18.96
N CYS D 390 -29.51 -22.40 19.68
CA CYS D 390 -30.24 -21.22 19.23
C CYS D 390 -29.65 -20.71 17.94
N LEU D 391 -28.32 -20.71 17.86
CA LEU D 391 -27.61 -20.27 16.66
C LEU D 391 -28.02 -21.10 15.47
N LYS D 392 -27.89 -22.42 15.60
CA LYS D 392 -28.24 -23.34 14.53
C LYS D 392 -29.68 -23.18 14.09
N ASN D 393 -30.59 -23.08 15.05
CA ASN D 393 -32.01 -22.96 14.76
C ASN D 393 -32.36 -21.68 14.02
N GLN D 394 -31.83 -20.55 14.49
CA GLN D 394 -32.14 -19.26 13.89
C GLN D 394 -31.50 -19.12 12.51
N VAL D 395 -30.40 -19.84 12.29
CA VAL D 395 -29.81 -19.90 10.96
C VAL D 395 -30.75 -20.66 10.04
N ARG D 396 -31.32 -21.75 10.55
CA ARG D 396 -32.28 -22.54 9.79
C ARG D 396 -33.51 -21.72 9.43
N ALA D 397 -34.04 -21.00 10.41
CA ALA D 397 -35.22 -20.17 10.23
C ALA D 397 -34.97 -19.06 9.21
N PHE D 398 -33.76 -18.53 9.22
CA PHE D 398 -33.36 -17.50 8.27
C PHE D 398 -33.35 -18.05 6.85
N GLU D 399 -32.77 -19.23 6.69
CA GLU D 399 -32.63 -19.84 5.37
C GLU D 399 -33.96 -20.30 4.80
N ARG D 400 -34.90 -20.65 5.67
CA ARG D 400 -36.21 -21.13 5.25
C ARG D 400 -37.00 -20.06 4.49
N HIS D 401 -36.55 -18.81 4.56
CA HIS D 401 -37.27 -17.72 3.95
C HIS D 401 -36.38 -16.86 3.05
N CYS D 402 -35.11 -16.72 3.43
CA CYS D 402 -34.17 -15.89 2.67
C CYS D 402 -33.23 -16.70 1.80
N GLY D 403 -33.36 -18.02 1.87
CA GLY D 403 -32.51 -18.91 1.09
C GLY D 403 -31.20 -19.19 1.80
N SER D 404 -30.44 -20.14 1.28
CA SER D 404 -29.18 -20.56 1.89
C SER D 404 -28.18 -19.42 1.99
N LEU D 405 -27.37 -19.43 3.04
CA LEU D 405 -26.30 -18.45 3.21
C LEU D 405 -25.16 -18.72 2.23
N SER D 406 -24.98 -19.99 1.87
CA SER D 406 -23.82 -20.45 1.12
C SER D 406 -22.55 -20.20 1.93
N GLN D 407 -21.40 -20.55 1.38
CA GLN D 407 -20.15 -20.42 2.12
C GLN D 407 -19.70 -18.96 2.23
N TYR D 408 -20.45 -18.06 1.61
CA TYR D 408 -20.23 -16.64 1.79
C TYR D 408 -21.05 -16.10 2.97
N GLY D 409 -22.33 -16.44 2.97
CA GLY D 409 -23.28 -15.89 3.93
C GLY D 409 -22.97 -16.16 5.38
N ILE D 410 -22.11 -17.14 5.62
CA ILE D 410 -21.72 -17.50 6.98
C ILE D 410 -20.88 -16.39 7.63
N LYS D 411 -20.52 -15.39 6.85
CA LYS D 411 -19.82 -14.21 7.37
C LYS D 411 -20.68 -13.49 8.41
N HIS D 412 -22.00 -13.61 8.25
CA HIS D 412 -22.94 -12.94 9.12
C HIS D 412 -23.30 -13.78 10.34
N MET D 413 -22.46 -14.76 10.66
CA MET D 413 -22.79 -15.71 11.71
C MET D 413 -22.77 -15.04 13.09
N ARG D 414 -21.92 -14.02 13.26
CA ARG D 414 -21.86 -13.30 14.51
C ARG D 414 -23.15 -12.51 14.73
N SER D 415 -23.73 -12.05 13.62
CA SER D 415 -25.00 -11.34 13.68
C SER D 415 -26.08 -12.25 14.27
N PHE D 416 -26.13 -13.48 13.78
CA PHE D 416 -27.07 -14.47 14.29
C PHE D 416 -26.76 -14.79 15.75
N ALA D 417 -25.47 -14.84 16.07
CA ALA D 417 -25.03 -15.13 17.43
C ALA D 417 -25.49 -14.05 18.40
N ASN D 418 -25.35 -12.79 17.99
CA ASN D 418 -25.75 -11.67 18.82
C ASN D 418 -27.26 -11.57 18.96
N ILE D 419 -27.98 -12.03 17.95
CA ILE D 419 -29.44 -12.08 18.02
C ILE D 419 -29.86 -13.09 19.09
N CYS D 420 -29.14 -14.20 19.14
CA CYS D 420 -29.41 -15.24 20.13
C CYS D 420 -29.04 -14.77 21.53
N ASN D 421 -27.89 -14.13 21.66
CA ASN D 421 -27.45 -13.57 22.94
C ASN D 421 -28.40 -12.50 23.45
N ALA D 422 -29.14 -11.89 22.53
CA ALA D 422 -30.09 -10.85 22.88
C ALA D 422 -31.40 -11.44 23.38
N GLY D 423 -31.49 -12.77 23.40
CA GLY D 423 -32.64 -13.46 23.94
C GLY D 423 -33.78 -13.64 22.96
N ILE D 424 -33.50 -13.40 21.69
CA ILE D 424 -34.52 -13.54 20.63
C ILE D 424 -34.92 -15.00 20.47
N GLN D 425 -36.20 -15.23 20.19
CA GLN D 425 -36.72 -16.58 20.02
C GLN D 425 -36.80 -16.96 18.54
N MET D 426 -36.82 -18.26 18.27
CA MET D 426 -36.81 -18.78 16.92
C MET D 426 -38.02 -18.32 16.11
N GLU D 427 -39.15 -18.11 16.79
CA GLU D 427 -40.38 -17.70 16.13
C GLU D 427 -40.28 -16.25 15.64
N GLN D 428 -39.61 -15.41 16.42
CA GLN D 428 -39.42 -14.01 16.05
C GLN D 428 -38.55 -13.91 14.81
N MET D 429 -37.54 -14.78 14.74
CA MET D 429 -36.67 -14.84 13.57
C MET D 429 -37.44 -15.37 12.37
N GLU D 430 -38.32 -16.32 12.62
CA GLU D 430 -39.15 -16.92 11.57
C GLU D 430 -40.04 -15.85 10.92
N GLU D 431 -40.68 -15.03 11.75
CA GLU D 431 -41.54 -13.96 11.26
C GLU D 431 -40.74 -12.89 10.55
N ALA D 432 -39.62 -12.50 11.15
CA ALA D 432 -38.77 -11.45 10.59
C ALA D 432 -38.18 -11.87 9.25
N ALA D 433 -37.89 -13.16 9.10
CA ALA D 433 -37.31 -13.68 7.88
C ALA D 433 -38.30 -13.61 6.71
N SER D 434 -39.54 -13.99 6.96
CA SER D 434 -40.58 -13.94 5.94
C SER D 434 -40.91 -12.50 5.55
N GLN D 435 -40.88 -11.62 6.55
CA GLN D 435 -41.18 -10.21 6.33
C GLN D 435 -40.08 -9.58 5.48
N ALA D 436 -38.83 -9.95 5.76
CA ALA D 436 -37.70 -9.41 5.03
C ALA D 436 -37.60 -10.03 3.64
N CYS D 437 -37.83 -11.34 3.57
CA CYS D 437 -37.77 -12.07 2.32
C CYS D 437 -39.13 -12.63 1.96
N THR D 438 -39.91 -11.85 1.21
CA THR D 438 -41.27 -12.23 0.84
C THR D 438 -41.30 -13.52 0.04
N THR D 439 -40.37 -13.65 -0.91
CA THR D 439 -40.30 -14.83 -1.76
C THR D 439 -38.90 -15.43 -1.71
N LEU D 440 -38.81 -16.75 -1.83
CA LEU D 440 -37.52 -17.43 -1.85
C LEU D 440 -36.74 -17.05 -3.11
N PRO D 441 -35.51 -16.54 -2.93
CA PRO D 441 -34.73 -16.10 -4.09
C PRO D 441 -34.22 -17.27 -4.93
N THR D 442 -34.41 -17.16 -6.24
CA THR D 442 -33.96 -18.20 -7.16
C THR D 442 -32.50 -17.98 -7.55
N GLY D 443 -31.67 -19.00 -7.29
CA GLY D 443 -30.26 -18.93 -7.63
C GLY D 443 -29.55 -20.19 -7.17
N PRO D 444 -28.40 -20.51 -7.78
CA PRO D 444 -27.64 -21.70 -7.43
C PRO D 444 -27.05 -21.61 -6.02
N TRP D 445 -26.90 -20.39 -5.51
CA TRP D 445 -26.31 -20.17 -4.19
C TRP D 445 -27.38 -20.12 -3.10
N SER D 446 -28.63 -19.85 -3.51
CA SER D 446 -29.73 -19.70 -2.56
C SER D 446 -30.55 -20.99 -2.41
N SER D 447 -30.04 -22.09 -2.95
CA SER D 447 -30.78 -23.35 -2.96
C SER D 447 -30.72 -24.07 -1.62
N LEU D 448 -31.86 -24.63 -1.20
CA LEU D 448 -31.94 -25.40 0.03
C LEU D 448 -31.97 -26.91 -0.25
N ASN D 449 -31.75 -27.27 -1.51
CA ASN D 449 -31.86 -28.67 -1.94
C ASN D 449 -30.86 -29.59 -1.25
N ARG D 450 -29.70 -29.05 -0.89
CA ARG D 450 -28.67 -29.85 -0.24
C ARG D 450 -28.72 -29.74 1.28
N GLY D 451 -29.65 -28.93 1.78
CA GLY D 451 -29.86 -28.81 3.21
C GLY D 451 -29.55 -27.45 3.78
N PHE D 452 -29.88 -27.26 5.06
CA PHE D 452 -29.60 -26.01 5.75
C PHE D 452 -28.13 -25.92 6.14
N SER D 453 -27.62 -24.69 6.24
CA SER D 453 -26.24 -24.47 6.65
C SER D 453 -26.03 -24.80 8.12
N ALA D 454 -27.13 -25.06 8.82
CA ALA D 454 -27.08 -25.42 10.23
C ALA D 454 -27.75 -26.77 10.49
#